data_3RTY
#
_entry.id   3RTY
#
_cell.length_a   60.414
_cell.length_b   94.697
_cell.length_c   141.030
_cell.angle_alpha   88.19
_cell.angle_beta   89.63
_cell.angle_gamma   89.87
#
_symmetry.space_group_name_H-M   'P 1'
#
loop_
_entity.id
_entity.type
_entity.pdbx_description
1 polymer 'Period circadian protein'
2 non-polymer 2,3-DIHYDROXY-1,4-DITHIOBUTANE
3 water water
#
_entity_poly.entity_id   1
_entity_poly.type   'polypeptide(L)'
_entity_poly.pdbx_seq_one_letter_code
;KEDSFCCVISMHDGIVLYTTPSITDVLGYPRDMWLGRSFIDFVHLKDRATFASQITTGIPIAESRGSVPKDAKSTFCVML
RRYRGLKSGGFGVIGRPVSYEPFRLGLTFREAPEEARPDNYMVSNGTNMLLVICATPIKSSYKVPDEILSQKSPKFAIRH
TATGIISHVDSAAVSALGYLPQDLIGRSIMDFYHHEDLSVMKETYETVMKKGQTAGASFCSKPYRFLIQNGCYVLLETEW
TSFVNPWSRKLEFVVGHHRVFQGPKQCNVFEAAPTCKLKISEEAQSRNTRIKEDIVKRLAETVSRPSETVKQEVSRRCQA
LASFMETLMDEVSRADLKL
;
_entity_poly.pdbx_strand_id   A,B,C,D,E,F,G,H
#
loop_
_chem_comp.id
_chem_comp.type
_chem_comp.name
_chem_comp.formula
DTT non-polymer 2,3-DIHYDROXY-1,4-DITHIOBUTANE 'C4 H10 O2 S2'
#
# COMPACT_ATOMS: atom_id res chain seq x y z
N LYS A 1 -27.15 23.78 -2.65
CA LYS A 1 -26.68 24.52 -1.44
C LYS A 1 -25.83 23.64 -0.51
N GLU A 2 -25.70 24.10 0.74
CA GLU A 2 -24.97 23.40 1.80
C GLU A 2 -25.17 24.17 3.10
N ASP A 3 -25.75 23.51 4.10
CA ASP A 3 -26.00 24.08 5.43
C ASP A 3 -25.05 25.23 5.77
N SER A 4 -25.57 26.44 5.80
CA SER A 4 -24.75 27.60 6.12
C SER A 4 -25.65 28.71 6.60
N PHE A 5 -25.10 29.59 7.44
CA PHE A 5 -25.85 30.72 7.95
C PHE A 5 -25.04 32.01 7.76
N CYS A 6 -25.73 33.13 7.64
CA CYS A 6 -25.07 34.40 7.47
C CYS A 6 -25.46 35.26 8.67
N CYS A 7 -24.67 36.27 8.97
CA CYS A 7 -24.99 37.17 10.07
C CYS A 7 -24.54 38.56 9.70
N VAL A 8 -25.15 39.56 10.30
CA VAL A 8 -24.79 40.93 10.00
C VAL A 8 -24.23 41.70 11.20
N ILE A 9 -22.93 42.00 11.13
CA ILE A 9 -22.19 42.74 12.15
C ILE A 9 -22.25 44.27 11.90
N SER A 10 -22.08 45.07 12.95
CA SER A 10 -22.06 46.52 12.80
C SER A 10 -20.61 46.92 12.93
N MET A 11 -20.07 47.62 11.93
CA MET A 11 -18.68 48.05 11.99
C MET A 11 -18.36 49.15 12.99
N HIS A 12 -19.37 49.54 13.78
CA HIS A 12 -19.24 50.57 14.80
C HIS A 12 -18.81 49.96 16.16
N ASP A 13 -19.46 48.87 16.57
CA ASP A 13 -19.12 48.23 17.85
C ASP A 13 -18.85 46.75 17.74
N GLY A 14 -18.92 46.23 16.52
CA GLY A 14 -18.66 44.83 16.27
C GLY A 14 -19.70 43.90 16.85
N ILE A 15 -20.91 44.40 17.09
CA ILE A 15 -21.99 43.55 17.61
C ILE A 15 -22.79 42.94 16.46
N VAL A 16 -23.40 41.76 16.70
CA VAL A 16 -24.17 41.10 15.66
C VAL A 16 -25.64 41.50 15.74
N LEU A 17 -26.13 41.97 14.61
CA LEU A 17 -27.51 42.46 14.42
C LEU A 17 -28.56 41.50 13.88
N TYR A 18 -28.13 40.58 13.04
CA TYR A 18 -29.04 39.63 12.43
C TYR A 18 -28.33 38.33 12.18
N THR A 19 -29.09 37.24 12.29
CA THR A 19 -28.56 35.92 12.05
C THR A 19 -29.63 35.18 11.28
N THR A 20 -29.27 34.54 10.17
CA THR A 20 -30.27 33.80 9.42
C THR A 20 -30.79 32.68 10.30
N PRO A 21 -32.04 32.22 10.05
CA PRO A 21 -32.60 31.15 10.88
C PRO A 21 -31.77 29.87 10.90
N SER A 22 -31.04 29.60 9.82
CA SER A 22 -30.23 28.38 9.73
C SER A 22 -29.17 28.26 10.80
N ILE A 23 -28.97 29.33 11.56
CA ILE A 23 -27.98 29.37 12.62
C ILE A 23 -28.20 28.25 13.65
N THR A 24 -29.46 28.00 13.99
CA THR A 24 -29.79 26.98 14.97
C THR A 24 -29.50 25.58 14.45
N ASP A 25 -29.63 25.40 13.13
CA ASP A 25 -29.37 24.11 12.51
C ASP A 25 -27.89 23.81 12.34
N VAL A 26 -27.12 24.81 11.89
CA VAL A 26 -25.69 24.66 11.66
C VAL A 26 -24.83 24.72 12.92
N LEU A 27 -25.24 25.51 13.90
CA LEU A 27 -24.48 25.67 15.14
C LEU A 27 -25.29 25.51 16.41
N GLY A 28 -26.57 25.19 16.30
CA GLY A 28 -27.38 24.99 17.49
C GLY A 28 -27.89 26.22 18.25
N TYR A 29 -27.37 27.41 17.96
CA TYR A 29 -27.81 28.62 18.65
C TYR A 29 -29.26 29.00 18.40
N PRO A 30 -30.00 29.38 19.46
CA PRO A 30 -31.41 29.78 19.35
C PRO A 30 -31.55 31.01 18.46
N ARG A 31 -32.43 30.91 17.47
CA ARG A 31 -32.73 31.97 16.50
C ARG A 31 -32.08 33.33 16.74
N ASP A 32 -32.47 34.00 17.82
CA ASP A 32 -31.94 35.32 18.11
C ASP A 32 -31.20 35.47 19.44
N MET A 33 -30.22 34.59 19.66
CA MET A 33 -29.42 34.63 20.88
C MET A 33 -28.11 35.36 20.68
N TRP A 34 -27.67 35.40 19.43
CA TRP A 34 -26.45 36.09 19.05
C TRP A 34 -26.69 37.59 19.07
N LEU A 35 -27.94 38.00 18.87
CA LEU A 35 -28.28 39.40 18.84
C LEU A 35 -27.65 40.20 19.98
N GLY A 36 -27.03 41.33 19.62
CA GLY A 36 -26.41 42.19 20.60
C GLY A 36 -25.05 41.75 21.15
N ARG A 37 -24.66 40.50 20.89
CA ARG A 37 -23.38 40.02 21.38
C ARG A 37 -22.22 40.37 20.45
N SER A 38 -21.01 40.39 21.01
CA SER A 38 -19.81 40.69 20.24
C SER A 38 -19.51 39.47 19.36
N PHE A 39 -19.33 39.69 18.07
CA PHE A 39 -19.07 38.57 17.17
C PHE A 39 -17.84 37.71 17.44
N ILE A 40 -16.70 38.31 17.79
CA ILE A 40 -15.51 37.48 18.03
C ILE A 40 -15.61 36.63 19.27
N ASP A 41 -16.64 36.84 20.07
CA ASP A 41 -16.84 36.04 21.29
C ASP A 41 -17.10 34.57 20.89
N PHE A 42 -17.45 34.38 19.61
CA PHE A 42 -17.73 33.06 19.06
C PHE A 42 -16.59 32.57 18.19
N VAL A 43 -15.53 33.34 18.11
CA VAL A 43 -14.35 32.96 17.33
C VAL A 43 -13.24 32.53 18.29
N HIS A 44 -12.90 31.24 18.24
CA HIS A 44 -11.85 30.62 19.04
C HIS A 44 -10.62 31.53 19.19
N LEU A 45 -10.01 31.54 20.36
CA LEU A 45 -8.82 32.38 20.62
C LEU A 45 -7.74 32.28 19.57
N LYS A 46 -7.40 31.04 19.19
CA LYS A 46 -6.34 30.77 18.20
C LYS A 46 -6.60 31.31 16.81
N ASP A 47 -7.83 31.77 16.57
CA ASP A 47 -8.18 32.28 15.24
C ASP A 47 -8.53 33.77 15.16
N ARG A 48 -8.64 34.43 16.31
CA ARG A 48 -8.99 35.86 16.33
C ARG A 48 -7.99 36.72 15.53
N ALA A 49 -6.71 36.45 15.72
CA ALA A 49 -5.67 37.18 14.99
C ALA A 49 -5.84 36.99 13.48
N THR A 50 -6.29 35.81 13.05
CA THR A 50 -6.51 35.59 11.62
C THR A 50 -7.73 36.41 11.21
N PHE A 51 -8.74 36.43 12.08
CA PHE A 51 -9.98 37.18 11.83
C PHE A 51 -9.72 38.70 11.78
N ALA A 52 -8.98 39.20 12.76
CA ALA A 52 -8.68 40.62 12.82
C ALA A 52 -7.89 41.07 11.59
N SER A 53 -6.90 40.28 11.20
CA SER A 53 -6.06 40.57 10.04
C SER A 53 -6.81 40.49 8.72
N GLN A 54 -7.99 39.88 8.74
CA GLN A 54 -8.80 39.74 7.53
C GLN A 54 -9.82 40.87 7.36
N ILE A 55 -10.38 41.37 8.45
CA ILE A 55 -11.32 42.48 8.31
C ILE A 55 -10.55 43.81 8.33
N THR A 56 -9.23 43.72 8.50
CA THR A 56 -8.37 44.89 8.52
C THR A 56 -7.85 45.15 7.12
N THR A 57 -7.40 44.07 6.48
CA THR A 57 -6.87 44.19 5.14
C THR A 57 -7.98 44.06 4.12
N GLY A 58 -9.22 43.96 4.56
CA GLY A 58 -10.33 43.83 3.63
C GLY A 58 -11.32 44.97 3.62
N ILE A 59 -11.37 45.74 4.70
CA ILE A 59 -12.29 46.87 4.80
C ILE A 59 -12.08 47.83 3.62
N PRO A 60 -13.19 48.22 2.93
CA PRO A 60 -13.26 49.12 1.76
C PRO A 60 -12.59 50.50 1.71
N ILE A 61 -11.86 50.92 2.74
CA ILE A 61 -11.19 52.23 2.64
C ILE A 61 -9.91 52.13 1.81
N ALA A 72 -13.05 36.38 -5.76
CA ALA A 72 -14.12 36.82 -4.83
C ALA A 72 -13.56 37.79 -3.77
N LYS A 73 -14.37 38.03 -2.72
CA LYS A 73 -13.95 38.90 -1.61
C LYS A 73 -13.32 37.94 -0.58
N SER A 74 -12.64 38.49 0.42
CA SER A 74 -11.98 37.68 1.45
C SER A 74 -12.78 36.45 1.90
N THR A 75 -12.08 35.32 1.94
CA THR A 75 -12.63 34.02 2.35
C THR A 75 -11.53 33.22 3.05
N PHE A 76 -11.68 33.06 4.36
CA PHE A 76 -10.73 32.33 5.21
C PHE A 76 -11.42 31.33 6.17
N CYS A 77 -10.66 30.69 7.06
CA CYS A 77 -11.26 29.72 7.98
C CYS A 77 -11.06 30.11 9.41
N VAL A 78 -11.91 29.60 10.28
CA VAL A 78 -11.85 29.94 11.68
C VAL A 78 -12.64 28.87 12.42
N MET A 79 -12.55 28.82 13.75
CA MET A 79 -13.31 27.83 14.52
C MET A 79 -14.33 28.56 15.38
N LEU A 80 -15.61 28.25 15.18
CA LEU A 80 -16.67 28.88 15.99
C LEU A 80 -17.12 27.88 17.06
N ARG A 81 -17.65 28.38 18.18
CA ARG A 81 -18.12 27.47 19.20
C ARG A 81 -19.59 27.17 19.02
N ARG A 82 -19.96 25.95 19.39
CA ARG A 82 -21.34 25.48 19.30
C ARG A 82 -22.04 25.87 20.57
N TYR A 83 -23.36 26.02 20.48
CA TYR A 83 -24.16 26.39 21.65
C TYR A 83 -24.27 25.24 22.63
N ARG A 84 -24.05 25.58 23.90
CA ARG A 84 -24.23 24.68 25.03
C ARG A 84 -23.93 23.22 24.72
N VAL A 98 -16.54 22.32 26.20
CA VAL A 98 -17.35 22.63 25.01
C VAL A 98 -16.58 22.44 23.70
N SER A 99 -17.30 22.42 22.56
CA SER A 99 -16.68 22.15 21.27
C SER A 99 -16.70 23.28 20.23
N TYR A 100 -15.61 23.35 19.50
CA TYR A 100 -15.44 24.28 18.43
C TYR A 100 -15.51 23.49 17.13
N GLU A 101 -16.06 24.13 16.11
CA GLU A 101 -16.14 23.50 14.80
C GLU A 101 -15.60 24.45 13.71
N PRO A 102 -14.98 23.88 12.66
CA PRO A 102 -14.39 24.60 11.54
C PRO A 102 -15.39 25.18 10.55
N PHE A 103 -15.17 26.45 10.19
CA PHE A 103 -16.03 27.17 9.26
C PHE A 103 -15.24 27.95 8.22
N ARG A 104 -15.76 27.96 7.00
CA ARG A 104 -15.16 28.68 5.90
C ARG A 104 -16.03 29.92 5.88
N LEU A 105 -15.47 31.06 6.26
CA LEU A 105 -16.23 32.30 6.30
C LEU A 105 -16.07 33.16 5.07
N GLY A 106 -17.17 33.78 4.64
CA GLY A 106 -17.15 34.67 3.50
C GLY A 106 -17.52 36.09 3.97
N LEU A 107 -16.56 37.01 3.93
CA LEU A 107 -16.79 38.41 4.35
C LEU A 107 -17.25 39.26 3.19
N THR A 108 -18.14 40.21 3.48
CA THR A 108 -18.68 41.12 2.48
C THR A 108 -19.09 42.42 3.15
N PHE A 109 -18.44 43.51 2.72
CA PHE A 109 -18.71 44.84 3.24
C PHE A 109 -19.69 45.57 2.31
N ARG A 110 -20.74 46.11 2.93
CA ARG A 110 -21.81 46.82 2.22
C ARG A 110 -22.33 47.92 3.16
N GLU A 111 -22.79 49.03 2.58
CA GLU A 111 -23.27 50.13 3.41
C GLU A 111 -24.66 49.95 4.02
N ALA A 112 -24.81 50.50 5.23
CA ALA A 112 -26.05 50.47 6.01
C ALA A 112 -27.32 50.68 5.19
N PRO A 113 -28.42 50.01 5.58
CA PRO A 113 -29.72 50.09 4.91
C PRO A 113 -30.78 50.89 5.67
N GLU A 114 -32.03 50.48 5.48
CA GLU A 114 -33.20 51.07 6.10
C GLU A 114 -33.30 52.58 6.28
N GLU A 115 -33.13 53.05 7.52
CA GLU A 115 -33.27 54.48 7.82
C GLU A 115 -31.94 55.10 8.28
N GLY A 126 -20.40 61.23 7.66
CA GLY A 126 -20.09 59.91 8.27
C GLY A 126 -20.78 58.77 7.54
N THR A 127 -20.12 57.62 7.51
CA THR A 127 -20.66 56.44 6.84
C THR A 127 -20.83 55.24 7.78
N ASN A 128 -22.04 54.70 7.83
CA ASN A 128 -22.28 53.54 8.68
C ASN A 128 -22.03 52.27 7.88
N MET A 129 -20.95 51.56 8.23
CA MET A 129 -20.57 50.32 7.55
C MET A 129 -21.24 49.09 8.13
N LEU A 130 -21.35 48.07 7.30
CA LEU A 130 -21.97 46.81 7.68
C LEU A 130 -21.19 45.61 7.10
N LEU A 131 -20.91 44.64 7.95
CA LEU A 131 -20.19 43.45 7.54
C LEU A 131 -21.14 42.27 7.54
N VAL A 132 -21.17 41.56 6.42
CA VAL A 132 -22.00 40.39 6.33
C VAL A 132 -21.09 39.18 6.22
N ILE A 133 -21.22 38.26 7.17
CA ILE A 133 -20.40 37.05 7.20
C ILE A 133 -21.21 35.81 6.83
N CYS A 134 -20.69 34.98 5.92
CA CYS A 134 -21.34 33.73 5.52
C CYS A 134 -20.52 32.51 5.96
N ALA A 135 -20.89 31.91 7.07
CA ALA A 135 -20.17 30.74 7.58
C ALA A 135 -20.77 29.44 7.08
N THR A 136 -19.96 28.65 6.41
CA THR A 136 -20.38 27.35 5.94
C THR A 136 -19.40 26.35 6.59
N PRO A 137 -19.92 25.31 7.25
CA PRO A 137 -19.08 24.32 7.92
C PRO A 137 -18.19 23.49 7.01
N ILE A 138 -17.05 23.11 7.58
CA ILE A 138 -16.04 22.31 6.90
C ILE A 138 -16.14 20.92 7.52
N LYS A 139 -16.10 19.89 6.67
CA LYS A 139 -16.23 18.52 7.15
C LYS A 139 -15.09 17.65 6.68
N SER A 140 -14.77 16.62 7.46
CA SER A 140 -13.68 15.70 7.17
C SER A 140 -13.83 14.96 5.85
N SER A 141 -12.72 14.87 5.12
CA SER A 141 -12.66 14.22 3.81
C SER A 141 -12.93 12.71 3.79
N TYR A 142 -12.74 12.04 4.92
CA TYR A 142 -12.91 10.59 4.99
C TYR A 142 -14.23 10.00 5.45
N LYS A 143 -14.58 8.88 4.80
CA LYS A 143 -15.80 8.12 5.06
C LYS A 143 -15.55 6.83 5.86
N VAL A 144 -14.37 6.25 5.72
CA VAL A 144 -14.02 5.01 6.44
C VAL A 144 -12.59 5.04 7.00
N PRO A 145 -12.36 4.37 8.14
CA PRO A 145 -11.02 4.36 8.74
C PRO A 145 -10.00 3.70 7.82
N ASP A 146 -8.81 4.27 7.77
CA ASP A 146 -7.72 3.78 6.90
C ASP A 146 -8.11 3.71 5.42
N GLU A 147 -8.88 4.71 4.99
CA GLU A 147 -9.33 4.80 3.61
C GLU A 147 -8.17 4.92 2.64
N ILE A 148 -8.28 4.23 1.51
CA ILE A 148 -7.26 4.28 0.47
C ILE A 148 -7.95 5.02 -0.67
N LEU A 149 -7.46 6.22 -1.00
CA LEU A 149 -8.10 7.05 -2.02
C LEU A 149 -7.65 6.89 -3.45
N SER A 150 -8.50 7.34 -4.39
CA SER A 150 -8.25 7.25 -5.83
C SER A 150 -8.19 8.55 -6.64
N GLN A 151 -9.26 8.85 -7.40
CA GLN A 151 -9.30 10.05 -8.22
C GLN A 151 -10.14 11.14 -7.57
N LYS A 152 -10.97 10.73 -6.61
CA LYS A 152 -11.84 11.64 -5.84
C LYS A 152 -10.95 12.26 -4.74
N SER A 153 -9.67 11.88 -4.79
CA SER A 153 -8.63 12.31 -3.86
C SER A 153 -8.36 13.80 -3.86
N PRO A 154 -8.53 14.47 -2.70
CA PRO A 154 -8.29 15.91 -2.59
C PRO A 154 -6.78 16.14 -2.69
N LYS A 155 -6.35 16.78 -3.78
CA LYS A 155 -4.95 17.11 -3.99
C LYS A 155 -4.72 18.52 -3.39
N PHE A 156 -3.54 18.76 -2.84
CA PHE A 156 -3.24 20.05 -2.22
C PHE A 156 -1.74 20.29 -2.03
N ALA A 157 -1.37 21.57 -1.98
CA ALA A 157 0.04 21.94 -1.80
C ALA A 157 0.36 22.69 -0.51
N ILE A 158 1.49 22.34 0.08
CA ILE A 158 1.99 23.02 1.25
C ILE A 158 3.39 23.45 0.85
N ARG A 159 3.69 24.70 1.10
CA ARG A 159 4.99 25.26 0.75
C ARG A 159 5.74 25.71 2.02
N HIS A 160 7.06 25.51 2.02
CA HIS A 160 7.90 25.95 3.14
C HIS A 160 9.22 26.57 2.73
N THR A 161 9.82 27.35 3.63
CA THR A 161 11.07 28.04 3.35
C THR A 161 12.30 27.17 3.53
N ALA A 162 13.46 27.69 3.17
CA ALA A 162 14.71 26.94 3.28
C ALA A 162 15.00 26.44 4.70
N THR A 163 14.43 27.10 5.71
CA THR A 163 14.66 26.70 7.09
C THR A 163 13.55 25.79 7.60
N GLY A 164 12.65 25.39 6.70
CA GLY A 164 11.54 24.52 7.03
C GLY A 164 10.27 25.11 7.65
N ILE A 165 10.01 26.40 7.45
CA ILE A 165 8.80 26.99 8.02
C ILE A 165 7.69 27.14 6.98
N ILE A 166 6.59 26.43 7.23
CA ILE A 166 5.42 26.39 6.36
C ILE A 166 4.95 27.80 6.19
N SER A 167 4.84 28.24 4.95
CA SER A 167 4.38 29.58 4.69
C SER A 167 3.04 29.58 3.96
N HIS A 168 2.73 28.51 3.22
CA HIS A 168 1.45 28.46 2.52
C HIS A 168 0.80 27.07 2.60
N VAL A 169 -0.52 27.03 2.53
CA VAL A 169 -1.28 25.77 2.52
C VAL A 169 -2.55 25.98 1.71
N ASP A 170 -2.82 25.08 0.77
CA ASP A 170 -4.01 25.12 -0.10
C ASP A 170 -5.28 24.85 0.70
N SER A 171 -6.41 25.23 0.10
CA SER A 171 -7.73 25.03 0.71
C SER A 171 -7.99 23.57 1.03
N ALA A 172 -7.69 22.73 0.04
CA ALA A 172 -7.88 21.30 0.15
C ALA A 172 -7.30 20.69 1.41
N ALA A 173 -6.11 21.15 1.79
CA ALA A 173 -5.39 20.66 2.97
C ALA A 173 -6.18 20.63 4.28
N VAL A 174 -7.21 21.47 4.38
CA VAL A 174 -8.02 21.54 5.60
C VAL A 174 -8.85 20.29 5.88
N SER A 175 -9.70 19.89 4.94
CA SER A 175 -10.53 18.71 5.16
C SER A 175 -9.70 17.42 5.26
N ALA A 176 -8.52 17.41 4.64
CA ALA A 176 -7.63 16.25 4.64
C ALA A 176 -6.73 16.13 5.86
N LEU A 177 -6.24 17.24 6.39
CA LEU A 177 -5.36 17.16 7.53
C LEU A 177 -6.02 17.57 8.86
N GLY A 178 -6.99 18.46 8.78
CA GLY A 178 -7.65 18.92 9.98
C GLY A 178 -7.06 20.20 10.54
N TYR A 179 -6.14 20.77 9.80
CA TYR A 179 -5.53 22.01 10.24
C TYR A 179 -6.14 23.13 9.43
N LEU A 180 -6.21 24.29 10.05
CA LEU A 180 -6.67 25.48 9.36
C LEU A 180 -5.36 26.06 8.83
N PRO A 181 -5.39 26.82 7.72
CA PRO A 181 -4.11 27.33 7.24
C PRO A 181 -3.28 28.03 8.32
N GLN A 182 -3.95 28.78 9.19
CA GLN A 182 -3.25 29.48 10.26
C GLN A 182 -2.67 28.56 11.33
N ASP A 183 -3.09 27.30 11.34
CA ASP A 183 -2.59 26.37 12.35
C ASP A 183 -1.25 25.81 11.93
N LEU A 184 -1.00 25.84 10.63
CA LEU A 184 0.25 25.32 10.08
C LEU A 184 1.28 26.41 9.76
N ILE A 185 0.83 27.48 9.12
CA ILE A 185 1.74 28.56 8.76
C ILE A 185 2.45 29.03 10.01
N GLY A 186 3.78 29.08 9.96
CA GLY A 186 4.54 29.52 11.12
C GLY A 186 5.37 28.39 11.71
N ARG A 187 4.73 27.22 11.84
CA ARG A 187 5.34 25.99 12.39
C ARG A 187 6.37 25.39 11.44
N SER A 188 7.19 24.47 11.95
CA SER A 188 8.20 23.79 11.15
C SER A 188 7.65 22.51 10.56
N ILE A 189 7.78 22.35 9.25
CA ILE A 189 7.30 21.16 8.57
C ILE A 189 7.78 19.87 9.28
N MET A 190 8.94 19.96 9.92
CA MET A 190 9.56 18.84 10.63
C MET A 190 8.79 18.26 11.82
N ASP A 191 7.88 19.06 12.37
CA ASP A 191 7.07 18.62 13.50
C ASP A 191 6.02 17.64 13.05
N PHE A 192 5.94 17.39 11.75
CA PHE A 192 4.91 16.51 11.24
C PHE A 192 5.35 15.20 10.67
N TYR A 193 6.67 14.99 10.60
CA TYR A 193 7.20 13.76 10.08
C TYR A 193 7.34 12.84 11.26
N HIS A 194 6.75 11.65 11.16
CA HIS A 194 6.82 10.64 12.22
C HIS A 194 8.29 10.47 12.64
N HIS A 195 8.56 10.44 13.95
CA HIS A 195 9.92 10.32 14.50
C HIS A 195 10.80 9.20 13.93
N GLU A 196 10.20 8.05 13.64
CA GLU A 196 10.91 6.90 13.06
C GLU A 196 11.34 7.16 11.61
N ASP A 197 10.66 8.10 10.97
CA ASP A 197 10.90 8.43 9.57
C ASP A 197 11.80 9.62 9.28
N LEU A 198 12.41 10.21 10.30
CA LEU A 198 13.25 11.37 10.02
C LEU A 198 14.39 11.10 9.07
N SER A 199 14.95 9.90 9.13
CA SER A 199 16.06 9.50 8.26
C SER A 199 15.62 9.35 6.80
N VAL A 200 14.40 8.83 6.57
CA VAL A 200 13.91 8.67 5.20
C VAL A 200 13.56 10.02 4.57
N MET A 201 13.14 10.96 5.40
CA MET A 201 12.82 12.30 4.94
C MET A 201 14.10 13.06 4.57
N LYS A 202 15.17 12.78 5.33
CA LYS A 202 16.48 13.39 5.08
C LYS A 202 16.98 13.01 3.70
N GLU A 203 16.64 11.81 3.24
CA GLU A 203 17.07 11.38 1.92
C GLU A 203 16.16 12.00 0.85
N THR A 204 14.87 12.12 1.15
CA THR A 204 13.96 12.75 0.20
C THR A 204 14.39 14.19 0.00
N TYR A 205 14.76 14.86 1.10
CA TYR A 205 15.19 16.25 1.03
C TYR A 205 16.56 16.38 0.35
N GLU A 206 17.39 15.37 0.48
CA GLU A 206 18.69 15.44 -0.16
C GLU A 206 18.50 15.28 -1.64
N THR A 207 17.46 14.55 -2.01
CA THR A 207 17.10 14.33 -3.40
C THR A 207 16.55 15.63 -3.98
N VAL A 208 15.74 16.34 -3.19
CA VAL A 208 15.15 17.63 -3.59
C VAL A 208 16.27 18.62 -3.95
N MET A 209 17.32 18.69 -3.12
CA MET A 209 18.45 19.59 -3.35
C MET A 209 19.27 19.23 -4.60
N LYS A 210 19.39 17.93 -4.89
CA LYS A 210 20.11 17.50 -6.10
C LYS A 210 19.29 17.91 -7.33
N LYS A 211 17.97 17.70 -7.25
CA LYS A 211 17.04 18.04 -8.33
C LYS A 211 17.04 19.56 -8.57
N GLY A 212 17.49 20.30 -7.55
CA GLY A 212 17.54 21.73 -7.64
C GLY A 212 18.56 22.22 -8.66
N GLN A 213 19.43 21.33 -9.11
CA GLN A 213 20.43 21.69 -10.09
C GLN A 213 19.73 22.15 -11.37
N THR A 214 18.55 21.59 -11.62
CA THR A 214 17.73 21.90 -12.79
C THR A 214 16.38 22.47 -12.35
N ALA A 215 16.02 23.63 -12.87
CA ALA A 215 14.76 24.23 -12.47
C ALA A 215 13.56 23.40 -12.90
N GLY A 216 12.51 23.44 -12.09
CA GLY A 216 11.29 22.71 -12.39
C GLY A 216 11.44 21.20 -12.31
N ALA A 217 12.65 20.73 -12.04
CA ALA A 217 12.89 19.31 -11.92
C ALA A 217 12.11 18.90 -10.69
N SER A 218 11.16 17.98 -10.88
CA SER A 218 10.33 17.49 -9.78
C SER A 218 10.63 16.02 -9.51
N PHE A 219 9.82 15.42 -8.65
CA PHE A 219 9.93 14.00 -8.33
C PHE A 219 9.00 13.54 -7.22
N CYS A 220 8.39 12.38 -7.45
CA CYS A 220 7.48 11.77 -6.50
C CYS A 220 8.27 10.85 -5.58
N SER A 221 7.84 10.78 -4.34
CA SER A 221 8.50 9.92 -3.38
C SER A 221 7.52 8.91 -2.83
N LYS A 222 8.07 7.88 -2.22
CA LYS A 222 7.32 6.80 -1.59
C LYS A 222 6.47 7.41 -0.48
N PRO A 223 5.21 6.93 -0.32
CA PRO A 223 4.30 7.42 0.72
C PRO A 223 4.93 7.40 2.13
N TYR A 224 4.76 8.51 2.86
CA TYR A 224 5.31 8.64 4.22
C TYR A 224 4.23 9.16 5.16
N ARG A 225 4.41 8.95 6.47
CA ARG A 225 3.45 9.40 7.49
C ARG A 225 3.61 10.87 7.81
N PHE A 226 2.47 11.53 8.02
CA PHE A 226 2.40 12.95 8.32
C PHE A 226 1.39 13.17 9.48
N LEU A 227 1.78 13.94 10.49
CA LEU A 227 0.91 14.19 11.62
C LEU A 227 -0.23 15.12 11.26
N ILE A 228 -1.46 14.65 11.47
CA ILE A 228 -2.65 15.45 11.18
C ILE A 228 -3.28 15.88 12.51
N GLN A 229 -4.18 16.87 12.45
CA GLN A 229 -4.84 17.41 13.64
C GLN A 229 -5.17 16.48 14.82
N ASN A 230 -5.76 15.33 14.55
CA ASN A 230 -6.13 14.45 15.65
C ASN A 230 -5.08 13.48 16.18
N GLY A 231 -3.79 13.78 15.99
CA GLY A 231 -2.75 12.89 16.50
C GLY A 231 -2.47 11.62 15.70
N CYS A 232 -3.37 11.28 14.79
CA CYS A 232 -3.21 10.11 13.92
C CYS A 232 -2.29 10.52 12.75
N TYR A 233 -1.75 9.52 12.07
CA TYR A 233 -0.89 9.78 10.94
C TYR A 233 -1.54 9.23 9.69
N VAL A 234 -1.23 9.86 8.56
CA VAL A 234 -1.75 9.42 7.27
C VAL A 234 -0.55 9.20 6.37
N LEU A 235 -0.78 8.55 5.24
CA LEU A 235 0.28 8.34 4.29
C LEU A 235 0.04 9.34 3.17
N LEU A 236 1.04 10.17 2.92
CA LEU A 236 0.96 11.22 1.92
C LEU A 236 1.84 10.94 0.73
N GLU A 237 1.29 10.98 -0.48
CA GLU A 237 2.16 10.79 -1.64
C GLU A 237 2.49 12.19 -2.19
N THR A 238 3.77 12.52 -2.15
CA THR A 238 4.22 13.85 -2.53
C THR A 238 5.07 14.03 -3.77
N GLU A 239 4.75 15.06 -4.55
CA GLU A 239 5.56 15.42 -5.71
C GLU A 239 6.28 16.66 -5.20
N TRP A 240 7.62 16.62 -5.19
CA TRP A 240 8.42 17.74 -4.69
C TRP A 240 9.07 18.62 -5.74
N THR A 241 8.80 19.91 -5.63
CA THR A 241 9.38 20.90 -6.52
C THR A 241 10.04 21.93 -5.61
N SER A 242 10.78 22.87 -6.19
CA SER A 242 11.43 23.89 -5.38
C SER A 242 11.78 25.09 -6.23
N PHE A 243 12.17 26.17 -5.56
CA PHE A 243 12.58 27.37 -6.24
C PHE A 243 13.92 27.81 -5.68
N VAL A 244 14.88 27.97 -6.57
CA VAL A 244 16.19 28.40 -6.21
C VAL A 244 16.43 29.78 -6.82
N ASN A 245 16.79 30.75 -6.00
CA ASN A 245 17.06 32.11 -6.49
C ASN A 245 18.25 32.01 -7.47
N PRO A 246 18.00 32.31 -8.73
CA PRO A 246 19.02 32.26 -9.79
C PRO A 246 20.20 33.22 -9.66
N TRP A 247 20.04 34.27 -8.88
CA TRP A 247 21.12 35.23 -8.68
C TRP A 247 21.99 34.89 -7.48
N SER A 248 21.34 34.48 -6.40
CA SER A 248 22.00 34.11 -5.16
C SER A 248 22.38 32.63 -5.11
N ARG A 249 21.66 31.81 -5.86
CA ARG A 249 21.88 30.36 -5.92
C ARG A 249 21.46 29.57 -4.68
N LYS A 250 20.75 30.22 -3.75
CA LYS A 250 20.29 29.54 -2.54
C LYS A 250 18.83 29.14 -2.62
N LEU A 251 18.41 28.20 -1.77
CA LEU A 251 17.02 27.72 -1.79
C LEU A 251 16.05 28.70 -1.15
N GLU A 252 15.04 29.09 -1.92
CA GLU A 252 14.01 30.01 -1.46
C GLU A 252 12.92 29.24 -0.72
N PHE A 253 12.32 28.28 -1.40
CA PHE A 253 11.28 27.45 -0.80
C PHE A 253 11.11 26.09 -1.45
N VAL A 254 10.49 25.20 -0.69
CA VAL A 254 10.19 23.83 -1.13
C VAL A 254 8.68 23.70 -1.11
N VAL A 255 8.12 23.09 -2.14
CA VAL A 255 6.69 22.92 -2.17
C VAL A 255 6.35 21.51 -2.50
N GLY A 256 5.54 20.89 -1.65
CA GLY A 256 5.12 19.53 -1.86
C GLY A 256 3.69 19.47 -2.36
N HIS A 257 3.47 18.77 -3.48
CA HIS A 257 2.12 18.61 -4.01
C HIS A 257 1.66 17.31 -3.40
N HIS A 258 0.74 17.43 -2.47
CA HIS A 258 0.26 16.29 -1.75
C HIS A 258 -1.08 15.73 -2.20
N ARG A 259 -1.22 14.44 -1.90
CA ARG A 259 -2.41 13.65 -2.16
C ARG A 259 -2.31 12.63 -1.03
N VAL A 260 -3.43 12.32 -0.39
CA VAL A 260 -3.40 11.35 0.72
C VAL A 260 -3.50 9.94 0.18
N PHE A 261 -2.42 9.18 0.32
CA PHE A 261 -2.36 7.81 -0.15
C PHE A 261 -3.28 6.91 0.69
N GLN A 262 -3.34 7.19 1.99
CA GLN A 262 -4.16 6.43 2.93
C GLN A 262 -4.58 7.36 4.05
N GLY A 263 -5.87 7.34 4.36
CA GLY A 263 -6.44 8.18 5.41
C GLY A 263 -6.06 7.71 6.80
N PRO A 264 -6.49 8.43 7.84
CA PRO A 264 -6.20 8.10 9.23
C PRO A 264 -7.08 7.00 9.83
N LYS A 265 -6.63 6.45 10.96
CA LYS A 265 -7.38 5.42 11.65
C LYS A 265 -8.70 6.04 12.10
N GLN A 266 -8.65 7.34 12.43
CA GLN A 266 -9.82 8.09 12.85
C GLN A 266 -10.39 8.89 11.69
N CYS A 267 -11.64 8.64 11.33
CA CYS A 267 -12.29 9.35 10.22
C CYS A 267 -12.34 10.84 10.49
N ASN A 268 -12.94 11.25 11.60
CA ASN A 268 -13.03 12.66 11.91
C ASN A 268 -11.63 13.21 12.10
N VAL A 269 -11.30 14.22 11.30
CA VAL A 269 -9.98 14.82 11.32
C VAL A 269 -9.92 16.09 12.21
N PHE A 270 -11.06 16.46 12.79
CA PHE A 270 -11.13 17.66 13.62
C PHE A 270 -11.28 17.48 15.13
N GLU A 271 -11.72 16.31 15.59
CA GLU A 271 -11.90 16.11 17.02
C GLU A 271 -10.58 16.17 17.79
N ALA A 272 -10.67 16.26 19.12
CA ALA A 272 -9.51 16.32 19.99
C ALA A 272 -8.71 15.03 19.90
N ALA A 273 -7.42 15.11 20.23
CA ALA A 273 -6.50 13.98 20.19
C ALA A 273 -7.00 12.65 20.78
N PRO A 274 -7.43 11.70 19.91
CA PRO A 274 -7.93 10.38 20.32
C PRO A 274 -6.80 9.34 20.27
N THR A 275 -6.16 9.11 21.41
CA THR A 275 -5.03 8.16 21.57
C THR A 275 -3.81 8.48 20.65
N CYS A 276 -2.98 7.46 20.38
CA CYS A 276 -1.80 7.56 19.51
C CYS A 276 -0.66 8.54 19.82
N LYS A 277 0.23 8.19 20.76
CA LYS A 277 1.41 9.02 21.12
C LYS A 277 2.34 8.37 22.15
N LEU A 278 3.66 8.64 22.01
CA LEU A 278 4.76 8.16 22.88
C LEU A 278 6.06 8.01 22.07
N LYS A 279 7.20 8.01 22.75
CA LYS A 279 8.52 7.88 22.11
C LYS A 279 9.67 7.76 23.12
N ILE A 280 10.76 7.12 22.72
CA ILE A 280 11.93 6.95 23.59
C ILE A 280 12.82 8.19 23.69
N SER A 281 12.66 8.91 24.79
CA SER A 281 13.40 10.15 25.08
C SER A 281 14.80 10.28 24.46
N GLU A 282 15.80 9.79 25.18
CA GLU A 282 17.20 9.86 24.77
C GLU A 282 17.51 9.71 23.28
N GLU A 283 17.67 8.47 22.82
CA GLU A 283 17.99 8.16 21.43
C GLU A 283 17.02 8.66 20.36
N ALA A 284 15.86 9.18 20.77
CA ALA A 284 14.89 9.67 19.79
C ALA A 284 14.92 11.18 19.62
N GLN A 285 14.39 11.90 20.60
CA GLN A 285 14.34 13.36 20.54
C GLN A 285 15.69 13.98 20.23
N SER A 286 16.76 13.31 20.66
CA SER A 286 18.13 13.78 20.43
C SER A 286 18.62 13.43 19.02
N ARG A 287 18.36 12.20 18.59
CA ARG A 287 18.76 11.72 17.25
C ARG A 287 17.91 12.45 16.20
N ASN A 288 16.64 12.64 16.53
CA ASN A 288 15.70 13.33 15.68
C ASN A 288 16.08 14.81 15.55
N THR A 289 16.32 15.47 16.69
CA THR A 289 16.69 16.87 16.66
C THR A 289 17.97 17.10 15.87
N ARG A 290 18.83 16.09 15.80
CA ARG A 290 20.07 16.20 15.02
C ARG A 290 19.73 16.07 13.54
N ILE A 291 18.95 15.05 13.18
CA ILE A 291 18.56 14.84 11.79
C ILE A 291 17.92 16.09 11.17
N LYS A 292 17.03 16.73 11.91
CA LYS A 292 16.38 17.94 11.44
C LYS A 292 17.46 19.01 11.25
N GLU A 293 18.43 19.04 12.18
CA GLU A 293 19.55 19.99 12.14
C GLU A 293 20.31 19.87 10.81
N ASP A 294 20.46 18.63 10.33
CA ASP A 294 21.16 18.35 9.09
C ASP A 294 20.35 18.73 7.85
N ILE A 295 19.07 18.38 7.85
CA ILE A 295 18.17 18.68 6.75
C ILE A 295 18.17 20.17 6.47
N VAL A 296 17.96 20.96 7.52
CA VAL A 296 17.95 22.42 7.41
C VAL A 296 19.36 22.93 7.02
N LYS A 297 20.39 22.19 7.46
CA LYS A 297 21.78 22.53 7.17
C LYS A 297 21.96 22.39 5.64
N ARG A 298 21.60 21.22 5.13
CA ARG A 298 21.69 20.95 3.70
C ARG A 298 20.82 21.86 2.84
N LEU A 299 19.63 22.20 3.32
CA LEU A 299 18.72 23.07 2.57
C LEU A 299 19.28 24.50 2.44
N ALA A 300 20.15 24.88 3.36
CA ALA A 300 20.76 26.21 3.33
C ALA A 300 21.93 26.23 2.35
N GLU A 301 22.47 25.04 2.08
CA GLU A 301 23.57 24.88 1.15
C GLU A 301 23.25 25.47 -0.21
N THR A 302 24.28 25.96 -0.88
CA THR A 302 24.12 26.58 -2.19
C THR A 302 23.96 25.52 -3.27
N VAL A 303 23.14 25.82 -4.29
CA VAL A 303 22.92 24.87 -5.37
C VAL A 303 23.72 25.26 -6.61
N SER A 304 23.96 24.26 -7.46
CA SER A 304 24.73 24.47 -8.66
C SER A 304 23.89 24.70 -9.91
N ARG A 305 24.19 25.79 -10.61
CA ARG A 305 23.52 26.15 -11.85
C ARG A 305 24.68 26.58 -12.74
N PRO A 306 25.48 25.59 -13.20
CA PRO A 306 26.68 25.68 -14.04
C PRO A 306 26.58 26.44 -15.38
N SER A 307 27.66 27.16 -15.67
CA SER A 307 27.81 27.96 -16.88
C SER A 307 28.10 27.09 -18.10
N GLU A 308 27.06 26.42 -18.58
CA GLU A 308 27.14 25.53 -19.75
C GLU A 308 26.90 26.34 -21.02
N THR A 309 26.28 27.50 -20.83
CA THR A 309 25.92 28.40 -21.91
C THR A 309 27.10 29.16 -22.54
N VAL A 310 27.68 28.51 -23.56
CA VAL A 310 28.78 29.03 -24.37
C VAL A 310 28.67 28.20 -25.64
N LYS A 311 28.55 26.88 -25.46
CA LYS A 311 28.36 25.96 -26.58
C LYS A 311 26.97 26.30 -27.08
N GLN A 312 26.15 26.74 -26.13
CA GLN A 312 24.77 27.11 -26.37
C GLN A 312 24.56 28.29 -27.29
N GLU A 313 25.59 28.60 -28.08
CA GLU A 313 25.47 29.67 -29.06
C GLU A 313 24.97 29.03 -30.35
N VAL A 314 24.17 27.97 -30.15
CA VAL A 314 23.49 27.22 -31.19
C VAL A 314 22.10 27.88 -31.16
N SER A 315 21.74 28.37 -29.98
CA SER A 315 20.48 29.09 -29.73
C SER A 315 20.76 30.59 -29.64
N ARG A 316 22.03 30.94 -29.42
CA ARG A 316 22.48 32.33 -29.37
C ARG A 316 22.54 32.78 -30.83
N ARG A 317 22.67 31.81 -31.73
CA ARG A 317 22.73 32.06 -33.17
C ARG A 317 21.50 31.47 -33.88
N CYS A 318 20.72 30.63 -33.19
CA CYS A 318 19.52 30.03 -33.79
C CYS A 318 18.49 31.12 -34.06
N GLN A 319 18.15 31.30 -35.33
CA GLN A 319 17.20 32.32 -35.76
C GLN A 319 15.81 32.13 -35.17
N ALA A 320 15.46 30.90 -34.85
CA ALA A 320 14.15 30.59 -34.28
C ALA A 320 13.94 31.26 -32.92
N LEU A 321 14.86 30.96 -31.99
CA LEU A 321 14.80 31.51 -30.63
C LEU A 321 14.79 33.04 -30.63
N ALA A 322 15.69 33.65 -31.38
CA ALA A 322 15.79 35.11 -31.47
C ALA A 322 14.49 35.77 -31.90
N SER A 323 13.80 35.16 -32.86
CA SER A 323 12.54 35.70 -33.38
C SER A 323 11.43 35.62 -32.35
N PHE A 324 11.37 34.49 -31.67
CA PHE A 324 10.38 34.23 -30.63
C PHE A 324 10.54 35.26 -29.53
N MET A 325 11.77 35.42 -29.05
CA MET A 325 12.06 36.36 -27.98
C MET A 325 11.84 37.81 -28.37
N GLU A 326 12.01 38.12 -29.65
CA GLU A 326 11.81 39.49 -30.12
C GLU A 326 10.31 39.74 -29.90
N THR A 327 9.52 38.75 -30.27
CA THR A 327 8.06 38.78 -30.15
C THR A 327 7.65 38.76 -28.68
N LEU A 328 8.27 37.86 -27.90
CA LEU A 328 7.99 37.73 -26.48
C LEU A 328 8.18 39.07 -25.76
N MET A 329 9.15 39.83 -26.26
CA MET A 329 9.50 41.14 -25.73
C MET A 329 8.39 42.15 -26.00
N ASP A 330 7.63 41.91 -27.07
CA ASP A 330 6.51 42.79 -27.43
C ASP A 330 5.18 42.33 -26.82
N GLU A 331 4.93 41.02 -26.82
CA GLU A 331 3.71 40.47 -26.23
C GLU A 331 3.56 40.96 -24.78
N VAL A 332 4.70 41.31 -24.17
CA VAL A 332 4.76 41.81 -22.79
C VAL A 332 4.87 43.33 -22.70
N SER A 333 5.77 43.92 -23.50
CA SER A 333 5.97 45.37 -23.52
C SER A 333 4.62 46.08 -23.69
N ARG A 334 3.71 45.44 -24.40
CA ARG A 334 2.38 45.98 -24.64
C ARG A 334 1.40 45.72 -23.50
N ALA A 335 1.11 44.45 -23.24
CA ALA A 335 0.17 44.03 -22.22
C ALA A 335 0.18 44.77 -20.87
N ASP A 336 1.23 44.57 -20.08
CA ASP A 336 1.38 45.15 -18.74
C ASP A 336 1.45 46.69 -18.59
N LEU A 337 2.42 47.32 -19.26
CA LEU A 337 2.59 48.77 -19.19
C LEU A 337 1.52 49.60 -19.90
N LYS A 338 0.98 49.08 -21.00
CA LYS A 338 -0.06 49.78 -21.78
C LYS A 338 -1.49 49.62 -21.24
N LEU A 339 -1.83 48.43 -20.74
CA LEU A 339 -3.15 48.18 -20.18
C LEU A 339 -3.01 47.63 -18.76
N LYS B 1 3.15 55.76 -27.05
CA LYS B 1 4.18 55.07 -26.26
C LYS B 1 4.90 55.98 -25.27
N GLU B 2 5.95 55.42 -24.65
CA GLU B 2 6.78 56.11 -23.65
C GLU B 2 8.10 55.34 -23.50
N ASP B 3 9.22 56.01 -23.81
CA ASP B 3 10.58 55.45 -23.72
C ASP B 3 10.73 54.24 -22.79
N SER B 4 11.10 53.08 -23.34
CA SER B 4 11.26 51.87 -22.53
C SER B 4 11.96 50.72 -23.24
N PHE B 5 12.72 49.94 -22.47
CA PHE B 5 13.44 48.77 -23.00
C PHE B 5 12.99 47.45 -22.33
N CYS B 6 13.36 46.32 -22.93
CA CYS B 6 13.00 45.01 -22.37
C CYS B 6 14.10 44.01 -22.52
N CYS B 7 14.35 43.29 -21.43
CA CYS B 7 15.36 42.26 -21.42
C CYS B 7 14.72 40.92 -21.07
N VAL B 8 15.34 39.83 -21.50
CA VAL B 8 14.81 38.51 -21.22
C VAL B 8 15.87 37.81 -20.38
N ILE B 9 15.49 37.40 -19.17
CA ILE B 9 16.40 36.77 -18.24
C ILE B 9 16.20 35.26 -18.17
N SER B 10 17.25 34.53 -17.83
CA SER B 10 17.15 33.09 -17.69
C SER B 10 16.90 32.80 -16.21
N MET B 11 15.84 32.07 -15.89
CA MET B 11 15.59 31.77 -14.48
C MET B 11 16.52 30.70 -13.98
N HIS B 12 17.34 30.17 -14.90
CA HIS B 12 18.30 29.13 -14.56
C HIS B 12 19.51 29.69 -13.83
N ASP B 13 20.20 30.62 -14.47
CA ASP B 13 21.40 31.23 -13.89
C ASP B 13 21.25 32.70 -13.61
N GLY B 14 20.12 33.26 -14.01
CA GLY B 14 19.90 34.67 -13.76
C GLY B 14 20.63 35.65 -14.67
N ILE B 15 21.09 35.18 -15.84
CA ILE B 15 21.78 36.09 -16.76
C ILE B 15 20.80 36.56 -17.82
N VAL B 16 21.12 37.65 -18.49
CA VAL B 16 20.22 38.17 -19.52
C VAL B 16 20.55 37.62 -20.89
N LEU B 17 19.51 37.10 -21.55
CA LEU B 17 19.59 36.51 -22.87
C LEU B 17 19.30 37.46 -24.03
N TYR B 18 18.27 38.28 -23.89
CA TYR B 18 17.96 39.16 -25.00
C TYR B 18 17.64 40.56 -24.48
N THR B 19 17.82 41.53 -25.37
CA THR B 19 17.60 42.93 -25.03
C THR B 19 17.00 43.66 -26.20
N THR B 20 16.22 44.70 -25.93
CA THR B 20 15.66 45.50 -27.01
C THR B 20 16.75 46.52 -27.36
N PRO B 21 16.77 47.00 -28.61
CA PRO B 21 17.79 47.98 -29.01
C PRO B 21 17.65 49.31 -28.27
N SER B 22 16.45 49.59 -27.79
CA SER B 22 16.17 50.83 -27.07
C SER B 22 16.89 50.94 -25.73
N ILE B 23 17.60 49.88 -25.34
CA ILE B 23 18.32 49.86 -24.08
C ILE B 23 19.35 51.00 -24.06
N THR B 24 19.99 51.22 -25.19
CA THR B 24 21.01 52.25 -25.34
C THR B 24 20.47 53.68 -25.17
N ASP B 25 19.34 53.97 -25.80
CA ASP B 25 18.73 55.30 -25.71
C ASP B 25 18.09 55.56 -24.35
N VAL B 26 17.86 54.51 -23.57
CA VAL B 26 17.23 54.64 -22.25
C VAL B 26 18.26 54.61 -21.12
N LEU B 27 19.04 53.54 -21.04
CA LEU B 27 20.04 53.41 -20.00
C LEU B 27 21.45 53.77 -20.43
N GLY B 28 21.64 53.96 -21.72
CA GLY B 28 22.97 54.31 -22.21
C GLY B 28 23.87 53.13 -22.48
N TYR B 29 23.42 51.92 -22.14
CA TYR B 29 24.21 50.72 -22.37
C TYR B 29 24.35 50.31 -23.83
N PRO B 30 25.59 49.93 -24.24
CA PRO B 30 25.90 49.50 -25.61
C PRO B 30 25.11 48.24 -25.98
N ARG B 31 24.08 48.43 -26.82
CA ARG B 31 23.17 47.39 -27.33
C ARG B 31 23.24 45.98 -26.73
N ASP B 32 24.36 45.28 -26.91
CA ASP B 32 24.48 43.94 -26.36
C ASP B 32 25.58 43.81 -25.30
N MET B 33 25.70 44.85 -24.48
CA MET B 33 26.67 44.89 -23.40
C MET B 33 26.09 44.12 -22.23
N TRP B 34 24.75 44.14 -22.14
CA TRP B 34 23.98 43.46 -21.11
C TRP B 34 23.91 41.95 -21.28
N LEU B 35 24.09 41.47 -22.50
CA LEU B 35 24.02 40.04 -22.75
C LEU B 35 25.13 39.30 -22.02
N GLY B 36 24.77 38.20 -21.38
CA GLY B 36 25.75 37.41 -20.67
C GLY B 36 25.97 37.81 -19.22
N ARG B 37 25.48 39.00 -18.86
CA ARG B 37 25.63 39.50 -17.50
C ARG B 37 24.46 39.15 -16.58
N SER B 38 24.72 39.25 -15.27
CA SER B 38 23.74 38.97 -14.22
C SER B 38 22.90 40.22 -13.99
N PHE B 39 21.59 40.11 -14.21
CA PHE B 39 20.71 41.25 -14.07
C PHE B 39 20.70 42.04 -12.77
N ILE B 40 20.79 41.40 -11.59
CA ILE B 40 20.76 42.19 -10.34
C ILE B 40 21.89 43.21 -10.27
N ASP B 41 22.97 42.94 -10.99
CA ASP B 41 24.12 43.81 -11.04
C ASP B 41 23.74 45.22 -11.45
N PHE B 42 22.58 45.39 -12.09
CA PHE B 42 22.15 46.71 -12.54
C PHE B 42 21.08 47.32 -11.66
N VAL B 43 20.58 46.51 -10.73
CA VAL B 43 19.57 46.93 -9.80
C VAL B 43 20.25 47.46 -8.53
N HIS B 44 19.92 48.70 -8.17
CA HIS B 44 20.46 49.33 -6.96
C HIS B 44 20.32 48.46 -5.68
N LEU B 45 21.30 48.57 -4.80
CA LEU B 45 21.36 47.82 -3.55
C LEU B 45 20.09 47.85 -2.72
N LYS B 46 19.57 49.04 -2.53
CA LYS B 46 18.36 49.24 -1.73
C LYS B 46 17.10 48.63 -2.32
N ASP B 47 17.18 48.22 -3.58
CA ASP B 47 16.04 47.64 -4.28
C ASP B 47 16.23 46.17 -4.64
N ARG B 48 17.23 45.55 -4.04
CA ARG B 48 17.48 44.16 -4.32
C ARG B 48 16.55 43.24 -3.56
N ALA B 49 16.20 43.60 -2.33
CA ALA B 49 15.30 42.76 -1.53
C ALA B 49 13.88 42.88 -2.07
N THR B 50 13.61 44.02 -2.69
CA THR B 50 12.31 44.27 -3.28
C THR B 50 12.24 43.45 -4.57
N PHE B 51 13.30 43.46 -5.34
CA PHE B 51 13.32 42.73 -6.58
C PHE B 51 13.30 41.22 -6.31
N ALA B 52 13.93 40.79 -5.23
CA ALA B 52 13.98 39.38 -4.89
C ALA B 52 12.59 38.88 -4.48
N SER B 53 11.98 39.58 -3.53
CA SER B 53 10.66 39.21 -3.05
C SER B 53 9.65 39.15 -4.19
N GLN B 54 9.74 40.10 -5.12
CA GLN B 54 8.84 40.15 -6.25
C GLN B 54 8.90 38.94 -7.15
N ILE B 55 10.08 38.54 -7.58
CA ILE B 55 10.12 37.37 -8.43
C ILE B 55 9.75 36.15 -7.60
N THR B 56 10.18 36.12 -6.34
CA THR B 56 9.87 34.98 -5.48
C THR B 56 8.37 34.72 -5.30
N THR B 57 7.62 35.72 -4.88
CA THR B 57 6.18 35.55 -4.68
C THR B 57 5.41 35.53 -6.00
N GLY B 58 6.08 35.77 -7.12
CA GLY B 58 5.42 35.79 -8.41
C GLY B 58 5.74 34.69 -9.40
N ILE B 59 6.65 33.80 -9.05
CA ILE B 59 7.08 32.70 -9.94
C ILE B 59 6.00 31.63 -10.15
N ALA B 72 -3.41 42.46 -13.99
CA ALA B 72 -2.05 42.50 -14.59
C ALA B 72 -1.02 41.73 -13.74
N LYS B 73 0.07 41.31 -14.38
CA LYS B 73 1.15 40.57 -13.72
C LYS B 73 1.94 41.54 -12.82
N SER B 74 2.86 41.00 -12.02
CA SER B 74 3.67 41.82 -11.11
C SER B 74 4.29 43.07 -11.74
N THR B 75 4.12 44.21 -11.08
CA THR B 75 4.66 45.50 -11.52
C THR B 75 5.06 46.40 -10.34
N PHE B 76 6.34 46.75 -10.29
CA PHE B 76 6.91 47.57 -9.21
C PHE B 76 8.09 48.43 -9.68
N CYS B 77 8.53 49.35 -8.82
CA CYS B 77 9.63 50.28 -9.08
C CYS B 77 10.97 49.91 -8.45
N VAL B 78 12.06 50.19 -9.16
CA VAL B 78 13.41 49.84 -8.73
C VAL B 78 14.40 50.83 -9.36
N MET B 79 15.57 51.03 -8.76
CA MET B 79 16.61 51.93 -9.31
C MET B 79 17.62 51.13 -10.15
N LEU B 80 17.90 51.61 -11.35
CA LEU B 80 18.86 50.96 -12.26
C LEU B 80 19.97 51.94 -12.63
N ARG B 81 21.21 51.46 -12.70
CA ARG B 81 22.33 52.34 -13.04
C ARG B 81 22.43 52.63 -14.52
N ARG B 82 22.81 53.87 -14.84
CA ARG B 82 22.99 54.28 -16.22
C ARG B 82 24.37 53.79 -16.64
N TYR B 83 24.69 53.95 -17.92
CA TYR B 83 26.00 53.57 -18.41
C TYR B 83 26.86 54.81 -18.24
N ARG B 84 27.90 54.72 -17.42
CA ARG B 84 28.81 55.83 -17.18
C ARG B 84 30.02 55.79 -18.10
N VAL B 98 28.79 56.65 -10.07
CA VAL B 98 27.72 56.50 -11.10
C VAL B 98 26.31 56.82 -10.57
N SER B 99 25.47 57.37 -11.46
CA SER B 99 24.12 57.73 -11.10
C SER B 99 23.15 56.58 -11.40
N TYR B 100 22.01 56.58 -10.74
CA TYR B 100 21.00 55.55 -10.95
C TYR B 100 19.70 56.27 -11.31
N GLU B 101 18.78 55.55 -11.94
CA GLU B 101 17.52 56.15 -12.31
C GLU B 101 16.34 55.27 -11.93
N PRO B 102 15.20 55.89 -11.56
CA PRO B 102 14.02 55.12 -11.19
C PRO B 102 13.40 54.49 -12.43
N PHE B 103 12.81 53.31 -12.24
CA PHE B 103 12.18 52.57 -13.32
C PHE B 103 10.98 51.76 -12.85
N ARG B 104 9.91 51.78 -13.65
CA ARG B 104 8.72 50.99 -13.37
C ARG B 104 8.96 49.74 -14.20
N LEU B 105 9.03 48.60 -13.54
CA LEU B 105 9.27 47.35 -14.23
C LEU B 105 8.00 46.58 -14.47
N GLY B 106 8.06 45.65 -15.41
CA GLY B 106 6.95 44.79 -15.73
C GLY B 106 7.51 43.38 -15.84
N LEU B 107 7.17 42.50 -14.91
CA LEU B 107 7.65 41.14 -14.94
C LEU B 107 6.61 40.24 -15.58
N THR B 108 7.10 39.27 -16.36
CA THR B 108 6.27 38.28 -17.00
C THR B 108 7.12 37.03 -17.06
N PHE B 109 6.55 35.93 -16.60
CA PHE B 109 7.23 34.65 -16.64
C PHE B 109 6.60 33.87 -17.75
N ARG B 110 7.40 33.51 -18.74
CA ARG B 110 6.95 32.77 -19.88
C ARG B 110 7.85 31.56 -19.97
N GLU B 111 7.29 30.41 -20.34
CA GLU B 111 8.10 29.21 -20.45
C GLU B 111 9.02 29.25 -21.66
N ALA B 112 10.31 29.07 -21.41
CA ALA B 112 11.34 29.06 -22.43
C ALA B 112 10.97 27.96 -23.40
N PRO B 113 10.70 28.32 -24.66
CA PRO B 113 10.30 27.36 -25.71
C PRO B 113 11.21 26.14 -25.66
N GLU B 114 10.60 25.01 -25.29
CA GLU B 114 11.30 23.74 -25.16
C GLU B 114 12.29 23.54 -26.32
N GLU B 115 13.57 23.51 -25.96
CA GLU B 115 14.69 23.35 -26.89
C GLU B 115 14.38 22.33 -28.00
N ALA B 116 14.73 22.69 -29.23
CA ALA B 116 14.47 21.83 -30.40
C ALA B 116 14.83 20.34 -30.23
N ARG B 117 15.90 20.08 -29.49
CA ARG B 117 16.46 18.75 -29.18
C ARG B 117 18.00 18.73 -29.08
N PRO B 118 18.68 19.90 -29.05
CA PRO B 118 20.15 19.85 -28.97
C PRO B 118 20.85 19.68 -27.61
N ASP B 119 20.37 20.35 -26.57
CA ASP B 119 21.08 20.31 -25.28
C ASP B 119 20.55 19.63 -24.01
N ASN B 120 19.73 20.34 -23.24
CA ASN B 120 19.26 19.79 -21.96
C ASN B 120 18.01 18.94 -21.78
N TYR B 121 18.26 17.73 -21.27
CA TYR B 121 17.28 16.71 -20.97
C TYR B 121 16.36 17.20 -19.84
N GLY B 126 12.35 18.10 -16.24
CA GLY B 126 12.78 19.51 -15.96
C GLY B 126 12.31 20.52 -17.00
N THR B 127 12.03 21.74 -16.55
CA THR B 127 11.58 22.80 -17.44
C THR B 127 12.39 24.08 -17.27
N ASN B 128 12.60 24.80 -18.36
CA ASN B 128 13.36 26.06 -18.31
C ASN B 128 12.39 27.24 -18.30
N MET B 129 12.55 28.12 -17.31
CA MET B 129 11.70 29.31 -17.16
C MET B 129 12.39 30.60 -17.61
N LEU B 130 11.63 31.48 -18.24
CA LEU B 130 12.17 32.73 -18.76
C LEU B 130 11.54 33.97 -18.16
N LEU B 131 12.35 34.87 -17.65
CA LEU B 131 11.86 36.10 -17.05
C LEU B 131 11.96 37.30 -18.02
N VAL B 132 10.82 37.88 -18.37
CA VAL B 132 10.80 39.01 -19.28
C VAL B 132 10.54 40.25 -18.46
N ILE B 133 11.35 41.29 -18.66
CA ILE B 133 11.24 42.53 -17.89
C ILE B 133 11.27 43.77 -18.77
N CYS B 134 10.25 44.61 -18.65
CA CYS B 134 10.18 45.85 -19.42
C CYS B 134 10.36 47.01 -18.47
N ALA B 135 11.36 47.86 -18.75
CA ALA B 135 11.60 49.01 -17.89
C ALA B 135 11.34 50.36 -18.56
N THR B 136 10.35 51.07 -18.04
CA THR B 136 9.97 52.38 -18.50
C THR B 136 10.37 53.36 -17.40
N PRO B 137 11.20 54.36 -17.72
CA PRO B 137 11.66 55.35 -16.77
C PRO B 137 10.64 56.30 -16.15
N ILE B 138 10.76 56.46 -14.84
CA ILE B 138 9.90 57.33 -14.03
C ILE B 138 10.52 58.72 -14.02
N LYS B 139 9.70 59.75 -14.16
CA LYS B 139 10.20 61.11 -14.15
C LYS B 139 9.39 61.95 -13.17
N SER B 140 10.01 62.97 -12.61
CA SER B 140 9.36 63.84 -11.64
C SER B 140 8.04 64.46 -12.12
N SER B 141 7.13 64.68 -11.18
CA SER B 141 5.82 65.25 -11.51
C SER B 141 5.78 66.76 -11.68
N TYR B 142 6.92 67.42 -11.52
CA TYR B 142 6.93 68.87 -11.64
C TYR B 142 7.82 69.43 -12.76
N LYS B 143 7.28 70.43 -13.45
CA LYS B 143 7.96 71.10 -14.56
C LYS B 143 8.70 72.34 -14.05
N VAL B 144 8.04 73.13 -13.21
CA VAL B 144 8.64 74.33 -12.62
C VAL B 144 8.52 74.32 -11.08
N PRO B 145 9.46 75.00 -10.41
CA PRO B 145 9.51 75.09 -8.94
C PRO B 145 8.24 75.69 -8.34
N ASP B 146 8.06 75.49 -7.03
CA ASP B 146 6.89 75.99 -6.27
C ASP B 146 5.58 75.85 -7.06
N GLU B 147 5.45 74.74 -7.79
CA GLU B 147 4.28 74.45 -8.62
C GLU B 147 2.97 74.55 -7.87
N ILE B 148 2.11 75.42 -8.36
CA ILE B 148 0.81 75.63 -7.74
C ILE B 148 -0.22 74.58 -8.09
N LEU B 149 -1.20 74.44 -7.22
CA LEU B 149 -2.25 73.45 -7.38
C LEU B 149 -3.13 73.53 -8.63
N SER B 150 -3.23 72.39 -9.32
CA SER B 150 -4.07 72.27 -10.52
C SER B 150 -4.72 70.90 -10.50
N GLN B 151 -5.45 70.59 -11.56
CA GLN B 151 -6.11 69.31 -11.70
C GLN B 151 -5.05 68.27 -12.07
N LYS B 152 -3.96 68.75 -12.65
CA LYS B 152 -2.82 67.96 -13.08
C LYS B 152 -1.92 67.62 -11.87
N SER B 153 -2.11 68.35 -10.78
CA SER B 153 -1.36 68.15 -9.55
C SER B 153 -1.60 66.76 -8.95
N PRO B 154 -0.51 66.05 -8.56
CA PRO B 154 -0.50 64.71 -7.96
C PRO B 154 -1.45 64.44 -6.79
N LYS B 155 -2.21 63.36 -6.89
CA LYS B 155 -3.11 62.98 -5.82
C LYS B 155 -2.75 61.52 -5.54
N PHE B 156 -2.54 61.18 -4.27
CA PHE B 156 -2.13 59.83 -3.89
C PHE B 156 -2.38 59.57 -2.41
N ALA B 157 -2.75 58.36 -2.05
CA ALA B 157 -2.99 58.08 -0.65
C ALA B 157 -1.83 57.34 0.03
N ILE B 158 -1.61 57.64 1.30
CA ILE B 158 -0.56 56.99 2.09
C ILE B 158 -1.23 56.47 3.34
N ARG B 159 -0.83 55.29 3.77
CA ARG B 159 -1.41 54.63 4.95
C ARG B 159 -0.39 54.27 6.00
N HIS B 160 -0.65 54.63 7.24
CA HIS B 160 0.29 54.28 8.30
C HIS B 160 -0.43 53.69 9.50
N THR B 161 0.25 52.78 10.21
CA THR B 161 -0.32 52.13 11.38
C THR B 161 -0.51 53.03 12.58
N ALA B 162 -1.17 52.48 13.59
CA ALA B 162 -1.44 53.20 14.84
C ALA B 162 -0.16 53.72 15.48
N THR B 163 0.97 53.09 15.16
CA THR B 163 2.23 53.51 15.72
C THR B 163 3.01 54.43 14.80
N GLY B 164 2.41 54.74 13.66
CA GLY B 164 3.07 55.65 12.74
C GLY B 164 3.95 55.00 11.71
N ILE B 165 3.91 53.69 11.51
CA ILE B 165 4.78 53.16 10.47
C ILE B 165 4.01 53.10 9.17
N ILE B 166 4.62 53.64 8.14
CA ILE B 166 4.04 53.70 6.81
C ILE B 166 3.90 52.28 6.26
N SER B 167 2.66 51.89 5.94
CA SER B 167 2.39 50.55 5.44
C SER B 167 1.98 50.40 4.00
N HIS B 168 1.45 51.47 3.40
CA HIS B 168 1.01 51.45 2.00
C HIS B 168 1.22 52.81 1.36
N VAL B 169 1.69 52.86 0.11
CA VAL B 169 1.86 54.14 -0.61
C VAL B 169 1.43 53.95 -2.06
N ASP B 170 0.56 54.83 -2.57
CA ASP B 170 0.12 54.70 -3.96
C ASP B 170 1.22 55.00 -4.98
N SER B 171 1.10 54.36 -6.14
CA SER B 171 2.06 54.53 -7.24
C SER B 171 2.19 56.01 -7.63
N ALA B 172 1.11 56.76 -7.43
CA ALA B 172 1.09 58.17 -7.75
C ALA B 172 2.09 58.97 -6.92
N ALA B 173 2.47 58.47 -5.75
CA ALA B 173 3.37 59.20 -4.87
C ALA B 173 4.83 59.14 -5.24
N VAL B 174 5.21 58.22 -6.12
CA VAL B 174 6.60 58.12 -6.50
C VAL B 174 7.08 59.36 -7.23
N SER B 175 6.33 59.82 -8.23
CA SER B 175 6.71 61.01 -9.00
C SER B 175 6.48 62.31 -8.23
N ALA B 176 5.74 62.22 -7.12
CA ALA B 176 5.43 63.41 -6.34
C ALA B 176 6.37 63.72 -5.15
N LEU B 177 6.95 62.67 -4.57
CA LEU B 177 7.81 62.82 -3.41
C LEU B 177 9.25 62.34 -3.67
N GLY B 178 9.44 61.58 -4.74
CA GLY B 178 10.75 61.08 -5.05
C GLY B 178 11.13 59.80 -4.35
N TYR B 179 10.20 59.21 -3.60
CA TYR B 179 10.50 57.96 -2.91
C TYR B 179 9.83 56.81 -3.59
N LEU B 180 10.55 55.70 -3.71
CA LEU B 180 10.01 54.47 -4.27
C LEU B 180 9.34 53.82 -3.04
N PRO B 181 8.21 53.14 -3.22
CA PRO B 181 7.50 52.49 -2.10
C PRO B 181 8.37 51.90 -0.99
N GLN B 182 9.39 51.14 -1.39
CA GLN B 182 10.29 50.50 -0.44
C GLN B 182 11.09 51.46 0.42
N ASP B 183 11.25 52.70 -0.04
CA ASP B 183 11.98 53.70 0.73
C ASP B 183 11.05 54.27 1.79
N LEU B 184 9.76 54.04 1.60
CA LEU B 184 8.74 54.55 2.52
C LEU B 184 8.14 53.51 3.45
N ILE B 185 7.78 52.36 2.90
CA ILE B 185 7.17 51.30 3.70
C ILE B 185 8.14 50.89 4.81
N GLY B 186 7.69 50.97 6.06
CA GLY B 186 8.52 50.59 7.19
C GLY B 186 9.08 51.74 8.01
N ARG B 187 9.15 52.94 7.41
CA ARG B 187 9.65 54.14 8.08
C ARG B 187 8.52 54.74 8.90
N SER B 188 8.83 55.71 9.75
CA SER B 188 7.80 56.35 10.54
C SER B 188 7.28 57.52 9.72
N ILE B 189 5.95 57.74 9.69
CA ILE B 189 5.39 58.86 8.95
C ILE B 189 5.89 60.16 9.61
N MET B 190 6.12 60.08 10.92
CA MET B 190 6.61 61.18 11.76
C MET B 190 7.96 61.78 11.29
N ASP B 191 8.78 60.97 10.61
CA ASP B 191 10.09 61.38 10.09
C ASP B 191 9.96 62.36 8.92
N PHE B 192 8.72 62.65 8.49
CA PHE B 192 8.51 63.50 7.32
C PHE B 192 7.77 64.79 7.54
N TYR B 193 7.38 65.06 8.77
CA TYR B 193 6.72 66.33 9.02
C TYR B 193 7.83 67.32 9.37
N HIS B 194 7.74 68.52 8.84
CA HIS B 194 8.76 69.53 9.13
C HIS B 194 8.83 69.69 10.66
N HIS B 195 10.04 69.83 11.18
CA HIS B 195 10.21 69.96 12.62
C HIS B 195 9.43 71.09 13.28
N GLU B 196 9.11 72.14 12.53
CA GLU B 196 8.35 73.28 13.07
C GLU B 196 6.85 73.02 13.06
N ASP B 197 6.41 71.96 12.39
CA ASP B 197 5.00 71.64 12.30
C ASP B 197 4.51 70.57 13.26
N LEU B 198 5.43 69.96 13.99
CA LEU B 198 5.07 68.90 14.93
C LEU B 198 3.97 69.22 15.94
N SER B 199 3.79 70.50 16.25
CA SER B 199 2.73 70.90 17.18
C SER B 199 1.39 70.98 16.45
N VAL B 200 1.42 71.43 15.19
CA VAL B 200 0.21 71.56 14.37
C VAL B 200 -0.24 70.20 13.84
N MET B 201 0.71 69.30 13.72
CA MET B 201 0.42 67.96 13.28
C MET B 201 -0.28 67.20 14.39
N LYS B 202 0.01 67.57 15.62
CA LYS B 202 -0.58 66.92 16.78
C LYS B 202 -2.08 67.19 16.89
N GLU B 203 -2.49 68.44 16.76
CA GLU B 203 -3.90 68.75 16.86
C GLU B 203 -4.64 68.06 15.73
N THR B 204 -4.01 67.97 14.56
CA THR B 204 -4.61 67.34 13.39
C THR B 204 -4.84 65.88 13.73
N TYR B 205 -3.81 65.27 14.32
CA TYR B 205 -3.88 63.88 14.74
C TYR B 205 -4.86 63.73 15.89
N GLU B 206 -5.04 64.80 16.68
CA GLU B 206 -5.99 64.76 17.76
C GLU B 206 -7.37 64.79 17.15
N THR B 207 -7.50 65.43 16.00
CA THR B 207 -8.78 65.48 15.30
C THR B 207 -9.09 64.14 14.64
N VAL B 208 -8.06 63.46 14.13
CA VAL B 208 -8.21 62.14 13.50
C VAL B 208 -8.85 61.21 14.53
N MET B 209 -8.27 61.23 15.74
CA MET B 209 -8.74 60.42 16.85
C MET B 209 -10.12 60.83 17.37
N LYS B 210 -10.48 62.10 17.24
CA LYS B 210 -11.80 62.54 17.67
C LYS B 210 -12.81 62.02 16.66
N LYS B 211 -12.51 62.21 15.38
CA LYS B 211 -13.38 61.74 14.32
C LYS B 211 -13.44 60.22 14.34
N GLY B 212 -12.40 59.60 14.87
CA GLY B 212 -12.36 58.15 14.95
C GLY B 212 -13.51 57.62 15.78
N GLN B 213 -14.32 58.52 16.33
CA GLN B 213 -15.49 58.15 17.15
C GLN B 213 -16.66 57.82 16.23
N THR B 214 -16.55 58.29 14.99
CA THR B 214 -17.57 58.05 13.98
C THR B 214 -16.86 57.31 12.84
N ALA B 215 -17.32 56.11 12.55
CA ALA B 215 -16.72 55.30 11.48
C ALA B 215 -16.85 56.01 10.15
N GLY B 216 -15.75 56.08 9.41
CA GLY B 216 -15.76 56.71 8.10
C GLY B 216 -15.85 58.23 8.01
N ALA B 217 -15.70 58.93 9.14
CA ALA B 217 -15.75 60.39 9.17
C ALA B 217 -14.41 60.96 8.75
N SER B 218 -14.44 61.92 7.81
CA SER B 218 -13.22 62.56 7.31
C SER B 218 -13.19 64.06 7.57
N PHE B 219 -12.07 64.68 7.24
CA PHE B 219 -11.90 66.11 7.42
C PHE B 219 -10.65 66.53 6.68
N CYS B 220 -10.70 67.67 6.03
CA CYS B 220 -9.52 68.15 5.34
C CYS B 220 -8.67 68.98 6.29
N SER B 221 -7.37 68.80 6.26
CA SER B 221 -6.51 69.58 7.10
C SER B 221 -5.94 70.70 6.24
N LYS B 222 -5.40 71.73 6.89
CA LYS B 222 -4.80 72.84 6.19
C LYS B 222 -3.43 72.32 5.72
N PRO B 223 -2.95 72.78 4.54
CA PRO B 223 -1.66 72.36 3.96
C PRO B 223 -0.47 72.38 4.92
N TYR B 224 0.34 71.33 4.84
CA TYR B 224 1.49 71.17 5.72
C TYR B 224 2.72 70.69 4.95
N ARG B 225 3.90 70.85 5.54
CA ARG B 225 5.15 70.45 4.88
C ARG B 225 5.44 68.95 4.96
N PHE B 226 6.00 68.42 3.89
CA PHE B 226 6.31 67.01 3.87
C PHE B 226 7.65 66.87 3.20
N LEU B 227 8.57 66.18 3.87
CA LEU B 227 9.89 65.98 3.33
C LEU B 227 9.87 65.03 2.13
N ILE B 228 10.55 65.43 1.06
CA ILE B 228 10.64 64.57 -0.12
C ILE B 228 12.08 64.08 -0.25
N GLN B 229 12.28 63.07 -1.09
CA GLN B 229 13.58 62.46 -1.33
C GLN B 229 14.74 63.45 -1.40
N ASN B 230 14.60 64.48 -2.25
CA ASN B 230 15.67 65.45 -2.45
C ASN B 230 15.98 66.42 -1.30
N GLY B 231 15.25 66.33 -0.20
CA GLY B 231 15.52 67.21 0.93
C GLY B 231 14.63 68.44 1.02
N CYS B 232 13.96 68.77 -0.07
CA CYS B 232 13.05 69.90 -0.05
C CYS B 232 11.68 69.44 0.51
N TYR B 233 10.84 70.41 0.83
CA TYR B 233 9.51 70.12 1.36
C TYR B 233 8.46 70.52 0.34
N VAL B 234 7.26 69.96 0.45
CA VAL B 234 6.16 70.31 -0.44
C VAL B 234 4.95 70.55 0.43
N LEU B 235 3.94 71.20 -0.11
CA LEU B 235 2.74 71.43 0.66
C LEU B 235 1.71 70.35 0.31
N LEU B 236 1.28 69.63 1.32
CA LEU B 236 0.33 68.54 1.14
C LEU B 236 -1.00 68.77 1.79
N GLU B 237 -2.07 68.90 1.01
CA GLU B 237 -3.36 69.05 1.65
C GLU B 237 -3.97 67.68 1.71
N THR B 238 -4.33 67.29 2.93
CA THR B 238 -4.85 65.96 3.18
C THR B 238 -6.30 65.85 3.63
N GLU B 239 -6.93 64.75 3.24
CA GLU B 239 -8.27 64.40 3.67
C GLU B 239 -8.00 63.12 4.46
N TRP B 240 -8.03 63.23 5.79
CA TRP B 240 -7.72 62.12 6.71
C TRP B 240 -8.90 61.24 7.13
N THR B 241 -8.72 59.94 6.96
CA THR B 241 -9.70 58.92 7.30
C THR B 241 -8.95 57.82 8.06
N SER B 242 -9.66 56.97 8.79
CA SER B 242 -9.02 55.89 9.54
C SER B 242 -9.91 54.67 9.74
N PHE B 243 -9.34 53.65 10.35
CA PHE B 243 -10.07 52.43 10.70
C PHE B 243 -9.74 52.02 12.13
N VAL B 244 -10.79 51.90 12.96
CA VAL B 244 -10.64 51.49 14.36
C VAL B 244 -11.30 50.13 14.54
N ASN B 245 -10.52 49.13 14.95
CA ASN B 245 -11.05 47.80 15.17
C ASN B 245 -12.23 47.92 16.16
N PRO B 246 -13.46 47.65 15.69
CA PRO B 246 -14.66 47.74 16.53
C PRO B 246 -14.73 46.75 17.66
N TRP B 247 -13.79 45.82 17.72
CA TRP B 247 -13.81 44.83 18.78
C TRP B 247 -12.83 45.18 19.90
N SER B 248 -11.69 45.75 19.53
CA SER B 248 -10.63 46.13 20.45
C SER B 248 -10.73 47.59 20.83
N ARG B 249 -11.45 48.34 20.00
CA ARG B 249 -11.65 49.77 20.23
C ARG B 249 -10.33 50.54 20.07
N LYS B 250 -9.37 49.89 19.43
CA LYS B 250 -8.05 50.42 19.14
C LYS B 250 -7.97 50.94 17.70
N LEU B 251 -7.17 51.98 17.47
CA LEU B 251 -7.01 52.49 16.10
C LEU B 251 -6.15 51.51 15.32
N GLU B 252 -6.60 51.12 14.14
CA GLU B 252 -5.87 50.16 13.31
C GLU B 252 -4.84 50.78 12.36
N PHE B 253 -5.26 51.83 11.66
CA PHE B 253 -4.40 52.54 10.72
C PHE B 253 -5.06 53.83 10.27
N VAL B 254 -4.21 54.76 9.84
CA VAL B 254 -4.67 56.03 9.35
C VAL B 254 -4.36 56.09 7.86
N VAL B 255 -5.29 56.64 7.09
CA VAL B 255 -5.06 56.82 5.68
C VAL B 255 -5.29 58.27 5.31
N GLY B 256 -4.30 58.85 4.65
CA GLY B 256 -4.40 60.23 4.24
C GLY B 256 -4.41 60.36 2.73
N HIS B 257 -5.41 61.06 2.22
CA HIS B 257 -5.52 61.28 0.78
C HIS B 257 -4.90 62.63 0.52
N HIS B 258 -3.71 62.58 -0.04
CA HIS B 258 -2.96 63.80 -0.29
C HIS B 258 -3.07 64.33 -1.69
N ARG B 259 -2.88 65.64 -1.79
CA ARG B 259 -2.89 66.34 -3.05
C ARG B 259 -1.78 67.35 -2.82
N VAL B 260 -0.77 67.31 -3.67
CA VAL B 260 0.35 68.21 -3.58
C VAL B 260 -0.08 69.63 -3.88
N PHE B 261 -0.29 70.40 -2.83
CA PHE B 261 -0.72 71.79 -2.89
C PHE B 261 0.34 72.65 -3.56
N GLN B 262 1.58 72.52 -3.08
CA GLN B 262 2.69 73.26 -3.65
C GLN B 262 3.85 72.32 -3.90
N GLY B 263 4.44 72.46 -5.07
CA GLY B 263 5.57 71.63 -5.43
C GLY B 263 6.88 72.03 -4.77
N PRO B 264 7.89 71.16 -4.85
CA PRO B 264 9.21 71.39 -4.28
C PRO B 264 9.93 72.57 -4.93
N LYS B 265 10.94 73.11 -4.24
CA LYS B 265 11.71 74.22 -4.78
C LYS B 265 12.54 73.66 -5.95
N GLN B 266 12.96 72.41 -5.82
CA GLN B 266 13.74 71.71 -6.83
C GLN B 266 12.81 70.76 -7.59
N CYS B 267 12.65 70.99 -8.90
CA CYS B 267 11.78 70.15 -9.73
C CYS B 267 12.08 68.67 -9.61
N ASN B 268 13.26 68.24 -10.04
CA ASN B 268 13.67 66.84 -9.96
C ASN B 268 13.71 66.37 -8.52
N VAL B 269 12.71 65.58 -8.14
CA VAL B 269 12.57 65.06 -6.79
C VAL B 269 13.46 63.85 -6.52
N PHE B 270 14.06 63.29 -7.55
CA PHE B 270 14.91 62.12 -7.39
C PHE B 270 16.36 62.41 -6.99
N GLU B 271 16.99 63.33 -7.72
CA GLU B 271 18.39 63.71 -7.42
C GLU B 271 18.48 64.60 -6.17
N ALA B 272 19.05 64.05 -5.10
CA ALA B 272 19.21 64.80 -3.84
C ALA B 272 19.92 66.13 -4.07
N ALA B 273 19.19 67.23 -3.83
CA ALA B 273 19.70 68.59 -3.98
C ALA B 273 20.28 69.14 -2.67
N PRO B 274 21.53 69.64 -2.72
CA PRO B 274 22.18 70.19 -1.52
C PRO B 274 21.97 71.71 -1.32
N THR B 275 20.74 72.10 -1.02
CA THR B 275 20.40 73.51 -0.80
C THR B 275 19.48 73.62 0.42
N CYS B 276 19.07 72.46 0.95
CA CYS B 276 18.17 72.40 2.10
C CYS B 276 18.85 71.63 3.23
N LYS B 277 18.84 72.16 4.45
CA LYS B 277 19.48 71.50 5.59
C LYS B 277 19.01 71.88 7.01
N LEU B 278 19.95 72.43 7.79
CA LEU B 278 19.81 72.87 9.19
C LEU B 278 19.73 71.72 10.20
N LYS B 279 19.81 72.05 11.50
CA LYS B 279 19.76 71.04 12.54
C LYS B 279 19.07 71.42 13.85
N ILE B 280 19.70 72.30 14.63
CA ILE B 280 19.21 72.76 15.94
C ILE B 280 18.85 71.63 16.93
N SER B 281 19.73 71.39 17.89
CA SER B 281 19.54 70.34 18.89
C SER B 281 18.69 70.81 20.07
N GLU B 282 18.91 70.19 21.24
CA GLU B 282 18.20 70.48 22.48
C GLU B 282 16.68 70.67 22.37
N GLU B 283 16.18 71.88 22.64
CA GLU B 283 14.74 72.16 22.58
C GLU B 283 14.09 71.93 21.20
N ALA B 284 14.85 71.36 20.28
CA ALA B 284 14.34 71.06 18.95
C ALA B 284 14.42 69.55 18.76
N GLN B 285 15.62 69.03 18.55
CA GLN B 285 15.83 67.59 18.36
C GLN B 285 15.12 66.83 19.49
N SER B 286 15.26 67.32 20.72
CA SER B 286 14.64 66.70 21.88
C SER B 286 13.16 67.02 21.97
N ARG B 287 12.83 68.28 22.19
CA ARG B 287 11.43 68.71 22.32
C ARG B 287 10.56 68.14 21.20
N ASN B 288 11.10 68.07 19.99
CA ASN B 288 10.38 67.53 18.84
C ASN B 288 10.21 66.03 19.00
N THR B 289 11.32 65.35 19.28
CA THR B 289 11.29 63.90 19.46
C THR B 289 10.34 63.49 20.59
N ARG B 290 10.06 64.41 21.51
CA ARG B 290 9.14 64.11 22.61
C ARG B 290 7.71 64.32 22.17
N ILE B 291 7.52 65.19 21.18
CA ILE B 291 6.20 65.50 20.65
C ILE B 291 5.68 64.32 19.84
N LYS B 292 6.56 63.71 19.05
CA LYS B 292 6.19 62.56 18.24
C LYS B 292 5.55 61.50 19.13
N GLU B 293 6.06 61.35 20.34
CA GLU B 293 5.52 60.39 21.29
C GLU B 293 4.13 60.76 21.74
N ASP B 294 3.92 62.02 22.13
CA ASP B 294 2.59 62.47 22.59
C ASP B 294 1.55 62.12 21.54
N ILE B 295 1.96 62.28 20.28
CA ILE B 295 1.11 61.99 19.11
C ILE B 295 0.88 60.49 19.01
N VAL B 296 1.97 59.75 18.87
CA VAL B 296 1.91 58.30 18.76
C VAL B 296 1.34 57.62 20.02
N LYS B 297 1.29 58.34 21.15
CA LYS B 297 0.74 57.82 22.38
C LYS B 297 -0.76 58.09 22.35
N ARG B 298 -1.13 59.16 21.65
CA ARG B 298 -2.52 59.59 21.48
C ARG B 298 -3.24 58.64 20.54
N LEU B 299 -2.46 58.05 19.63
CA LEU B 299 -2.96 57.11 18.65
C LEU B 299 -3.13 55.72 19.28
N ALA B 300 -2.52 55.52 20.44
CA ALA B 300 -2.58 54.24 21.16
C ALA B 300 -3.81 54.15 22.06
N GLU B 301 -4.41 55.32 22.35
CA GLU B 301 -5.58 55.44 23.20
C GLU B 301 -6.76 54.70 22.60
N THR B 302 -7.55 54.04 23.44
CA THR B 302 -8.71 53.31 22.93
C THR B 302 -9.82 54.30 22.66
N VAL B 303 -10.47 54.20 21.50
CA VAL B 303 -11.56 55.11 21.18
C VAL B 303 -12.92 54.59 21.68
N SER B 304 -13.79 55.52 22.07
CA SER B 304 -15.09 55.16 22.59
C SER B 304 -16.11 55.02 21.48
N ARG B 305 -16.91 53.96 21.56
CA ARG B 305 -17.97 53.71 20.60
C ARG B 305 -19.19 53.33 21.42
N PRO B 306 -19.89 54.35 21.96
CA PRO B 306 -21.10 54.19 22.77
C PRO B 306 -22.30 53.70 21.95
N SER B 307 -23.46 53.63 22.60
CA SER B 307 -24.69 53.19 21.93
C SER B 307 -25.99 53.63 22.62
N GLU B 308 -26.70 54.55 21.95
CA GLU B 308 -28.00 55.08 22.36
C GLU B 308 -29.05 54.11 21.80
N THR B 309 -28.61 52.86 21.64
CA THR B 309 -29.38 51.76 21.09
C THR B 309 -29.26 50.60 22.10
N VAL B 310 -30.29 49.77 22.23
CA VAL B 310 -30.21 48.66 23.19
C VAL B 310 -30.82 47.31 22.79
N LYS B 311 -31.36 46.63 23.81
CA LYS B 311 -31.98 45.30 23.76
C LYS B 311 -32.82 44.85 22.57
N GLN B 312 -34.12 45.14 22.65
CA GLN B 312 -35.06 44.73 21.63
C GLN B 312 -34.96 45.51 20.32
N GLU B 313 -34.25 46.64 20.33
CA GLU B 313 -34.09 47.40 19.10
C GLU B 313 -33.39 46.51 18.06
N VAL B 314 -32.48 45.67 18.52
CA VAL B 314 -31.75 44.79 17.63
C VAL B 314 -32.69 43.75 16.96
N SER B 315 -33.77 43.38 17.66
CA SER B 315 -34.74 42.41 17.12
C SER B 315 -35.88 43.09 16.37
N ARG B 316 -35.99 44.41 16.50
CA ARG B 316 -37.02 45.19 15.82
C ARG B 316 -36.63 45.23 14.35
N ARG B 317 -35.37 44.93 14.07
CA ARG B 317 -34.85 44.98 12.72
C ARG B 317 -34.73 43.64 11.99
N CYS B 318 -35.32 42.58 12.54
CA CYS B 318 -35.27 41.26 11.91
C CYS B 318 -35.75 41.37 10.47
N GLN B 319 -36.94 41.95 10.28
CA GLN B 319 -37.52 42.10 8.95
C GLN B 319 -36.67 42.99 8.06
N ALA B 320 -36.14 44.06 8.63
CA ALA B 320 -35.31 45.00 7.89
C ALA B 320 -34.00 44.43 7.37
N LEU B 321 -33.24 43.81 8.29
CA LEU B 321 -31.94 43.21 7.97
C LEU B 321 -32.05 41.89 7.22
N ALA B 322 -33.16 41.19 7.37
CA ALA B 322 -33.34 39.94 6.67
C ALA B 322 -33.57 40.25 5.19
N SER B 323 -34.35 41.28 4.92
CA SER B 323 -34.63 41.68 3.54
C SER B 323 -33.37 42.22 2.88
N PHE B 324 -32.57 42.93 3.66
CA PHE B 324 -31.30 43.48 3.18
C PHE B 324 -30.40 42.34 2.73
N MET B 325 -30.32 41.34 3.60
CA MET B 325 -29.51 40.14 3.38
C MET B 325 -30.10 39.22 2.32
N GLU B 326 -31.32 39.50 1.92
CA GLU B 326 -31.98 38.72 0.90
C GLU B 326 -31.41 39.21 -0.42
N THR B 327 -31.49 40.53 -0.66
CA THR B 327 -30.97 41.10 -1.90
C THR B 327 -29.46 40.92 -2.04
N LEU B 328 -28.77 40.84 -0.92
CA LEU B 328 -27.33 40.65 -0.89
C LEU B 328 -27.03 39.19 -1.29
N MET B 329 -28.10 38.40 -1.44
CA MET B 329 -28.01 36.99 -1.78
C MET B 329 -28.18 36.68 -3.24
N ASP B 330 -29.13 37.33 -3.90
CA ASP B 330 -29.33 37.10 -5.33
C ASP B 330 -28.16 37.65 -6.16
N GLU B 331 -27.16 38.20 -5.47
CA GLU B 331 -25.96 38.75 -6.09
C GLU B 331 -24.82 37.71 -6.00
N LYS C 1 -71.15 7.30 35.67
CA LYS C 1 -70.51 8.48 36.25
C LYS C 1 -69.18 8.15 36.94
N GLU C 2 -68.57 9.19 37.53
CA GLU C 2 -67.29 9.09 38.23
C GLU C 2 -67.14 10.28 39.17
N ASP C 3 -66.90 10.00 40.45
CA ASP C 3 -66.73 11.02 41.49
C ASP C 3 -66.08 12.29 40.95
N SER C 4 -66.65 13.43 41.31
CA SER C 4 -66.15 14.73 40.86
C SER C 4 -66.95 15.82 41.54
N PHE C 5 -66.49 17.06 41.43
CA PHE C 5 -67.20 18.20 42.01
C PHE C 5 -66.98 19.38 41.10
N CYS C 6 -67.93 20.31 41.07
CA CYS C 6 -67.75 21.50 40.23
C CYS C 6 -67.99 22.73 41.08
N CYS C 7 -67.51 23.86 40.60
CA CYS C 7 -67.68 25.10 41.30
C CYS C 7 -67.82 26.18 40.26
N VAL C 8 -68.12 27.38 40.71
CA VAL C 8 -68.32 28.49 39.81
C VAL C 8 -67.51 29.67 40.34
N ILE C 9 -66.46 30.03 39.62
CA ILE C 9 -65.62 31.13 40.04
C ILE C 9 -66.05 32.41 39.31
N SER C 10 -65.82 33.57 39.94
CA SER C 10 -66.15 34.84 39.31
C SER C 10 -64.89 35.37 38.60
N MET C 11 -65.01 35.90 37.39
CA MET C 11 -63.81 36.40 36.74
C MET C 11 -63.55 37.85 37.10
N HIS C 12 -64.34 38.38 38.03
CA HIS C 12 -64.18 39.75 38.49
C HIS C 12 -63.08 39.77 39.56
N ASP C 13 -63.25 38.93 40.58
CA ASP C 13 -62.30 38.84 41.69
C ASP C 13 -61.79 37.43 42.01
N GLY C 14 -62.20 36.45 41.20
CA GLY C 14 -61.72 35.08 41.37
C GLY C 14 -62.11 34.28 42.59
N ILE C 15 -63.12 34.73 43.32
CA ILE C 15 -63.57 33.99 44.51
C ILE C 15 -64.62 32.97 44.08
N VAL C 16 -64.69 31.83 44.75
CA VAL C 16 -65.71 30.85 44.37
C VAL C 16 -67.09 31.27 44.89
N LEU C 17 -68.07 31.16 44.01
CA LEU C 17 -69.45 31.56 44.26
C LEU C 17 -70.34 30.42 44.69
N TYR C 18 -70.23 29.30 43.99
CA TYR C 18 -71.05 28.13 44.25
C TYR C 18 -70.16 26.91 44.13
N THR C 19 -70.64 25.77 44.64
CA THR C 19 -69.93 24.48 44.63
C THR C 19 -70.94 23.33 44.67
N THR C 20 -70.56 22.14 44.20
CA THR C 20 -71.49 21.01 44.30
C THR C 20 -71.23 20.39 45.67
N PRO C 21 -72.25 19.74 46.25
CA PRO C 21 -72.12 19.11 47.58
C PRO C 21 -71.06 18.00 47.64
N SER C 22 -70.77 17.39 46.49
CA SER C 22 -69.81 16.30 46.40
C SER C 22 -68.38 16.76 46.70
N ILE C 23 -68.17 18.06 46.74
CA ILE C 23 -66.85 18.65 47.02
C ILE C 23 -66.30 18.06 48.33
N THR C 24 -67.21 17.64 49.21
CA THR C 24 -66.85 17.06 50.48
C THR C 24 -66.39 15.63 50.27
N ASP C 25 -67.23 14.82 49.63
CA ASP C 25 -66.90 13.43 49.37
C ASP C 25 -65.60 13.34 48.58
N VAL C 26 -65.34 14.35 47.76
CA VAL C 26 -64.16 14.37 46.90
C VAL C 26 -62.90 14.95 47.52
N LEU C 27 -62.98 16.17 48.02
CA LEU C 27 -61.80 16.80 48.62
C LEU C 27 -61.88 17.01 50.13
N GLY C 28 -62.93 16.47 50.75
CA GLY C 28 -63.10 16.59 52.18
C GLY C 28 -63.49 17.96 52.72
N TYR C 29 -63.56 18.96 51.84
CA TYR C 29 -63.94 20.30 52.23
C TYR C 29 -65.42 20.41 52.60
N PRO C 30 -65.73 20.99 53.77
CA PRO C 30 -67.10 21.17 54.22
C PRO C 30 -67.93 21.94 53.19
N ARG C 31 -69.08 21.36 52.84
CA ARG C 31 -70.03 21.89 51.86
C ARG C 31 -69.84 23.31 51.30
N ASP C 32 -69.72 24.31 52.17
CA ASP C 32 -69.53 25.67 51.70
C ASP C 32 -68.36 26.38 52.34
N MET C 33 -67.27 25.63 52.53
CA MET C 33 -66.08 26.17 53.11
C MET C 33 -65.28 26.90 52.03
N TRP C 34 -65.55 26.55 50.77
CA TRP C 34 -64.88 27.15 49.61
C TRP C 34 -65.44 28.51 49.21
N LEU C 35 -66.73 28.73 49.49
CA LEU C 35 -67.38 29.99 49.14
C LEU C 35 -66.60 31.20 49.61
N GLY C 36 -66.46 32.17 48.72
CA GLY C 36 -65.74 33.39 49.04
C GLY C 36 -64.22 33.29 49.08
N ARG C 37 -63.69 32.08 48.93
CA ARG C 37 -62.24 31.90 48.95
C ARG C 37 -61.64 31.96 47.54
N SER C 38 -60.46 32.55 47.42
CA SER C 38 -59.79 32.67 46.12
C SER C 38 -59.50 31.25 45.66
N PHE C 39 -59.89 30.93 44.42
CA PHE C 39 -59.71 29.58 43.88
C PHE C 39 -58.27 29.04 43.78
N ILE C 40 -57.34 29.87 43.28
CA ILE C 40 -55.94 29.45 43.13
C ILE C 40 -55.26 28.91 44.37
N ASP C 41 -55.69 29.37 45.54
CA ASP C 41 -55.10 28.88 46.79
C ASP C 41 -55.16 27.35 46.90
N PHE C 42 -56.17 26.74 46.27
CA PHE C 42 -56.33 25.29 46.29
C PHE C 42 -55.56 24.58 45.16
N VAL C 43 -55.05 25.37 44.21
CA VAL C 43 -54.25 24.85 43.10
C VAL C 43 -52.79 24.88 43.50
N HIS C 44 -52.10 23.75 43.35
CA HIS C 44 -50.69 23.64 43.69
C HIS C 44 -49.82 24.74 43.07
N LEU C 45 -48.72 25.05 43.72
CA LEU C 45 -47.83 26.09 43.25
C LEU C 45 -47.22 25.74 41.90
N LYS C 46 -46.87 24.46 41.72
CA LYS C 46 -46.25 24.00 40.48
C LYS C 46 -47.21 24.08 39.33
N ASP C 47 -48.50 24.13 39.65
CA ASP C 47 -49.54 24.18 38.64
C ASP C 47 -50.21 25.53 38.40
N ARG C 48 -49.90 26.52 39.23
CA ARG C 48 -50.53 27.82 39.04
C ARG C 48 -50.21 28.40 37.65
N ALA C 49 -48.95 28.25 37.22
CA ALA C 49 -48.52 28.77 35.93
C ALA C 49 -49.31 28.15 34.77
N THR C 50 -49.58 26.84 34.91
CA THR C 50 -50.34 26.11 33.91
C THR C 50 -51.79 26.57 33.95
N PHE C 51 -52.32 26.74 35.17
CA PHE C 51 -53.69 27.17 35.34
C PHE C 51 -53.95 28.54 34.72
N ALA C 52 -53.02 29.48 34.89
CA ALA C 52 -53.14 30.84 34.37
C ALA C 52 -53.12 30.89 32.85
N SER C 53 -52.19 30.14 32.26
CA SER C 53 -52.08 30.10 30.82
C SER C 53 -53.36 29.55 30.20
N GLN C 54 -53.97 28.59 30.86
CA GLN C 54 -55.19 27.99 30.37
C GLN C 54 -56.37 28.93 30.32
N ILE C 55 -56.56 29.73 31.36
CA ILE C 55 -57.70 30.64 31.33
C ILE C 55 -57.39 31.90 30.50
N THR C 56 -56.12 32.29 30.45
CA THR C 56 -55.72 33.48 29.68
C THR C 56 -55.93 33.27 28.20
N THR C 57 -55.63 32.08 27.72
CA THR C 57 -55.77 31.76 26.30
C THR C 57 -57.10 31.06 26.03
N GLY C 58 -58.05 31.23 26.94
CA GLY C 58 -59.34 30.59 26.75
C GLY C 58 -60.51 31.54 26.96
N ILE C 59 -60.21 32.71 27.51
CA ILE C 59 -61.22 33.71 27.81
C ILE C 59 -61.92 34.21 26.55
N ALA C 72 -64.16 20.28 22.09
CA ALA C 72 -64.53 20.55 23.51
C ALA C 72 -63.82 21.80 24.04
N LYS C 73 -64.21 22.24 25.24
CA LYS C 73 -63.60 23.42 25.86
C LYS C 73 -62.34 22.98 26.63
N SER C 74 -61.49 23.94 26.99
CA SER C 74 -60.24 23.66 27.70
C SER C 74 -60.29 22.59 28.82
N THR C 75 -59.48 21.53 28.65
CA THR C 75 -59.40 20.41 29.61
C THR C 75 -57.95 19.99 29.94
N PHE C 76 -57.49 20.30 31.16
CA PHE C 76 -56.14 19.96 31.61
C PHE C 76 -56.09 19.38 33.03
N CYS C 77 -54.88 19.13 33.52
CA CYS C 77 -54.67 18.54 34.85
C CYS C 77 -53.90 19.43 35.81
N VAL C 78 -54.31 19.40 37.08
CA VAL C 78 -53.70 20.21 38.11
C VAL C 78 -53.81 19.41 39.42
N MET C 79 -53.12 19.86 40.46
CA MET C 79 -53.18 19.20 41.78
C MET C 79 -53.89 20.13 42.76
N LEU C 80 -54.92 19.61 43.42
CA LEU C 80 -55.68 20.40 44.41
C LEU C 80 -55.42 19.88 45.84
N ARG C 81 -55.51 20.75 46.82
CA ARG C 81 -55.25 20.34 48.20
C ARG C 81 -56.44 19.79 48.95
N ARG C 82 -56.21 18.69 49.66
CA ARG C 82 -57.26 18.06 50.44
C ARG C 82 -57.49 18.81 51.73
N TYR C 83 -58.70 18.68 52.25
CA TYR C 83 -59.08 19.32 53.50
C TYR C 83 -58.40 18.50 54.58
N ARG C 84 -57.58 19.17 55.40
CA ARG C 84 -56.87 18.51 56.50
C ARG C 84 -57.36 19.00 57.87
N VAL C 98 -50.08 18.67 54.78
CA VAL C 98 -51.26 18.48 53.87
C VAL C 98 -50.89 17.87 52.51
N SER C 99 -51.74 16.97 52.02
CA SER C 99 -51.50 16.33 50.73
C SER C 99 -52.22 17.00 49.55
N TYR C 100 -51.81 16.63 48.34
CA TYR C 100 -52.41 17.14 47.13
C TYR C 100 -52.77 15.98 46.23
N GLU C 101 -53.90 16.09 45.56
CA GLU C 101 -54.32 15.03 44.68
C GLU C 101 -54.45 15.57 43.27
N PRO C 102 -54.33 14.69 42.27
CA PRO C 102 -54.43 15.02 40.85
C PRO C 102 -55.87 15.18 40.41
N PHE C 103 -56.12 16.17 39.57
CA PHE C 103 -57.46 16.40 39.08
C PHE C 103 -57.44 16.85 37.65
N ARG C 104 -58.32 16.27 36.86
CA ARG C 104 -58.47 16.63 35.47
C ARG C 104 -59.56 17.66 35.53
N LEU C 105 -59.25 18.89 35.17
CA LEU C 105 -60.22 19.96 35.19
C LEU C 105 -60.95 20.18 33.87
N GLY C 106 -62.12 20.80 33.95
CA GLY C 106 -62.91 21.09 32.77
C GLY C 106 -63.40 22.52 32.91
N LEU C 107 -62.79 23.45 32.17
CA LEU C 107 -63.17 24.85 32.22
C LEU C 107 -64.27 25.15 31.23
N THR C 108 -65.06 26.16 31.55
CA THR C 108 -66.15 26.60 30.68
C THR C 108 -66.46 28.02 31.08
N PHE C 109 -66.46 28.92 30.11
CA PHE C 109 -66.77 30.29 30.41
C PHE C 109 -68.19 30.59 29.95
N ARG C 110 -69.01 30.99 30.91
CA ARG C 110 -70.40 31.32 30.64
C ARG C 110 -70.65 32.72 31.22
N GLU C 111 -71.33 33.56 30.45
CA GLU C 111 -71.60 34.91 30.90
C GLU C 111 -72.59 34.91 32.05
N ALA C 112 -72.24 35.63 33.12
CA ALA C 112 -73.08 35.73 34.30
C ALA C 112 -74.44 36.29 33.90
N PRO C 113 -75.53 35.67 34.36
CA PRO C 113 -76.88 36.14 34.03
C PRO C 113 -77.01 37.60 34.47
N GLU C 114 -77.10 38.49 33.49
CA GLU C 114 -77.19 39.92 33.70
C GLU C 114 -78.05 40.23 34.92
N GLU C 115 -77.40 40.82 35.92
CA GLU C 115 -78.03 41.19 37.17
C GLU C 115 -79.44 41.71 36.90
N ALA C 116 -80.40 41.26 37.71
CA ALA C 116 -81.81 41.66 37.57
C ALA C 116 -82.05 43.18 37.37
N ARG C 117 -81.23 43.97 38.07
CA ARG C 117 -81.23 45.44 38.08
C ARG C 117 -80.79 46.02 39.44
N PRO C 118 -80.24 45.18 40.35
CA PRO C 118 -79.85 45.76 41.65
C PRO C 118 -78.53 46.50 41.79
N ASP C 119 -77.43 45.91 41.32
CA ASP C 119 -76.10 46.47 41.55
C ASP C 119 -75.27 47.23 40.51
N ASN C 120 -74.30 46.56 39.90
CA ASN C 120 -73.38 47.19 38.95
C ASN C 120 -73.75 47.55 37.50
N TYR C 121 -73.64 48.85 37.24
CA TYR C 121 -73.92 49.46 35.94
C TYR C 121 -73.08 48.88 34.81
N GLY C 126 -70.37 47.51 30.75
CA GLY C 126 -69.45 46.32 30.81
C GLY C 126 -70.14 44.99 31.00
N THR C 127 -69.36 43.91 31.09
CA THR C 127 -69.93 42.58 31.26
C THR C 127 -69.24 41.69 32.31
N ASN C 128 -70.06 41.07 33.16
CA ASN C 128 -69.55 40.19 34.20
C ASN C 128 -69.45 38.77 33.68
N MET C 129 -68.31 38.13 33.94
CA MET C 129 -68.07 36.76 33.49
C MET C 129 -68.15 35.76 34.65
N LEU C 130 -68.17 34.47 34.30
CA LEU C 130 -68.25 33.37 35.27
C LEU C 130 -67.46 32.17 34.74
N LEU C 131 -66.64 31.56 35.58
CA LEU C 131 -65.82 30.40 35.19
C LEU C 131 -66.25 29.10 35.87
N VAL C 132 -66.74 28.14 35.10
CA VAL C 132 -67.16 26.87 35.69
C VAL C 132 -66.13 25.79 35.54
N ILE C 133 -65.71 25.22 36.66
CA ILE C 133 -64.69 24.17 36.69
C ILE C 133 -65.24 22.88 37.25
N CYS C 134 -64.96 21.78 36.57
CA CYS C 134 -65.39 20.47 37.03
C CYS C 134 -64.16 19.60 37.28
N ALA C 135 -63.89 19.35 38.55
CA ALA C 135 -62.74 18.57 38.98
C ALA C 135 -63.07 17.11 39.22
N THR C 136 -62.55 16.26 38.35
CA THR C 136 -62.75 14.85 38.50
C THR C 136 -61.36 14.26 38.80
N PRO C 137 -61.25 13.47 39.89
CA PRO C 137 -60.01 12.83 40.33
C PRO C 137 -59.39 11.89 39.31
N ILE C 138 -58.07 11.80 39.37
CA ILE C 138 -57.30 10.93 38.47
C ILE C 138 -56.70 9.87 39.37
N LYS C 139 -56.68 8.62 38.91
CA LYS C 139 -56.14 7.54 39.72
C LYS C 139 -55.06 6.75 38.99
N SER C 140 -54.16 6.12 39.75
CA SER C 140 -53.08 5.32 39.18
C SER C 140 -53.63 4.20 38.29
N SER C 141 -52.83 3.79 37.30
CA SER C 141 -53.24 2.75 36.37
C SER C 141 -53.13 1.34 36.90
N TYR C 142 -52.42 1.16 38.01
CA TYR C 142 -52.19 -0.17 38.55
C TYR C 142 -52.95 -0.54 39.82
N LYS C 143 -53.48 -1.76 39.82
CA LYS C 143 -54.22 -2.29 40.97
C LYS C 143 -53.27 -3.14 41.85
N VAL C 144 -52.37 -3.89 41.21
CA VAL C 144 -51.38 -4.70 41.92
C VAL C 144 -49.97 -4.38 41.38
N PRO C 145 -48.94 -4.66 42.19
CA PRO C 145 -47.51 -4.46 41.90
C PRO C 145 -46.96 -5.26 40.75
N ASP C 146 -45.95 -4.72 40.09
CA ASP C 146 -45.29 -5.36 38.95
C ASP C 146 -46.35 -5.90 37.97
N GLU C 147 -47.43 -5.13 37.80
CA GLU C 147 -48.54 -5.50 36.93
C GLU C 147 -48.06 -5.92 35.54
N ILE C 148 -48.64 -6.98 35.01
CA ILE C 148 -48.20 -7.46 33.71
C ILE C 148 -48.99 -6.94 32.50
N LEU C 149 -48.39 -7.11 31.34
CA LEU C 149 -49.00 -6.63 30.11
C LEU C 149 -50.32 -7.27 29.73
N SER C 150 -51.26 -6.40 29.38
CA SER C 150 -52.59 -6.81 28.95
C SER C 150 -53.14 -5.75 28.01
N GLN C 151 -54.35 -5.98 27.51
CA GLN C 151 -54.98 -5.02 26.62
C GLN C 151 -55.29 -3.79 27.45
N LYS C 152 -55.53 -4.02 28.73
CA LYS C 152 -55.86 -2.95 29.67
C LYS C 152 -54.64 -2.10 30.04
N SER C 153 -53.44 -2.54 29.66
CA SER C 153 -52.21 -1.78 29.93
C SER C 153 -52.25 -0.40 29.25
N PRO C 154 -51.71 0.64 29.94
CA PRO C 154 -51.72 1.98 29.37
C PRO C 154 -50.86 2.12 28.13
N LYS C 155 -51.38 2.87 27.16
CA LYS C 155 -50.65 3.13 25.94
C LYS C 155 -50.75 4.64 25.71
N PHE C 156 -49.58 5.27 25.55
CA PHE C 156 -49.51 6.71 25.35
C PHE C 156 -48.25 7.05 24.57
N ALA C 157 -48.18 8.28 24.08
CA ALA C 157 -47.02 8.72 23.34
C ALA C 157 -46.40 9.92 24.03
N ILE C 158 -45.12 10.10 23.76
CA ILE C 158 -44.33 11.19 24.30
C ILE C 158 -43.47 11.70 23.15
N ARG C 159 -43.38 13.02 23.02
CA ARG C 159 -42.57 13.60 21.95
C ARG C 159 -41.45 14.47 22.50
N HIS C 160 -40.25 14.27 22.01
CA HIS C 160 -39.16 15.12 22.47
C HIS C 160 -38.37 15.67 21.31
N THR C 161 -37.86 16.88 21.48
CA THR C 161 -37.07 17.57 20.46
C THR C 161 -35.78 16.83 20.22
N ALA C 162 -35.05 17.23 19.19
CA ALA C 162 -33.78 16.60 18.86
C ALA C 162 -32.72 16.87 19.94
N THR C 163 -32.97 17.87 20.77
CA THR C 163 -32.07 18.18 21.87
C THR C 163 -32.48 17.34 23.08
N GLY C 164 -33.52 16.53 22.90
CA GLY C 164 -34.01 15.66 23.94
C GLY C 164 -35.04 16.27 24.88
N ILE C 165 -35.55 17.47 24.62
CA ILE C 165 -36.52 18.01 25.56
C ILE C 165 -37.96 17.66 25.22
N ILE C 166 -38.62 17.02 26.19
CA ILE C 166 -39.99 16.57 26.05
C ILE C 166 -40.90 17.74 25.68
N SER C 167 -41.66 17.57 24.60
CA SER C 167 -42.55 18.65 24.17
C SER C 167 -44.02 18.32 24.20
N HIS C 168 -44.35 17.04 24.22
CA HIS C 168 -45.75 16.60 24.27
C HIS C 168 -45.90 15.25 24.96
N VAL C 169 -46.87 15.14 25.85
CA VAL C 169 -47.15 13.84 26.47
C VAL C 169 -48.66 13.64 26.33
N ASP C 170 -49.07 12.42 25.97
CA ASP C 170 -50.49 12.11 25.83
C ASP C 170 -51.12 12.02 27.20
N SER C 171 -52.42 12.29 27.22
CA SER C 171 -53.23 12.27 28.44
C SER C 171 -53.13 10.98 29.24
N ALA C 172 -53.17 9.85 28.54
CA ALA C 172 -53.09 8.54 29.18
C ALA C 172 -51.86 8.45 30.09
N ALA C 173 -50.78 9.11 29.68
CA ALA C 173 -49.51 9.10 30.43
C ALA C 173 -49.66 9.51 31.88
N VAL C 174 -50.61 10.40 32.17
CA VAL C 174 -50.79 10.87 33.54
C VAL C 174 -51.05 9.76 34.55
N SER C 175 -51.99 8.85 34.28
CA SER C 175 -52.29 7.76 35.21
C SER C 175 -51.20 6.68 35.29
N ALA C 176 -50.41 6.56 34.23
CA ALA C 176 -49.38 5.52 34.18
C ALA C 176 -47.96 5.85 34.66
N LEU C 177 -47.62 7.12 34.80
CA LEU C 177 -46.27 7.51 35.18
C LEU C 177 -46.28 8.39 36.41
N GLY C 178 -47.42 8.98 36.69
CA GLY C 178 -47.53 9.82 37.86
C GLY C 178 -47.24 11.29 37.59
N TYR C 179 -46.72 11.60 36.40
CA TYR C 179 -46.43 13.00 36.08
C TYR C 179 -47.62 13.66 35.40
N LEU C 180 -47.72 14.96 35.59
CA LEU C 180 -48.73 15.77 34.93
C LEU C 180 -47.96 16.21 33.71
N PRO C 181 -48.63 16.45 32.57
CA PRO C 181 -47.91 16.88 31.37
C PRO C 181 -46.88 17.97 31.69
N GLN C 182 -47.29 18.95 32.50
CA GLN C 182 -46.40 20.02 32.91
C GLN C 182 -45.17 19.58 33.73
N ASP C 183 -45.25 18.47 34.46
CA ASP C 183 -44.10 18.00 35.22
C ASP C 183 -43.08 17.40 34.23
N LEU C 184 -43.51 17.17 32.99
CA LEU C 184 -42.68 16.54 31.96
C LEU C 184 -42.23 17.43 30.80
N ILE C 185 -43.10 18.34 30.36
CA ILE C 185 -42.75 19.23 29.28
C ILE C 185 -41.62 20.15 29.75
N GLY C 186 -40.63 20.33 28.87
CA GLY C 186 -39.48 21.15 29.20
C GLY C 186 -38.34 20.33 29.80
N ARG C 187 -38.68 19.17 30.38
CA ARG C 187 -37.66 18.31 30.99
C ARG C 187 -36.91 17.57 29.89
N SER C 188 -35.72 17.08 30.21
CA SER C 188 -34.97 16.32 29.24
C SER C 188 -35.38 14.87 29.45
N ILE C 189 -35.58 14.14 28.36
CA ILE C 189 -35.99 12.75 28.41
C ILE C 189 -34.93 11.89 29.11
N MET C 190 -33.67 12.27 28.95
CA MET C 190 -32.53 11.57 29.54
C MET C 190 -32.63 11.34 31.05
N ASP C 191 -33.20 12.33 31.76
CA ASP C 191 -33.36 12.26 33.21
C ASP C 191 -34.35 11.18 33.62
N PHE C 192 -34.86 10.41 32.66
CA PHE C 192 -35.82 9.39 32.97
C PHE C 192 -35.40 7.97 32.66
N TYR C 193 -34.30 7.82 31.95
CA TYR C 193 -33.80 6.49 31.63
C TYR C 193 -33.01 6.02 32.84
N HIS C 194 -32.91 4.71 33.04
CA HIS C 194 -32.16 4.19 34.21
C HIS C 194 -30.66 4.31 33.95
N HIS C 195 -29.89 4.65 34.98
CA HIS C 195 -28.45 4.82 34.77
C HIS C 195 -27.68 3.64 34.16
N GLU C 196 -28.25 2.44 34.25
CA GLU C 196 -27.61 1.27 33.66
C GLU C 196 -28.05 1.00 32.25
N ASP C 197 -29.11 1.67 31.81
CA ASP C 197 -29.63 1.48 30.46
C ASP C 197 -29.19 2.54 29.44
N LEU C 198 -28.41 3.52 29.88
CA LEU C 198 -27.98 4.58 28.99
C LEU C 198 -27.15 4.09 27.80
N SER C 199 -26.55 2.91 27.93
CA SER C 199 -25.78 2.35 26.84
C SER C 199 -26.72 1.69 25.82
N VAL C 200 -27.66 0.90 26.31
CA VAL C 200 -28.63 0.24 25.45
C VAL C 200 -29.62 1.28 24.89
N MET C 201 -29.71 2.42 25.55
CA MET C 201 -30.59 3.49 25.10
C MET C 201 -29.84 4.15 23.94
N LYS C 202 -28.55 4.42 24.15
CA LYS C 202 -27.72 5.04 23.13
C LYS C 202 -27.78 4.32 21.79
N GLU C 203 -27.97 2.99 21.85
CA GLU C 203 -28.04 2.22 20.63
C GLU C 203 -29.42 2.26 20.02
N THR C 204 -30.45 2.48 20.85
CA THR C 204 -31.79 2.54 20.32
C THR C 204 -31.86 3.84 19.53
N TYR C 205 -31.42 4.94 20.15
CA TYR C 205 -31.41 6.23 19.49
C TYR C 205 -30.53 6.24 18.23
N GLU C 206 -29.43 5.49 18.24
CA GLU C 206 -28.60 5.42 17.05
C GLU C 206 -29.38 4.75 15.93
N THR C 207 -30.33 3.87 16.31
CA THR C 207 -31.20 3.15 15.38
C THR C 207 -32.25 4.09 14.82
N VAL C 208 -32.72 5.00 15.69
CA VAL C 208 -33.73 5.98 15.32
C VAL C 208 -33.18 6.82 14.17
N MET C 209 -31.94 7.28 14.33
CA MET C 209 -31.24 8.08 13.35
C MET C 209 -31.02 7.29 12.06
N LYS C 210 -30.86 5.98 12.16
CA LYS C 210 -30.67 5.21 10.94
C LYS C 210 -32.01 5.13 10.23
N LYS C 211 -33.07 4.89 10.99
CA LYS C 211 -34.40 4.80 10.42
C LYS C 211 -34.81 6.14 9.88
N GLY C 212 -34.02 7.16 10.20
CA GLY C 212 -34.31 8.51 9.76
C GLY C 212 -34.04 8.75 8.29
N GLN C 213 -33.31 7.82 7.67
CA GLN C 213 -32.98 7.89 6.26
C GLN C 213 -34.24 7.68 5.42
N THR C 214 -35.25 7.11 6.05
CA THR C 214 -36.50 6.84 5.37
C THR C 214 -37.61 7.38 6.23
N ALA C 215 -38.36 8.32 5.68
CA ALA C 215 -39.48 8.95 6.37
C ALA C 215 -40.55 7.92 6.79
N GLY C 216 -40.99 7.99 8.04
CA GLY C 216 -42.02 7.10 8.56
C GLY C 216 -41.60 5.69 9.01
N ALA C 217 -40.34 5.35 8.82
CA ALA C 217 -39.82 4.04 9.19
C ALA C 217 -39.83 3.85 10.69
N SER C 218 -40.67 2.94 11.17
CA SER C 218 -40.75 2.68 12.61
C SER C 218 -40.10 1.36 12.98
N PHE C 219 -39.77 1.24 14.26
CA PHE C 219 -39.18 0.03 14.77
C PHE C 219 -39.47 -0.06 16.26
N CYS C 220 -39.53 -1.30 16.76
CA CYS C 220 -39.78 -1.58 18.16
C CYS C 220 -38.50 -1.92 18.90
N SER C 221 -38.41 -1.42 20.13
CA SER C 221 -37.25 -1.69 20.94
C SER C 221 -37.68 -2.57 22.11
N LYS C 222 -36.70 -3.30 22.64
CA LYS C 222 -36.89 -4.21 23.78
C LYS C 222 -37.24 -3.35 25.00
N PRO C 223 -38.16 -3.81 25.87
CA PRO C 223 -38.58 -3.06 27.07
C PRO C 223 -37.43 -2.56 27.94
N TYR C 224 -37.47 -1.26 28.24
CA TYR C 224 -36.43 -0.61 29.04
C TYR C 224 -37.10 0.13 30.19
N ARG C 225 -36.34 0.42 31.23
CA ARG C 225 -36.89 1.09 32.41
C ARG C 225 -37.05 2.58 32.20
N PHE C 226 -38.11 3.13 32.78
CA PHE C 226 -38.41 4.56 32.66
C PHE C 226 -38.83 5.02 34.04
N LEU C 227 -38.23 6.10 34.52
CA LEU C 227 -38.49 6.63 35.85
C LEU C 227 -39.86 7.29 35.98
N ILE C 228 -40.63 6.94 37.01
CA ILE C 228 -41.94 7.56 37.20
C ILE C 228 -41.94 8.42 38.45
N GLN C 229 -42.98 9.25 38.58
CA GLN C 229 -43.15 10.15 39.70
C GLN C 229 -42.71 9.65 41.09
N ASN C 230 -43.22 8.50 41.49
CA ASN C 230 -42.89 7.98 42.81
C ASN C 230 -41.46 7.52 43.04
N GLY C 231 -40.62 7.65 42.02
CA GLY C 231 -39.25 7.22 42.13
C GLY C 231 -39.01 5.84 41.57
N CYS C 232 -40.07 5.01 41.51
CA CYS C 232 -39.98 3.65 40.98
C CYS C 232 -39.81 3.66 39.47
N TYR C 233 -39.44 2.51 38.92
CA TYR C 233 -39.26 2.38 37.48
C TYR C 233 -40.32 1.51 36.86
N VAL C 234 -40.56 1.68 35.56
CA VAL C 234 -41.51 0.85 34.83
C VAL C 234 -40.86 0.41 33.54
N LEU C 235 -41.33 -0.71 33.00
CA LEU C 235 -40.80 -1.21 31.75
C LEU C 235 -41.71 -0.70 30.67
N LEU C 236 -41.10 -0.06 29.69
CA LEU C 236 -41.82 0.52 28.58
C LEU C 236 -41.44 -0.16 27.27
N GLU C 237 -42.43 -0.61 26.51
CA GLU C 237 -42.09 -1.18 25.23
C GLU C 237 -42.55 -0.14 24.22
N THR C 238 -41.56 0.42 23.54
CA THR C 238 -41.71 1.53 22.61
C THR C 238 -41.54 1.29 21.12
N GLU C 239 -42.33 2.04 20.36
CA GLU C 239 -42.28 2.01 18.91
C GLU C 239 -41.84 3.43 18.55
N TRP C 240 -40.60 3.56 18.08
CA TRP C 240 -40.00 4.85 17.76
C TRP C 240 -40.22 5.34 16.34
N THR C 241 -40.59 6.62 16.21
CA THR C 241 -40.79 7.27 14.92
C THR C 241 -40.21 8.67 15.05
N SER C 242 -39.91 9.31 13.93
CA SER C 242 -39.30 10.65 13.95
C SER C 242 -39.60 11.55 12.78
N PHE C 243 -39.23 12.81 12.90
CA PHE C 243 -39.39 13.75 11.82
C PHE C 243 -38.10 14.48 11.51
N VAL C 244 -37.73 14.45 10.25
CA VAL C 244 -36.53 15.12 9.78
C VAL C 244 -36.99 16.18 8.82
N ASN C 245 -36.57 17.41 9.11
CA ASN C 245 -36.90 18.54 8.26
C ASN C 245 -36.27 18.16 6.92
N PRO C 246 -37.08 18.05 5.87
CA PRO C 246 -36.44 17.67 4.61
C PRO C 246 -35.70 18.79 3.91
N TRP C 247 -35.82 20.01 4.40
CA TRP C 247 -35.11 21.12 3.76
C TRP C 247 -33.77 21.42 4.39
N SER C 248 -33.63 21.07 5.66
CA SER C 248 -32.40 21.28 6.41
C SER C 248 -31.69 19.96 6.70
N ARG C 249 -32.42 18.86 6.52
CA ARG C 249 -31.92 17.52 6.73
C ARG C 249 -31.57 17.21 8.20
N LYS C 250 -32.02 18.09 9.09
CA LYS C 250 -31.80 17.92 10.52
C LYS C 250 -32.99 17.19 11.19
N LEU C 251 -32.74 16.55 12.33
CA LEU C 251 -33.80 15.85 13.06
C LEU C 251 -34.64 16.86 13.83
N GLU C 252 -35.95 16.86 13.61
CA GLU C 252 -36.86 17.82 14.25
C GLU C 252 -37.42 17.38 15.62
N PHE C 253 -38.01 16.19 15.69
CA PHE C 253 -38.53 15.65 16.95
C PHE C 253 -38.58 14.13 16.83
N VAL C 254 -38.67 13.44 17.97
CA VAL C 254 -38.71 11.99 18.01
C VAL C 254 -39.91 11.61 18.86
N VAL C 255 -40.82 10.83 18.30
CA VAL C 255 -41.97 10.42 19.09
C VAL C 255 -41.99 8.94 19.34
N GLY C 256 -42.12 8.63 20.63
CA GLY C 256 -42.18 7.24 21.04
C GLY C 256 -43.59 6.82 21.47
N HIS C 257 -44.10 5.75 20.86
CA HIS C 257 -45.41 5.24 21.25
C HIS C 257 -45.17 4.15 22.29
N HIS C 258 -45.57 4.43 23.51
CA HIS C 258 -45.34 3.52 24.60
C HIS C 258 -46.50 2.64 25.00
N ARG C 259 -46.13 1.58 25.71
CA ARG C 259 -47.04 0.59 26.27
C ARG C 259 -46.33 0.06 27.53
N VAL C 260 -47.00 0.14 28.67
CA VAL C 260 -46.36 -0.33 29.89
C VAL C 260 -46.33 -1.86 29.95
N PHE C 261 -45.13 -2.40 29.72
CA PHE C 261 -44.87 -3.84 29.75
C PHE C 261 -45.09 -4.26 31.17
N GLN C 262 -44.27 -3.73 32.06
CA GLN C 262 -44.40 -4.06 33.46
C GLN C 262 -44.55 -2.81 34.33
N GLY C 263 -45.60 -2.81 35.14
CA GLY C 263 -45.89 -1.70 36.03
C GLY C 263 -44.84 -1.50 37.11
N PRO C 264 -45.01 -0.47 37.94
CA PRO C 264 -44.08 -0.16 39.02
C PRO C 264 -44.30 -1.01 40.26
N LYS C 265 -43.26 -1.17 41.07
CA LYS C 265 -43.37 -1.96 42.28
C LYS C 265 -44.46 -1.36 43.17
N GLN C 266 -44.48 -0.03 43.28
CA GLN C 266 -45.46 0.69 44.11
C GLN C 266 -46.64 1.13 43.26
N CYS C 267 -47.81 0.55 43.51
CA CYS C 267 -49.02 0.87 42.77
C CYS C 267 -49.34 2.36 42.63
N ASN C 268 -49.41 3.10 43.74
CA ASN C 268 -49.71 4.53 43.68
C ASN C 268 -48.57 5.32 43.07
N VAL C 269 -48.70 5.63 41.78
CA VAL C 269 -47.65 6.35 41.07
C VAL C 269 -47.57 7.82 41.43
N PHE C 270 -48.59 8.32 42.12
CA PHE C 270 -48.59 9.72 42.49
C PHE C 270 -47.84 9.99 43.77
N GLU C 271 -48.15 9.22 44.81
CA GLU C 271 -47.48 9.39 46.09
C GLU C 271 -46.04 8.89 45.97
N ALA C 272 -45.09 9.75 46.28
CA ALA C 272 -43.66 9.41 46.22
C ALA C 272 -43.24 8.35 47.25
N ALA C 273 -42.95 7.12 46.79
CA ALA C 273 -42.55 6.01 47.65
C ALA C 273 -41.03 5.89 47.93
N PRO C 274 -40.65 6.02 49.22
CA PRO C 274 -39.26 5.96 49.69
C PRO C 274 -38.75 4.54 49.88
N THR C 275 -38.69 3.78 48.78
CA THR C 275 -38.22 2.40 48.84
C THR C 275 -37.16 2.18 47.76
N CYS C 276 -37.00 3.17 46.88
CA CYS C 276 -36.05 3.11 45.78
C CYS C 276 -35.17 4.36 45.81
N LYS C 277 -33.85 4.20 45.67
CA LYS C 277 -32.89 5.31 45.68
C LYS C 277 -31.56 5.01 44.94
N LEU C 278 -30.46 5.09 45.71
CA LEU C 278 -29.05 4.89 45.28
C LEU C 278 -28.38 6.04 44.55
N LYS C 279 -27.13 5.80 44.15
CA LYS C 279 -26.37 6.84 43.46
C LYS C 279 -25.17 6.44 42.61
N ILE C 280 -24.07 6.10 43.29
CA ILE C 280 -22.77 5.70 42.70
C ILE C 280 -22.27 6.83 41.77
N SER C 281 -21.37 7.69 42.30
CA SER C 281 -20.76 8.84 41.59
C SER C 281 -19.65 8.43 40.66
N GLU C 282 -18.78 9.39 40.35
CA GLU C 282 -17.63 9.23 39.45
C GLU C 282 -17.93 8.49 38.14
N GLU C 283 -17.56 7.22 38.07
CA GLU C 283 -17.78 6.39 36.89
C GLU C 283 -19.24 6.22 36.51
N ALA C 284 -20.15 6.79 37.30
CA ALA C 284 -21.57 6.72 37.02
C ALA C 284 -22.08 8.12 36.74
N GLN C 285 -22.22 8.93 37.80
CA GLN C 285 -22.70 10.31 37.63
C GLN C 285 -21.96 11.02 36.48
N SER C 286 -20.67 10.74 36.35
CA SER C 286 -19.87 11.33 35.28
C SER C 286 -20.06 10.57 33.98
N ARG C 287 -19.48 9.38 33.89
CA ARG C 287 -19.58 8.54 32.69
C ARG C 287 -20.96 8.59 32.04
N ASN C 288 -22.01 8.56 32.86
CA ASN C 288 -23.39 8.62 32.35
C ASN C 288 -23.73 9.98 31.77
N THR C 289 -23.40 11.04 32.50
CA THR C 289 -23.69 12.39 32.02
C THR C 289 -22.96 12.62 30.70
N ARG C 290 -21.89 11.87 30.45
CA ARG C 290 -21.15 11.99 29.21
C ARG C 290 -21.91 11.27 28.12
N ILE C 291 -22.39 10.07 28.43
CA ILE C 291 -23.15 9.27 27.49
C ILE C 291 -24.35 10.06 26.96
N LYS C 292 -25.03 10.78 27.85
CA LYS C 292 -26.19 11.59 27.44
C LYS C 292 -25.79 12.63 26.40
N GLU C 293 -24.52 13.02 26.40
CA GLU C 293 -24.03 13.99 25.43
C GLU C 293 -23.78 13.28 24.13
N ASP C 294 -23.34 12.04 24.22
CA ASP C 294 -23.08 11.26 23.01
C ASP C 294 -24.40 11.12 22.25
N ILE C 295 -25.47 10.82 22.96
CA ILE C 295 -26.79 10.65 22.35
C ILE C 295 -27.20 11.95 21.68
N VAL C 296 -27.47 12.97 22.49
CA VAL C 296 -27.90 14.26 21.99
C VAL C 296 -27.02 14.86 20.89
N LYS C 297 -25.77 14.42 20.77
CA LYS C 297 -24.88 14.95 19.73
C LYS C 297 -25.21 14.22 18.44
N ARG C 298 -25.42 12.92 18.56
CA ARG C 298 -25.76 12.06 17.43
C ARG C 298 -27.05 12.51 16.76
N LEU C 299 -28.04 12.88 17.59
CA LEU C 299 -29.34 13.32 17.11
C LEU C 299 -29.21 14.64 16.40
N ALA C 300 -28.10 15.33 16.68
CA ALA C 300 -27.81 16.62 16.07
C ALA C 300 -27.19 16.50 14.68
N GLU C 301 -26.67 15.32 14.37
CA GLU C 301 -26.05 15.09 13.07
C GLU C 301 -27.08 15.22 11.97
N THR C 302 -26.61 15.56 10.78
CA THR C 302 -27.50 15.67 9.65
C THR C 302 -27.79 14.26 9.16
N VAL C 303 -29.00 14.04 8.64
CA VAL C 303 -29.39 12.72 8.12
C VAL C 303 -29.39 12.86 6.60
N SER C 304 -28.89 11.85 5.91
CA SER C 304 -28.82 11.94 4.46
C SER C 304 -30.08 11.48 3.76
N ARG C 305 -30.48 12.28 2.78
CA ARG C 305 -31.64 11.99 1.97
C ARG C 305 -31.19 12.07 0.51
N PRO C 306 -30.59 10.97 0.01
CA PRO C 306 -30.10 10.86 -1.36
C PRO C 306 -31.27 10.71 -2.33
N SER C 307 -30.95 10.60 -3.61
CA SER C 307 -31.97 10.44 -4.64
C SER C 307 -31.47 9.72 -5.91
N GLU C 308 -31.92 8.47 -6.05
CA GLU C 308 -31.58 7.64 -7.22
C GLU C 308 -32.49 8.09 -8.36
N THR C 309 -33.12 9.24 -8.16
CA THR C 309 -34.05 9.88 -9.09
C THR C 309 -33.44 11.21 -9.59
N VAL C 310 -33.68 11.55 -10.86
CA VAL C 310 -33.12 12.78 -11.43
C VAL C 310 -34.04 13.70 -12.26
N LYS C 311 -33.40 14.43 -13.17
CA LYS C 311 -34.00 15.42 -14.09
C LYS C 311 -35.40 15.24 -14.66
N GLN C 312 -35.50 14.48 -15.75
CA GLN C 312 -36.78 14.25 -16.44
C GLN C 312 -37.81 13.34 -15.78
N GLU C 313 -37.40 12.55 -14.78
CA GLU C 313 -38.35 11.67 -14.09
C GLU C 313 -39.37 12.57 -13.39
N VAL C 314 -38.95 13.79 -13.06
CA VAL C 314 -39.79 14.77 -12.39
C VAL C 314 -40.87 15.35 -13.33
N SER C 315 -40.59 15.36 -14.64
CA SER C 315 -41.56 15.86 -15.63
C SER C 315 -42.29 14.69 -16.33
N ARG C 316 -41.91 13.47 -15.98
CA ARG C 316 -42.49 12.23 -16.50
C ARG C 316 -43.73 11.93 -15.63
N ARG C 317 -43.95 12.80 -14.65
CA ARG C 317 -45.06 12.68 -13.72
C ARG C 317 -45.96 13.92 -13.66
N CYS C 318 -45.95 14.73 -14.72
CA CYS C 318 -46.80 15.91 -14.79
C CYS C 318 -48.28 15.48 -14.86
N GLN C 319 -48.56 14.47 -15.67
CA GLN C 319 -49.91 13.94 -15.86
C GLN C 319 -50.37 13.10 -14.67
N ALA C 320 -49.43 12.40 -14.03
CA ALA C 320 -49.73 11.55 -12.87
C ALA C 320 -50.05 12.37 -11.64
N LEU C 321 -49.25 13.42 -11.44
CA LEU C 321 -49.41 14.32 -10.32
C LEU C 321 -50.56 15.30 -10.54
N ALA C 322 -50.79 15.71 -11.80
CA ALA C 322 -51.86 16.63 -12.14
C ALA C 322 -53.21 15.93 -11.95
N SER C 323 -53.20 14.60 -12.07
CA SER C 323 -54.41 13.79 -11.87
C SER C 323 -54.55 13.59 -10.37
N PHE C 324 -53.41 13.43 -9.70
CA PHE C 324 -53.39 13.25 -8.27
C PHE C 324 -53.97 14.51 -7.58
N MET C 325 -53.61 15.69 -8.11
CA MET C 325 -54.08 16.96 -7.58
C MET C 325 -55.51 17.24 -8.00
N GLU C 326 -55.97 16.47 -8.99
CA GLU C 326 -57.32 16.61 -9.50
C GLU C 326 -58.31 16.00 -8.51
N THR C 327 -58.05 14.77 -8.08
CA THR C 327 -58.93 14.11 -7.12
C THR C 327 -58.79 14.73 -5.73
N LEU C 328 -57.63 15.34 -5.46
CA LEU C 328 -57.39 15.99 -4.18
C LEU C 328 -58.15 17.33 -4.19
N MET C 329 -58.80 17.60 -5.33
CA MET C 329 -59.56 18.82 -5.55
C MET C 329 -61.06 18.68 -5.36
N ASP C 330 -61.63 17.55 -5.80
CA ASP C 330 -63.08 17.34 -5.65
C ASP C 330 -63.60 17.08 -4.23
N GLU C 331 -62.69 16.86 -3.27
CA GLU C 331 -63.07 16.59 -1.88
C GLU C 331 -63.19 17.92 -1.11
N LYS D 1 -63.78 31.57 -7.94
CA LYS D 1 -62.38 31.31 -7.64
C LYS D 1 -61.58 32.60 -7.37
N GLU D 2 -60.26 32.51 -7.49
CA GLU D 2 -59.33 33.62 -7.31
C GLU D 2 -57.93 33.10 -7.65
N ASP D 3 -57.24 33.80 -8.55
CA ASP D 3 -55.88 33.46 -8.98
C ASP D 3 -55.08 32.77 -7.88
N SER D 4 -54.93 31.44 -7.98
CA SER D 4 -54.15 30.68 -6.99
C SER D 4 -53.55 29.45 -7.63
N PHE D 5 -52.35 29.07 -7.21
CA PHE D 5 -51.69 27.90 -7.78
C PHE D 5 -51.30 26.93 -6.70
N CYS D 6 -51.07 25.68 -7.10
CA CYS D 6 -50.67 24.65 -6.17
C CYS D 6 -49.41 23.98 -6.67
N CYS D 7 -48.74 23.27 -5.78
CA CYS D 7 -47.54 22.56 -6.13
C CYS D 7 -47.39 21.38 -5.18
N VAL D 8 -46.76 20.30 -5.62
CA VAL D 8 -46.59 19.12 -4.77
C VAL D 8 -45.15 18.91 -4.36
N ILE D 9 -44.91 18.88 -3.06
CA ILE D 9 -43.57 18.72 -2.51
C ILE D 9 -43.34 17.32 -1.96
N SER D 10 -42.10 16.86 -2.03
CA SER D 10 -41.75 15.55 -1.50
C SER D 10 -41.28 15.73 -0.07
N MET D 11 -41.86 15.00 0.88
CA MET D 11 -41.40 15.16 2.26
C MET D 11 -40.08 14.44 2.47
N HIS D 12 -39.65 13.72 1.44
CA HIS D 12 -38.39 13.00 1.52
C HIS D 12 -37.17 13.91 1.44
N ASP D 13 -37.13 14.75 0.41
CA ASP D 13 -36.02 15.66 0.20
C ASP D 13 -36.44 17.11 -0.01
N GLY D 14 -37.74 17.37 0.14
CA GLY D 14 -38.26 18.72 0.01
C GLY D 14 -38.29 19.40 -1.34
N ILE D 15 -38.03 18.67 -2.43
CA ILE D 15 -38.06 19.25 -3.79
C ILE D 15 -39.46 19.22 -4.40
N VAL D 16 -39.81 20.26 -5.16
CA VAL D 16 -41.12 20.29 -5.78
C VAL D 16 -41.23 19.35 -6.97
N LEU D 17 -42.27 18.54 -6.97
CA LEU D 17 -42.51 17.56 -8.00
C LEU D 17 -43.47 18.00 -9.08
N TYR D 18 -44.31 18.98 -8.77
CA TYR D 18 -45.30 19.43 -9.70
C TYR D 18 -45.89 20.77 -9.33
N THR D 19 -46.30 21.54 -10.34
CA THR D 19 -46.93 22.86 -10.18
C THR D 19 -48.12 22.94 -11.13
N THR D 20 -49.24 23.51 -10.68
CA THR D 20 -50.41 23.65 -11.56
C THR D 20 -50.03 24.72 -12.59
N PRO D 21 -50.65 24.68 -13.79
CA PRO D 21 -50.39 25.62 -14.88
C PRO D 21 -50.52 27.13 -14.51
N SER D 22 -51.37 27.44 -13.54
CA SER D 22 -51.59 28.81 -13.11
C SER D 22 -50.38 29.43 -12.44
N ILE D 23 -49.36 28.63 -12.16
CA ILE D 23 -48.17 29.17 -11.51
C ILE D 23 -47.61 30.35 -12.30
N THR D 24 -47.76 30.28 -13.62
CA THR D 24 -47.24 31.32 -14.49
C THR D 24 -48.05 32.63 -14.48
N ASP D 25 -49.35 32.53 -14.28
CA ASP D 25 -50.20 33.74 -14.26
C ASP D 25 -50.20 34.39 -12.86
N VAL D 26 -49.83 33.63 -11.85
CA VAL D 26 -49.82 34.14 -10.49
C VAL D 26 -48.46 34.73 -10.10
N LEU D 27 -47.37 33.95 -10.28
CA LEU D 27 -46.02 34.41 -9.95
C LEU D 27 -45.13 34.54 -11.17
N GLY D 28 -45.62 34.09 -12.33
CA GLY D 28 -44.85 34.20 -13.55
C GLY D 28 -43.81 33.14 -13.80
N TYR D 29 -43.79 32.10 -13.00
CA TYR D 29 -42.80 31.08 -13.23
C TYR D 29 -43.22 30.17 -14.37
N PRO D 30 -42.34 30.01 -15.38
CA PRO D 30 -42.60 29.16 -16.54
C PRO D 30 -42.98 27.74 -16.13
N ARG D 31 -44.18 27.33 -16.55
CA ARG D 31 -44.73 26.00 -16.29
C ARG D 31 -44.00 25.09 -15.30
N ASP D 32 -42.91 24.50 -15.77
CA ASP D 32 -42.13 23.56 -14.97
C ASP D 32 -40.73 24.02 -14.59
N MET D 33 -40.59 25.32 -14.31
CA MET D 33 -39.27 25.81 -13.91
C MET D 33 -39.02 25.54 -12.42
N TRP D 34 -40.10 25.32 -11.67
CA TRP D 34 -40.01 25.04 -10.24
C TRP D 34 -39.60 23.62 -9.95
N LEU D 35 -39.84 22.74 -10.90
CA LEU D 35 -39.52 21.32 -10.75
C LEU D 35 -38.08 21.01 -10.33
N GLY D 36 -37.96 20.07 -9.41
CA GLY D 36 -36.65 19.65 -8.92
C GLY D 36 -35.93 20.66 -8.05
N ARG D 37 -36.60 21.76 -7.72
CA ARG D 37 -36.00 22.79 -6.87
C ARG D 37 -36.55 22.76 -5.45
N SER D 38 -35.68 23.09 -4.49
CA SER D 38 -36.05 23.10 -3.07
C SER D 38 -37.07 24.22 -2.83
N PHE D 39 -38.26 23.87 -2.38
CA PHE D 39 -39.32 24.84 -2.15
C PHE D 39 -38.98 26.08 -1.32
N ILE D 40 -38.26 25.92 -0.22
CA ILE D 40 -37.93 27.05 0.65
C ILE D 40 -37.11 28.12 -0.05
N ASP D 41 -36.57 27.81 -1.21
CA ASP D 41 -35.79 28.77 -1.97
C ASP D 41 -36.71 29.88 -2.50
N PHE D 42 -38.01 29.64 -2.41
CA PHE D 42 -39.01 30.59 -2.90
C PHE D 42 -39.64 31.37 -1.76
N VAL D 43 -39.38 30.92 -0.54
CA VAL D 43 -39.90 31.54 0.68
C VAL D 43 -38.91 32.50 1.29
N HIS D 44 -39.32 33.77 1.35
CA HIS D 44 -38.52 34.85 1.91
C HIS D 44 -37.87 34.50 3.27
N LEU D 45 -36.63 34.93 3.43
CA LEU D 45 -35.88 34.67 4.65
C LEU D 45 -36.61 34.92 5.98
N LYS D 46 -37.37 36.01 6.04
CA LYS D 46 -38.09 36.34 7.28
C LYS D 46 -39.26 35.40 7.54
N ASP D 47 -39.73 34.72 6.50
CA ASP D 47 -40.85 33.82 6.67
C ASP D 47 -40.49 32.34 6.78
N ARG D 48 -39.20 32.04 6.76
CA ARG D 48 -38.76 30.65 6.84
C ARG D 48 -39.01 30.01 8.19
N ALA D 49 -38.81 30.75 9.27
CA ALA D 49 -39.05 30.19 10.60
C ALA D 49 -40.54 29.85 10.78
N THR D 50 -41.42 30.68 10.25
CA THR D 50 -42.84 30.45 10.32
C THR D 50 -43.16 29.18 9.54
N PHE D 51 -42.74 29.16 8.27
CA PHE D 51 -42.99 28.01 7.41
C PHE D 51 -42.57 26.72 8.14
N ALA D 52 -41.33 26.71 8.62
CA ALA D 52 -40.76 25.56 9.33
C ALA D 52 -41.66 25.08 10.45
N SER D 53 -42.15 26.04 11.23
CA SER D 53 -43.01 25.75 12.37
C SER D 53 -44.36 25.20 11.96
N GLN D 54 -44.84 25.57 10.79
CA GLN D 54 -46.13 25.10 10.30
C GLN D 54 -46.13 23.64 9.88
N ILE D 55 -45.08 23.24 9.15
CA ILE D 55 -45.01 21.87 8.69
C ILE D 55 -44.52 20.93 9.79
N THR D 56 -43.90 21.49 10.84
CA THR D 56 -43.43 20.65 11.94
C THR D 56 -44.59 20.31 12.86
N THR D 57 -45.39 21.30 13.22
CA THR D 57 -46.55 21.06 14.08
C THR D 57 -47.75 20.61 13.26
N GLY D 58 -47.55 20.50 11.95
CA GLY D 58 -48.62 20.08 11.06
C GLY D 58 -48.42 18.73 10.42
N ILE D 59 -47.21 18.16 10.51
CA ILE D 59 -46.92 16.84 9.94
C ILE D 59 -47.79 15.83 10.71
N PRO D 60 -48.56 15.00 9.98
CA PRO D 60 -49.49 13.97 10.45
C PRO D 60 -49.12 12.97 11.57
N ILE D 61 -47.85 12.87 11.95
CA ILE D 61 -47.48 11.93 13.02
C ILE D 61 -48.05 12.31 14.39
N ALA D 72 -60.26 23.69 9.32
CA ALA D 72 -59.41 23.23 8.18
C ALA D 72 -58.00 22.81 8.65
N LYS D 73 -57.14 22.51 7.69
CA LYS D 73 -55.76 22.14 7.99
C LYS D 73 -54.99 23.46 8.13
N SER D 74 -53.71 23.38 8.46
CA SER D 74 -52.87 24.57 8.62
C SER D 74 -53.01 25.62 7.49
N THR D 75 -53.12 26.88 7.88
CA THR D 75 -53.25 27.98 6.91
C THR D 75 -52.52 29.23 7.41
N PHE D 76 -51.48 29.63 6.69
CA PHE D 76 -50.65 30.78 7.06
C PHE D 76 -50.21 31.71 5.92
N CYS D 77 -49.43 32.72 6.28
CA CYS D 77 -48.95 33.70 5.32
C CYS D 77 -47.45 33.64 5.14
N VAL D 78 -47.00 33.89 3.93
CA VAL D 78 -45.57 33.84 3.61
C VAL D 78 -45.30 34.72 2.38
N MET D 79 -44.08 35.22 2.26
CA MET D 79 -43.74 36.04 1.08
C MET D 79 -42.95 35.19 0.11
N LEU D 80 -43.48 35.01 -1.10
CA LEU D 80 -42.83 34.22 -2.15
C LEU D 80 -42.19 35.16 -3.20
N ARG D 81 -41.17 34.69 -3.91
CA ARG D 81 -40.52 35.52 -4.92
C ARG D 81 -41.02 35.33 -6.35
N ARG D 82 -41.10 36.42 -7.10
CA ARG D 82 -41.53 36.36 -8.48
C ARG D 82 -40.35 36.05 -9.38
N TYR D 83 -40.64 35.38 -10.48
CA TYR D 83 -39.65 35.00 -11.48
C TYR D 83 -39.10 36.28 -12.11
N ARG D 84 -37.77 36.36 -12.24
CA ARG D 84 -37.16 37.57 -12.83
C ARG D 84 -36.29 37.23 -14.04
N VAL D 98 -34.64 41.61 -6.92
CA VAL D 98 -35.89 40.81 -7.04
C VAL D 98 -36.93 41.19 -5.99
N SER D 99 -38.19 41.07 -6.35
CA SER D 99 -39.30 41.40 -5.47
C SER D 99 -40.09 40.18 -4.99
N TYR D 100 -40.70 40.34 -3.82
CA TYR D 100 -41.50 39.28 -3.21
C TYR D 100 -42.94 39.75 -3.10
N GLU D 101 -43.87 38.82 -3.01
CA GLU D 101 -45.30 39.14 -2.86
C GLU D 101 -45.93 38.22 -1.83
N PRO D 102 -46.87 38.75 -1.00
CA PRO D 102 -47.56 37.98 0.05
C PRO D 102 -48.60 36.95 -0.42
N PHE D 103 -48.60 35.81 0.24
CA PHE D 103 -49.53 34.74 -0.07
C PHE D 103 -50.05 34.07 1.18
N ARG D 104 -51.27 33.53 1.05
CA ARG D 104 -51.94 32.79 2.11
C ARG D 104 -51.78 31.33 1.67
N LEU D 105 -50.97 30.54 2.37
CA LEU D 105 -50.73 29.15 2.00
C LEU D 105 -51.63 28.14 2.71
N GLY D 106 -51.98 27.08 1.99
CA GLY D 106 -52.82 26.05 2.58
C GLY D 106 -52.12 24.71 2.45
N LEU D 107 -51.47 24.28 3.53
CA LEU D 107 -50.76 22.99 3.53
C LEU D 107 -51.73 21.82 3.59
N THR D 108 -51.33 20.69 3.00
CA THR D 108 -52.16 19.48 2.99
C THR D 108 -51.28 18.25 2.77
N PHE D 109 -51.21 17.41 3.81
CA PHE D 109 -50.41 16.20 3.76
C PHE D 109 -51.26 15.02 3.32
N ARG D 110 -50.77 14.34 2.27
CA ARG D 110 -51.45 13.20 1.70
C ARG D 110 -50.37 12.18 1.35
N GLU D 111 -50.70 10.89 1.46
CA GLU D 111 -49.73 9.82 1.17
C GLU D 111 -49.42 9.64 -0.32
N ALA D 112 -48.24 9.10 -0.60
CA ALA D 112 -47.75 8.85 -1.96
C ALA D 112 -48.75 8.18 -2.92
N PRO D 113 -48.76 8.61 -4.19
CA PRO D 113 -49.65 8.08 -5.22
C PRO D 113 -48.96 7.12 -6.21
N GLU D 114 -49.45 7.12 -7.45
CA GLU D 114 -48.95 6.29 -8.55
C GLU D 114 -48.42 4.86 -8.31
N GLU D 115 -47.10 4.69 -8.34
CA GLU D 115 -46.51 3.35 -8.18
C GLU D 115 -45.61 3.27 -6.94
N GLY D 126 -42.19 1.43 5.69
CA GLY D 126 -41.96 2.86 5.30
C GLY D 126 -43.16 3.56 4.66
N THR D 127 -43.25 4.87 4.88
CA THR D 127 -44.36 5.66 4.33
C THR D 127 -43.86 6.95 3.66
N ASN D 128 -44.07 7.03 2.34
CA ASN D 128 -43.66 8.18 1.55
C ASN D 128 -44.74 9.27 1.63
N MET D 129 -44.41 10.40 2.25
CA MET D 129 -45.38 11.47 2.41
C MET D 129 -45.33 12.59 1.38
N LEU D 130 -46.52 13.09 1.05
CA LEU D 130 -46.68 14.16 0.06
C LEU D 130 -47.36 15.38 0.67
N LEU D 131 -46.70 16.50 0.48
CA LEU D 131 -47.16 17.78 0.99
C LEU D 131 -47.64 18.61 -0.20
N VAL D 132 -48.89 19.04 -0.12
CA VAL D 132 -49.49 19.83 -1.17
C VAL D 132 -49.76 21.24 -0.66
N ILE D 133 -49.19 22.25 -1.33
CA ILE D 133 -49.35 23.65 -0.93
C ILE D 133 -50.14 24.48 -1.94
N CYS D 134 -51.23 25.13 -1.50
CA CYS D 134 -52.05 25.99 -2.38
C CYS D 134 -51.93 27.48 -2.08
N ALA D 135 -50.96 28.13 -2.74
CA ALA D 135 -50.70 29.55 -2.55
C ALA D 135 -51.64 30.44 -3.32
N THR D 136 -52.39 31.27 -2.58
CA THR D 136 -53.31 32.24 -3.14
C THR D 136 -52.87 33.62 -2.63
N PRO D 137 -52.62 34.56 -3.54
CA PRO D 137 -52.18 35.93 -3.29
C PRO D 137 -53.05 36.86 -2.48
N ILE D 138 -52.36 37.72 -1.76
CA ILE D 138 -52.95 38.71 -0.88
C ILE D 138 -52.78 40.04 -1.58
N LYS D 139 -53.87 40.78 -1.72
CA LYS D 139 -53.80 42.09 -2.36
C LYS D 139 -54.35 43.15 -1.42
N SER D 140 -53.70 44.31 -1.42
CA SER D 140 -54.05 45.44 -0.59
C SER D 140 -55.54 45.76 -0.58
N SER D 141 -56.01 46.25 0.57
CA SER D 141 -57.42 46.62 0.72
C SER D 141 -57.73 47.98 0.08
N TYR D 142 -56.71 48.62 -0.54
CA TYR D 142 -56.84 49.98 -1.11
C TYR D 142 -56.60 50.19 -2.59
N LYS D 143 -57.51 50.97 -3.13
CA LYS D 143 -57.51 51.29 -4.55
C LYS D 143 -57.10 52.72 -4.76
N VAL D 144 -57.73 53.62 -3.99
CA VAL D 144 -57.42 55.08 -4.08
C VAL D 144 -56.76 55.60 -2.80
N PRO D 145 -55.88 56.54 -2.97
CA PRO D 145 -55.18 57.14 -1.84
C PRO D 145 -56.03 57.86 -0.76
N ASP D 146 -55.68 57.65 0.51
CA ASP D 146 -56.40 58.24 1.65
C ASP D 146 -57.87 57.78 1.61
N GLU D 147 -58.05 56.55 1.14
CA GLU D 147 -59.37 55.97 1.04
C GLU D 147 -60.08 55.99 2.38
N ILE D 148 -61.30 56.51 2.37
CA ILE D 148 -62.08 56.56 3.59
C ILE D 148 -63.06 55.39 3.76
N LEU D 149 -63.47 55.19 5.00
CA LEU D 149 -64.40 54.16 5.46
C LEU D 149 -65.42 53.59 4.47
N SER D 150 -66.02 52.50 4.91
CA SER D 150 -67.04 51.79 4.16
C SER D 150 -67.40 50.57 4.99
N GLN D 151 -68.46 49.88 4.61
CA GLN D 151 -68.80 48.64 5.30
C GLN D 151 -67.78 47.67 4.69
N LYS D 152 -67.13 48.16 3.63
CA LYS D 152 -66.11 47.46 2.86
C LYS D 152 -64.78 47.64 3.60
N SER D 153 -64.84 48.32 4.74
CA SER D 153 -63.66 48.57 5.58
C SER D 153 -63.25 47.32 6.38
N PRO D 154 -61.94 47.01 6.38
CA PRO D 154 -61.38 45.85 7.09
C PRO D 154 -61.52 45.99 8.60
N LYS D 155 -61.93 44.90 9.24
CA LYS D 155 -62.08 44.86 10.70
C LYS D 155 -61.17 43.77 11.28
N PHE D 156 -60.16 44.18 12.03
CA PHE D 156 -59.20 43.24 12.61
C PHE D 156 -58.75 43.56 14.03
N ALA D 157 -58.57 42.52 14.83
CA ALA D 157 -58.13 42.74 16.20
C ALA D 157 -56.65 42.45 16.36
N ILE D 158 -55.96 43.30 17.13
CA ILE D 158 -54.55 43.09 17.45
C ILE D 158 -54.49 43.02 18.97
N ARG D 159 -53.66 42.11 19.48
CA ARG D 159 -53.53 41.90 20.92
C ARG D 159 -52.07 41.95 21.37
N HIS D 160 -51.80 42.72 22.42
CA HIS D 160 -50.46 42.83 22.96
C HIS D 160 -50.50 42.59 24.46
N THR D 161 -49.38 42.18 25.04
CA THR D 161 -49.27 41.89 26.48
C THR D 161 -49.18 43.14 27.33
N ALA D 162 -49.09 42.95 28.65
CA ALA D 162 -48.98 44.10 29.55
C ALA D 162 -47.75 44.95 29.24
N THR D 163 -46.70 44.31 28.78
CA THR D 163 -45.48 45.03 28.46
C THR D 163 -45.49 45.56 27.01
N GLY D 164 -46.64 45.54 26.36
CA GLY D 164 -46.71 46.06 25.01
C GLY D 164 -46.29 45.21 23.80
N ILE D 165 -46.04 43.92 23.99
CA ILE D 165 -45.65 43.08 22.86
C ILE D 165 -46.82 42.37 22.18
N ILE D 166 -46.96 42.62 20.87
CA ILE D 166 -48.02 42.06 20.05
C ILE D 166 -47.94 40.55 20.01
N SER D 167 -49.01 39.91 20.47
CA SER D 167 -49.07 38.46 20.50
C SER D 167 -50.03 37.78 19.50
N HIS D 168 -51.01 38.52 18.99
CA HIS D 168 -51.97 37.95 18.03
C HIS D 168 -52.42 38.97 16.98
N VAL D 169 -52.59 38.54 15.73
CA VAL D 169 -53.11 39.45 14.70
C VAL D 169 -54.04 38.69 13.77
N ASP D 170 -55.21 39.27 13.53
CA ASP D 170 -56.22 38.71 12.66
C ASP D 170 -55.88 38.74 11.18
N SER D 171 -56.34 37.72 10.45
CA SER D 171 -56.11 37.59 9.01
C SER D 171 -56.26 38.89 8.27
N ALA D 172 -57.39 39.53 8.52
CA ALA D 172 -57.77 40.79 7.90
C ALA D 172 -56.72 41.89 8.06
N ALA D 173 -55.96 41.85 9.15
CA ALA D 173 -54.93 42.83 9.38
C ALA D 173 -53.83 42.84 8.32
N VAL D 174 -53.75 41.78 7.51
CA VAL D 174 -52.71 41.69 6.49
C VAL D 174 -52.90 42.57 5.26
N SER D 175 -54.12 42.61 4.74
CA SER D 175 -54.37 43.44 3.56
C SER D 175 -54.59 44.90 3.95
N ALA D 176 -54.80 45.16 5.22
CA ALA D 176 -55.03 46.54 5.66
C ALA D 176 -53.78 47.28 6.11
N LEU D 177 -52.82 46.57 6.71
CA LEU D 177 -51.60 47.22 7.20
C LEU D 177 -50.30 46.81 6.49
N GLY D 178 -50.39 45.82 5.60
CA GLY D 178 -49.23 45.35 4.87
C GLY D 178 -48.31 44.43 5.64
N TYR D 179 -48.71 44.08 6.86
CA TYR D 179 -47.91 43.23 7.72
C TYR D 179 -48.47 41.83 7.85
N LEU D 180 -47.60 40.84 7.72
CA LEU D 180 -48.05 39.47 7.91
C LEU D 180 -48.00 39.35 9.43
N PRO D 181 -48.76 38.42 10.01
CA PRO D 181 -48.76 38.26 11.46
C PRO D 181 -47.38 38.15 12.06
N GLN D 182 -46.57 37.26 11.51
CA GLN D 182 -45.21 37.02 11.97
C GLN D 182 -44.29 38.26 11.93
N ASP D 183 -44.67 39.28 11.17
CA ASP D 183 -43.88 40.50 11.06
C ASP D 183 -44.16 41.39 12.27
N LEU D 184 -45.37 41.26 12.79
CA LEU D 184 -45.85 42.04 13.91
C LEU D 184 -45.68 41.37 15.26
N ILE D 185 -45.90 40.05 15.31
CA ILE D 185 -45.83 39.30 16.57
C ILE D 185 -44.44 39.19 17.19
N GLY D 186 -44.20 39.94 18.26
CA GLY D 186 -42.90 39.92 18.90
C GLY D 186 -42.41 41.33 19.10
N ARG D 187 -42.88 42.23 18.24
CA ARG D 187 -42.52 43.64 18.30
C ARG D 187 -43.39 44.37 19.33
N SER D 188 -43.00 45.62 19.63
CA SER D 188 -43.75 46.41 20.59
C SER D 188 -44.83 47.19 19.88
N ILE D 189 -46.07 47.06 20.35
CA ILE D 189 -47.21 47.76 19.77
C ILE D 189 -46.89 49.26 19.64
N MET D 190 -45.92 49.71 20.44
CA MET D 190 -45.46 51.08 20.52
C MET D 190 -44.69 51.62 19.32
N ASP D 191 -44.02 50.76 18.57
CA ASP D 191 -43.24 51.24 17.41
C ASP D 191 -44.13 51.77 16.30
N PHE D 192 -45.41 51.41 16.35
CA PHE D 192 -46.34 51.79 15.32
C PHE D 192 -47.16 53.02 15.53
N TYR D 193 -46.96 53.67 16.67
CA TYR D 193 -47.68 54.90 16.97
C TYR D 193 -46.82 56.06 16.48
N HIS D 194 -47.45 57.10 15.96
CA HIS D 194 -46.73 58.27 15.45
C HIS D 194 -46.02 59.01 16.59
N HIS D 195 -44.78 59.45 16.35
CA HIS D 195 -44.00 60.14 17.38
C HIS D 195 -44.69 61.32 18.07
N GLU D 196 -45.53 62.05 17.33
CA GLU D 196 -46.28 63.19 17.87
C GLU D 196 -47.45 62.76 18.76
N ASP D 197 -48.02 61.60 18.45
CA ASP D 197 -49.17 61.08 19.18
C ASP D 197 -48.88 60.28 20.46
N LEU D 198 -47.62 60.10 20.82
CA LEU D 198 -47.31 59.32 22.01
C LEU D 198 -47.97 59.77 23.31
N SER D 199 -48.38 61.03 23.35
CA SER D 199 -49.05 61.55 24.54
C SER D 199 -50.52 61.17 24.46
N VAL D 200 -51.15 61.41 23.31
CA VAL D 200 -52.57 61.06 23.14
C VAL D 200 -52.79 59.56 23.36
N MET D 201 -51.84 58.74 22.92
CA MET D 201 -51.95 57.32 23.11
C MET D 201 -51.85 57.02 24.60
N LYS D 202 -51.02 57.77 25.30
CA LYS D 202 -50.80 57.59 26.74
C LYS D 202 -52.08 57.75 27.55
N GLU D 203 -52.94 58.66 27.13
CA GLU D 203 -54.19 58.84 27.86
C GLU D 203 -55.15 57.70 27.52
N THR D 204 -55.24 57.32 26.25
CA THR D 204 -56.15 56.24 25.87
C THR D 204 -55.79 54.98 26.67
N TYR D 205 -54.48 54.71 26.78
CA TYR D 205 -54.02 53.57 27.56
C TYR D 205 -54.37 53.76 29.02
N GLU D 206 -54.36 55.01 29.47
CA GLU D 206 -54.72 55.29 30.84
C GLU D 206 -56.20 55.03 31.04
N THR D 207 -56.98 55.27 29.99
CA THR D 207 -58.41 55.06 30.06
C THR D 207 -58.67 53.56 30.04
N VAL D 208 -57.72 52.81 29.52
CA VAL D 208 -57.84 51.34 29.46
C VAL D 208 -57.70 50.76 30.86
N MET D 209 -56.70 51.24 31.59
CA MET D 209 -56.46 50.78 32.94
C MET D 209 -57.65 51.10 33.84
N LYS D 210 -58.24 52.27 33.65
CA LYS D 210 -59.41 52.66 34.44
C LYS D 210 -60.58 51.73 34.18
N LYS D 211 -60.84 51.43 32.91
CA LYS D 211 -61.93 50.53 32.53
C LYS D 211 -61.65 49.12 33.04
N GLY D 212 -60.39 48.84 33.38
CA GLY D 212 -60.03 47.52 33.89
C GLY D 212 -60.66 47.20 35.23
N GLN D 213 -61.19 48.23 35.89
CA GLN D 213 -61.85 48.09 37.18
C GLN D 213 -63.09 47.21 37.03
N THR D 214 -63.64 47.20 35.81
CA THR D 214 -64.83 46.43 35.45
C THR D 214 -64.47 45.44 34.35
N ALA D 215 -64.73 44.16 34.57
CA ALA D 215 -64.44 43.15 33.57
C ALA D 215 -65.30 43.42 32.34
N GLY D 216 -64.72 43.30 31.16
CA GLY D 216 -65.47 43.49 29.93
C GLY D 216 -65.83 44.92 29.51
N ALA D 217 -65.39 45.91 30.28
CA ALA D 217 -65.66 47.30 29.92
C ALA D 217 -64.87 47.62 28.65
N SER D 218 -65.54 48.14 27.63
CA SER D 218 -64.85 48.49 26.40
C SER D 218 -65.03 49.96 26.11
N PHE D 219 -64.27 50.47 25.15
CA PHE D 219 -64.39 51.86 24.75
C PHE D 219 -63.75 52.20 23.42
N CYS D 220 -64.32 53.18 22.73
CA CYS D 220 -63.81 53.62 21.43
C CYS D 220 -63.00 54.90 21.56
N SER D 221 -61.83 54.91 20.93
CA SER D 221 -60.98 56.08 21.00
C SER D 221 -61.03 56.84 19.70
N LYS D 222 -60.73 58.11 19.81
CA LYS D 222 -60.68 59.02 18.68
C LYS D 222 -59.59 58.53 17.73
N PRO D 223 -59.84 58.53 16.42
CA PRO D 223 -58.88 58.10 15.40
C PRO D 223 -57.45 58.57 15.65
N TYR D 224 -56.50 57.65 15.46
CA TYR D 224 -55.07 57.93 15.62
C TYR D 224 -54.26 57.28 14.50
N ARG D 225 -52.98 57.64 14.39
CA ARG D 225 -52.11 57.11 13.34
C ARG D 225 -51.36 55.81 13.66
N PHE D 226 -51.47 54.85 12.76
CA PHE D 226 -50.76 53.59 12.94
C PHE D 226 -49.78 53.45 11.77
N LEU D 227 -48.54 53.12 12.10
CA LEU D 227 -47.49 52.97 11.12
C LEU D 227 -47.58 51.65 10.34
N ILE D 228 -47.95 51.73 9.06
CA ILE D 228 -48.06 50.53 8.26
C ILE D 228 -46.76 50.16 7.58
N GLN D 229 -46.77 49.01 6.89
CA GLN D 229 -45.59 48.47 6.22
C GLN D 229 -44.76 49.40 5.33
N ASN D 230 -45.37 49.99 4.30
CA ASN D 230 -44.63 50.86 3.41
C ASN D 230 -44.06 52.12 4.09
N GLY D 231 -44.41 52.32 5.36
CA GLY D 231 -43.92 53.48 6.09
C GLY D 231 -44.93 54.62 6.21
N CYS D 232 -46.05 54.50 5.51
CA CYS D 232 -47.12 55.49 5.57
C CYS D 232 -47.96 55.21 6.80
N TYR D 233 -48.79 56.19 7.18
CA TYR D 233 -49.66 56.05 8.35
C TYR D 233 -51.11 55.95 7.96
N VAL D 234 -51.91 55.35 8.84
CA VAL D 234 -53.33 55.23 8.60
C VAL D 234 -54.03 55.60 9.87
N LEU D 235 -55.26 56.06 9.75
CA LEU D 235 -56.03 56.42 10.91
C LEU D 235 -56.85 55.21 11.24
N LEU D 236 -56.65 54.72 12.46
CA LEU D 236 -57.32 53.54 12.95
C LEU D 236 -58.32 53.89 14.04
N GLU D 237 -59.58 53.50 13.88
CA GLU D 237 -60.52 53.77 14.95
C GLU D 237 -60.58 52.44 15.69
N THR D 238 -60.18 52.48 16.95
CA THR D 238 -60.10 51.29 17.77
C THR D 238 -61.14 51.19 18.89
N GLU D 239 -61.46 49.95 19.28
CA GLU D 239 -62.38 49.67 20.37
C GLU D 239 -61.56 48.84 21.36
N TRP D 240 -61.15 49.48 22.46
CA TRP D 240 -60.31 48.85 23.46
C TRP D 240 -60.95 47.98 24.54
N THR D 241 -60.42 46.77 24.69
CA THR D 241 -60.86 45.82 25.70
C THR D 241 -59.59 45.29 26.34
N SER D 242 -59.72 44.73 27.52
CA SER D 242 -58.57 44.20 28.23
C SER D 242 -58.95 43.00 29.06
N PHE D 243 -57.94 42.24 29.47
CA PHE D 243 -58.19 41.13 30.37
C PHE D 243 -57.34 41.37 31.61
N VAL D 244 -57.87 41.04 32.77
CA VAL D 244 -57.13 41.20 34.01
C VAL D 244 -57.18 39.87 34.76
N ASN D 245 -56.05 39.44 35.33
CA ASN D 245 -56.07 38.17 36.05
C ASN D 245 -56.86 38.44 37.33
N PRO D 246 -58.02 37.79 37.49
CA PRO D 246 -58.82 38.00 38.68
C PRO D 246 -58.10 37.65 39.98
N TRP D 247 -57.05 36.84 39.90
CA TRP D 247 -56.30 36.44 41.09
C TRP D 247 -55.07 37.30 41.43
N SER D 248 -54.25 37.57 40.42
CA SER D 248 -53.06 38.37 40.65
C SER D 248 -53.39 39.84 40.50
N ARG D 249 -54.56 40.11 39.95
CA ARG D 249 -55.05 41.47 39.71
C ARG D 249 -54.21 42.27 38.72
N LYS D 250 -53.26 41.63 38.06
CA LYS D 250 -52.42 42.32 37.10
C LYS D 250 -53.01 42.20 35.67
N LEU D 251 -52.75 43.22 34.85
CA LEU D 251 -53.22 43.25 33.46
C LEU D 251 -52.57 42.12 32.68
N GLU D 252 -53.38 41.28 32.04
CA GLU D 252 -52.85 40.16 31.29
C GLU D 252 -52.51 40.53 29.83
N PHE D 253 -53.43 41.24 29.17
CA PHE D 253 -53.22 41.67 27.80
C PHE D 253 -54.27 42.67 27.37
N VAL D 254 -53.96 43.40 26.31
CA VAL D 254 -54.86 44.41 25.76
C VAL D 254 -55.12 44.08 24.30
N VAL D 255 -56.40 43.99 23.93
CA VAL D 255 -56.78 43.69 22.55
C VAL D 255 -57.58 44.79 21.92
N GLY D 256 -57.12 45.26 20.76
CA GLY D 256 -57.79 46.34 20.05
C GLY D 256 -58.51 45.95 18.77
N HIS D 257 -59.79 46.28 18.70
CA HIS D 257 -60.59 45.99 17.52
C HIS D 257 -60.51 47.19 16.61
N HIS D 258 -59.67 47.05 15.60
CA HIS D 258 -59.43 48.10 14.64
C HIS D 258 -60.32 48.02 13.40
N ARG D 259 -60.36 49.14 12.70
CA ARG D 259 -61.12 49.34 11.48
C ARG D 259 -60.37 50.55 10.95
N VAL D 260 -60.02 50.55 9.67
CA VAL D 260 -59.26 51.66 9.10
C VAL D 260 -60.10 52.90 8.85
N PHE D 261 -59.83 53.94 9.64
CA PHE D 261 -60.56 55.18 9.50
C PHE D 261 -60.11 55.89 8.24
N GLN D 262 -58.81 55.94 8.00
CA GLN D 262 -58.34 56.57 6.78
C GLN D 262 -57.25 55.71 6.15
N GLY D 263 -57.36 55.56 4.83
CA GLY D 263 -56.38 54.76 4.12
C GLY D 263 -55.06 55.49 3.99
N PRO D 264 -54.02 54.78 3.57
CA PRO D 264 -52.68 55.37 3.41
C PRO D 264 -52.57 56.22 2.17
N LYS D 265 -51.43 56.87 2.02
CA LYS D 265 -51.15 57.68 0.83
C LYS D 265 -50.81 56.77 -0.38
N GLN D 266 -50.13 55.62 -0.14
CA GLN D 266 -49.72 54.60 -1.16
C GLN D 266 -50.65 53.42 -1.07
N CYS D 267 -51.55 53.38 -2.00
CA CYS D 267 -52.52 52.31 -1.99
C CYS D 267 -51.95 50.95 -1.66
N ASN D 268 -51.10 50.45 -2.53
CA ASN D 268 -50.48 49.17 -2.28
C ASN D 268 -49.76 49.32 -0.96
N VAL D 269 -50.09 48.44 -0.02
CA VAL D 269 -49.53 48.49 1.32
C VAL D 269 -48.30 47.58 1.55
N PHE D 270 -47.96 46.77 0.56
CA PHE D 270 -46.84 45.83 0.66
C PHE D 270 -45.51 46.27 0.08
N GLU D 271 -45.56 47.19 -0.90
CA GLU D 271 -44.33 47.66 -1.55
C GLU D 271 -43.32 48.28 -0.58
N ALA D 272 -42.08 48.40 -1.06
CA ALA D 272 -41.01 48.97 -0.27
C ALA D 272 -41.36 50.41 0.10
N ALA D 273 -40.85 50.86 1.25
CA ALA D 273 -41.09 52.20 1.81
C ALA D 273 -40.97 53.41 0.87
N PRO D 274 -42.10 53.85 0.28
CA PRO D 274 -42.09 54.99 -0.62
C PRO D 274 -42.22 56.30 0.17
N THR D 275 -41.09 56.95 0.42
CA THR D 275 -41.00 58.22 1.17
C THR D 275 -41.62 58.16 2.58
N CYS D 276 -41.95 59.34 3.14
CA CYS D 276 -42.59 59.47 4.45
C CYS D 276 -41.80 59.09 5.72
N LYS D 277 -40.80 59.90 6.08
CA LYS D 277 -39.98 59.65 7.30
C LYS D 277 -39.11 60.83 7.70
N LEU D 278 -38.72 60.86 8.99
CA LEU D 278 -37.85 61.88 9.65
C LEU D 278 -38.42 62.46 10.96
N LYS D 279 -37.52 62.80 11.89
CA LYS D 279 -37.86 63.40 13.19
C LYS D 279 -36.60 63.94 13.90
N ILE D 280 -36.79 64.83 14.89
CA ILE D 280 -35.65 65.45 15.60
C ILE D 280 -34.80 64.61 16.57
N SER D 281 -33.49 64.63 16.29
CA SER D 281 -32.43 63.94 17.02
C SER D 281 -32.71 63.40 18.42
N GLU D 282 -32.79 64.31 19.39
CA GLU D 282 -33.00 63.91 20.78
C GLU D 282 -34.43 63.90 21.31
N GLU D 283 -34.91 65.04 21.80
CA GLU D 283 -36.24 65.16 22.41
C GLU D 283 -37.41 64.45 21.73
N ALA D 284 -37.42 64.35 20.41
CA ALA D 284 -38.52 63.64 19.79
C ALA D 284 -38.40 62.18 20.21
N GLN D 285 -37.21 61.63 20.02
CA GLN D 285 -36.92 60.23 20.36
C GLN D 285 -36.78 60.00 21.87
N SER D 286 -36.18 60.96 22.57
CA SER D 286 -36.00 60.84 24.02
C SER D 286 -37.29 61.05 24.82
N ARG D 287 -38.02 62.11 24.51
CA ARG D 287 -39.29 62.38 25.19
C ARG D 287 -40.21 61.19 24.89
N ASN D 288 -40.17 60.72 23.65
CA ASN D 288 -40.98 59.57 23.24
C ASN D 288 -40.65 58.35 24.07
N THR D 289 -39.38 57.98 24.10
CA THR D 289 -38.96 56.80 24.83
C THR D 289 -39.31 56.86 26.33
N ARG D 290 -39.52 58.07 26.86
CA ARG D 290 -39.88 58.23 28.27
C ARG D 290 -41.38 58.01 28.41
N ILE D 291 -42.11 58.42 27.38
CA ILE D 291 -43.55 58.27 27.35
C ILE D 291 -43.91 56.79 27.33
N LYS D 292 -43.21 56.03 26.49
CA LYS D 292 -43.44 54.59 26.36
C LYS D 292 -43.10 53.93 27.69
N GLU D 293 -42.04 54.42 28.33
CA GLU D 293 -41.60 53.92 29.63
C GLU D 293 -42.75 54.03 30.61
N ASP D 294 -43.40 55.19 30.62
CA ASP D 294 -44.52 55.46 31.52
C ASP D 294 -45.73 54.60 31.17
N ILE D 295 -46.00 54.41 29.88
CA ILE D 295 -47.15 53.62 29.47
C ILE D 295 -47.06 52.21 30.04
N VAL D 296 -45.95 51.53 29.77
CA VAL D 296 -45.78 50.18 30.27
C VAL D 296 -45.75 50.15 31.79
N LYS D 297 -45.15 51.18 32.38
CA LYS D 297 -45.06 51.31 33.83
C LYS D 297 -46.46 51.41 34.43
N ARG D 298 -47.40 51.98 33.68
CA ARG D 298 -48.78 52.08 34.13
C ARG D 298 -49.52 50.76 33.84
N LEU D 299 -49.21 50.12 32.72
CA LEU D 299 -49.84 48.86 32.34
C LEU D 299 -49.44 47.74 33.28
N ALA D 300 -48.33 47.92 33.98
CA ALA D 300 -47.85 46.91 34.91
C ALA D 300 -48.52 47.12 36.27
N GLU D 301 -49.13 48.29 36.44
CA GLU D 301 -49.82 48.61 37.69
C GLU D 301 -50.99 47.69 37.99
N THR D 302 -51.06 47.27 39.26
CA THR D 302 -52.12 46.39 39.73
C THR D 302 -53.48 47.09 39.57
N VAL D 303 -54.56 46.32 39.35
CA VAL D 303 -55.88 46.94 39.21
C VAL D 303 -56.84 46.58 40.33
N SER D 304 -57.76 47.50 40.57
CA SER D 304 -58.75 47.37 41.61
C SER D 304 -60.00 46.61 41.18
N ARG D 305 -60.31 45.56 41.92
CA ARG D 305 -61.50 44.74 41.71
C ARG D 305 -61.95 44.60 43.15
N PRO D 306 -62.58 45.66 43.69
CA PRO D 306 -63.08 45.73 45.06
C PRO D 306 -64.00 44.63 45.57
N SER D 307 -64.03 44.53 46.90
CA SER D 307 -64.85 43.58 47.65
C SER D 307 -66.21 44.22 47.97
N GLU D 308 -67.08 44.23 46.97
CA GLU D 308 -68.43 44.79 47.10
C GLU D 308 -69.43 43.69 47.40
N THR D 309 -69.00 42.46 47.09
CA THR D 309 -69.81 41.24 47.28
C THR D 309 -69.99 40.94 48.79
N VAL D 310 -70.83 41.76 49.38
CA VAL D 310 -71.14 41.77 50.81
C VAL D 310 -72.65 42.05 50.82
N LYS D 311 -73.02 43.18 50.30
CA LYS D 311 -74.43 43.55 50.21
C LYS D 311 -75.06 42.59 49.20
N GLN D 312 -74.20 42.17 48.27
CA GLN D 312 -74.56 41.27 47.19
C GLN D 312 -75.14 39.94 47.63
N GLU D 313 -75.54 39.85 48.89
CA GLU D 313 -76.18 38.63 49.36
C GLU D 313 -77.67 38.78 49.11
N VAL D 314 -77.95 39.53 48.04
CA VAL D 314 -79.28 39.80 47.51
C VAL D 314 -79.36 38.75 46.39
N SER D 315 -78.18 38.32 45.95
CA SER D 315 -77.99 37.30 44.92
C SER D 315 -77.49 36.00 45.57
N ARG D 316 -76.83 36.12 46.71
CA ARG D 316 -76.35 34.95 47.45
C ARG D 316 -77.60 34.18 47.88
N ARG D 317 -78.63 34.94 48.26
CA ARG D 317 -79.92 34.39 48.72
C ARG D 317 -80.96 34.29 47.61
N CYS D 318 -80.72 34.95 46.47
CA CYS D 318 -81.64 34.94 45.34
C CYS D 318 -81.75 33.51 44.84
N GLN D 319 -82.87 32.87 45.14
CA GLN D 319 -83.13 31.49 44.74
C GLN D 319 -82.94 31.29 43.24
N ALA D 320 -83.13 32.37 42.48
CA ALA D 320 -83.00 32.34 41.03
C ALA D 320 -81.55 32.06 40.60
N LEU D 321 -80.62 32.81 41.16
CA LEU D 321 -79.20 32.66 40.83
C LEU D 321 -78.69 31.26 41.20
N ALA D 322 -79.10 30.77 42.36
CA ALA D 322 -78.69 29.45 42.84
C ALA D 322 -79.20 28.31 41.98
N SER D 323 -80.40 28.46 41.43
CA SER D 323 -80.98 27.43 40.59
C SER D 323 -80.26 27.42 39.25
N PHE D 324 -79.85 28.60 38.81
CA PHE D 324 -79.14 28.79 37.54
C PHE D 324 -77.76 28.16 37.50
N MET D 325 -76.99 28.40 38.57
CA MET D 325 -75.63 27.88 38.67
C MET D 325 -75.63 26.38 38.91
N GLU D 326 -76.68 25.89 39.59
CA GLU D 326 -76.82 24.47 39.87
C GLU D 326 -76.97 23.76 38.53
N THR D 327 -77.64 24.42 37.59
CA THR D 327 -77.87 23.89 36.25
C THR D 327 -76.64 24.08 35.38
N LEU D 328 -75.99 25.24 35.52
CA LEU D 328 -74.79 25.56 34.75
C LEU D 328 -73.69 24.55 35.05
N MET D 329 -73.65 24.09 36.31
CA MET D 329 -72.68 23.10 36.73
C MET D 329 -72.89 21.79 35.98
N ASP D 330 -74.15 21.39 35.79
CA ASP D 330 -74.49 20.17 35.07
C ASP D 330 -74.23 20.27 33.57
N GLU D 331 -74.75 21.33 32.95
CA GLU D 331 -74.58 21.57 31.51
C GLU D 331 -73.11 21.47 31.10
N VAL D 332 -72.23 21.66 32.08
CA VAL D 332 -70.77 21.59 31.90
C VAL D 332 -70.22 20.26 32.39
N SER D 333 -70.79 19.75 33.48
CA SER D 333 -70.35 18.48 34.05
C SER D 333 -70.55 17.34 33.06
N ARG D 334 -71.49 17.52 32.15
CA ARG D 334 -71.82 16.52 31.13
C ARG D 334 -71.08 16.69 29.80
N ALA D 335 -71.27 17.84 29.18
CA ALA D 335 -70.67 18.17 27.89
C ALA D 335 -69.19 17.88 27.69
N ASP D 336 -68.35 18.60 28.41
CA ASP D 336 -66.89 18.47 28.30
C ASP D 336 -66.28 17.13 28.74
N LEU D 337 -66.59 16.69 29.96
CA LEU D 337 -66.05 15.44 30.50
C LEU D 337 -66.61 14.13 29.92
N LYS D 338 -67.91 14.11 29.61
CA LYS D 338 -68.56 12.90 29.07
C LYS D 338 -68.36 12.66 27.57
N LEU D 339 -68.53 13.70 26.75
CA LEU D 339 -68.35 13.58 25.31
C LEU D 339 -67.16 14.43 24.85
N LYS E 1 29.54 -37.02 4.12
CA LYS E 1 29.01 -36.82 2.78
C LYS E 1 28.64 -38.15 2.09
N GLU E 2 28.31 -38.05 0.80
CA GLU E 2 27.93 -39.17 -0.04
C GLU E 2 27.82 -38.68 -1.48
N ASP E 3 28.55 -39.32 -2.38
CA ASP E 3 28.56 -38.97 -3.81
C ASP E 3 27.26 -38.28 -4.21
N SER E 4 27.37 -37.01 -4.61
CA SER E 4 26.19 -36.26 -5.04
C SER E 4 26.66 -35.09 -5.90
N PHE E 5 25.81 -34.66 -6.83
CA PHE E 5 26.18 -33.55 -7.68
C PHE E 5 25.03 -32.57 -7.78
N CYS E 6 25.35 -31.31 -7.98
CA CYS E 6 24.35 -30.29 -8.13
C CYS E 6 24.52 -29.66 -9.47
N CYS E 7 23.54 -28.85 -9.85
CA CYS E 7 23.57 -28.16 -11.13
C CYS E 7 22.53 -27.04 -11.12
N VAL E 8 22.88 -25.90 -11.70
CA VAL E 8 22.00 -24.76 -11.73
C VAL E 8 21.23 -24.67 -13.04
N ILE E 9 19.91 -24.47 -12.94
CA ILE E 9 19.01 -24.35 -14.10
C ILE E 9 18.39 -22.96 -14.20
N SER E 10 18.09 -22.51 -15.41
CA SER E 10 17.47 -21.21 -15.60
C SER E 10 15.97 -21.34 -15.79
N MET E 11 15.18 -20.81 -14.87
CA MET E 11 13.73 -20.91 -14.98
C MET E 11 13.12 -20.13 -16.14
N HIS E 12 13.99 -19.52 -16.94
CA HIS E 12 13.56 -18.77 -18.09
C HIS E 12 13.46 -19.70 -19.30
N ASP E 13 14.47 -20.55 -19.49
CA ASP E 13 14.50 -21.47 -20.63
C ASP E 13 14.77 -22.93 -20.27
N GLY E 14 14.99 -23.19 -18.98
CA GLY E 14 15.24 -24.54 -18.52
C GLY E 14 16.56 -25.15 -18.95
N ILE E 15 17.53 -24.33 -19.37
CA ILE E 15 18.84 -24.86 -19.77
C ILE E 15 19.76 -24.88 -18.54
N VAL E 16 20.68 -25.85 -18.48
CA VAL E 16 21.57 -25.89 -17.32
C VAL E 16 22.81 -25.01 -17.48
N LEU E 17 22.95 -24.08 -16.54
CA LEU E 17 24.03 -23.13 -16.51
C LEU E 17 25.29 -23.63 -15.78
N TYR E 18 25.13 -24.51 -14.82
CA TYR E 18 26.26 -25.02 -14.06
C TYR E 18 26.12 -26.47 -13.62
N THR E 19 27.24 -27.04 -13.19
CA THR E 19 27.30 -28.42 -12.76
C THR E 19 28.51 -28.54 -11.84
N THR E 20 28.32 -29.07 -10.63
CA THR E 20 29.46 -29.25 -9.74
C THR E 20 30.31 -30.36 -10.34
N PRO E 21 31.65 -30.25 -10.25
CA PRO E 21 32.66 -31.18 -10.77
C PRO E 21 32.44 -32.68 -10.52
N SER E 22 31.70 -33.00 -9.46
CA SER E 22 31.39 -34.37 -9.11
C SER E 22 30.44 -35.03 -10.10
N ILE E 23 29.84 -34.24 -10.99
CA ILE E 23 28.92 -34.80 -11.99
C ILE E 23 29.61 -35.93 -12.77
N THR E 24 30.94 -35.88 -12.84
CA THR E 24 31.70 -36.86 -13.59
C THR E 24 31.98 -38.11 -12.78
N ASP E 25 32.04 -37.95 -11.46
CA ASP E 25 32.30 -39.09 -10.58
C ASP E 25 31.00 -39.87 -10.30
N VAL E 26 29.86 -39.18 -10.41
CA VAL E 26 28.55 -39.77 -10.17
C VAL E 26 27.81 -40.24 -11.44
N LEU E 27 27.63 -39.34 -12.41
CA LEU E 27 26.94 -39.72 -13.64
C LEU E 27 27.87 -39.89 -14.83
N GLY E 28 29.17 -39.81 -14.57
CA GLY E 28 30.16 -39.96 -15.64
C GLY E 28 30.14 -38.91 -16.73
N TYR E 29 29.43 -37.80 -16.52
CA TYR E 29 29.40 -36.77 -17.53
C TYR E 29 30.61 -35.85 -17.43
N PRO E 30 31.22 -35.51 -18.57
CA PRO E 30 32.39 -34.63 -18.63
C PRO E 30 32.05 -33.25 -18.08
N ARG E 31 32.96 -32.71 -17.27
CA ARG E 31 32.82 -31.41 -16.62
C ARG E 31 31.68 -30.51 -17.06
N ASP E 32 31.78 -29.95 -18.26
CA ASP E 32 30.74 -29.04 -18.75
C ASP E 32 29.99 -29.54 -19.98
N MET E 33 29.70 -30.84 -20.00
CA MET E 33 28.96 -31.44 -21.12
C MET E 33 27.46 -31.23 -20.97
N TRP E 34 27.02 -30.83 -19.78
CA TRP E 34 25.62 -30.58 -19.52
C TRP E 34 25.26 -29.12 -19.78
N LEU E 35 26.24 -28.23 -19.71
CA LEU E 35 25.99 -26.81 -19.94
C LEU E 35 25.27 -26.52 -21.26
N GLY E 36 24.39 -25.53 -21.25
CA GLY E 36 23.65 -25.16 -22.43
C GLY E 36 22.58 -26.15 -22.82
N ARG E 37 22.53 -27.30 -22.14
CA ARG E 37 21.54 -28.31 -22.46
C ARG E 37 20.30 -28.25 -21.59
N SER E 38 19.18 -28.69 -22.15
CA SER E 38 17.87 -28.73 -21.49
C SER E 38 17.84 -29.91 -20.48
N PHE E 39 17.63 -29.58 -19.21
CA PHE E 39 17.63 -30.57 -18.13
C PHE E 39 16.76 -31.80 -18.28
N ILE E 40 15.49 -31.62 -18.64
CA ILE E 40 14.57 -32.74 -18.78
C ILE E 40 15.05 -33.84 -19.73
N ASP E 41 16.04 -33.56 -20.55
CA ASP E 41 16.56 -34.56 -21.48
C ASP E 41 17.35 -35.63 -20.75
N PHE E 42 17.59 -35.39 -19.47
CA PHE E 42 18.35 -36.35 -18.66
C PHE E 42 17.43 -37.16 -17.75
N VAL E 43 16.19 -36.70 -17.65
CA VAL E 43 15.16 -37.34 -16.85
C VAL E 43 14.41 -38.36 -17.69
N HIS E 44 14.26 -39.57 -17.15
CA HIS E 44 13.56 -40.67 -17.81
C HIS E 44 12.12 -40.29 -18.12
N LEU E 45 11.64 -40.72 -19.28
CA LEU E 45 10.28 -40.40 -19.73
C LEU E 45 9.22 -40.64 -18.65
N LYS E 46 9.31 -41.79 -18.01
CA LYS E 46 8.38 -42.19 -16.96
C LYS E 46 8.38 -41.26 -15.76
N ASP E 47 9.41 -40.45 -15.59
CA ASP E 47 9.43 -39.59 -14.41
C ASP E 47 9.20 -38.12 -14.66
N ARG E 48 9.16 -37.72 -15.91
CA ARG E 48 8.95 -36.33 -16.25
C ARG E 48 7.66 -35.74 -15.68
N ALA E 49 6.64 -36.56 -15.55
CA ALA E 49 5.38 -36.08 -15.02
C ALA E 49 5.59 -35.74 -13.56
N THR E 50 6.43 -36.52 -12.89
CA THR E 50 6.72 -36.28 -11.47
C THR E 50 7.62 -35.07 -11.31
N PHE E 51 8.49 -34.83 -12.29
CA PHE E 51 9.40 -33.70 -12.26
C PHE E 51 8.57 -32.44 -12.43
N ALA E 52 7.76 -32.41 -13.47
CA ALA E 52 6.90 -31.26 -13.76
C ALA E 52 6.08 -30.87 -12.55
N SER E 53 5.37 -31.85 -12.00
CA SER E 53 4.52 -31.66 -10.85
C SER E 53 5.30 -30.98 -9.75
N GLN E 54 6.49 -31.49 -9.46
CA GLN E 54 7.33 -30.94 -8.42
C GLN E 54 7.81 -29.49 -8.59
N ILE E 55 8.40 -29.11 -9.74
CA ILE E 55 8.80 -27.70 -9.84
C ILE E 55 7.60 -26.79 -10.02
N THR E 56 6.44 -27.37 -10.31
CA THR E 56 5.21 -26.60 -10.47
C THR E 56 4.65 -26.21 -9.13
N THR E 57 4.45 -27.21 -8.28
CA THR E 57 3.91 -26.99 -6.95
C THR E 57 5.00 -26.60 -5.98
N GLY E 58 6.14 -26.21 -6.51
CA GLY E 58 7.27 -25.81 -5.68
C GLY E 58 7.82 -24.46 -6.07
N ILE E 59 7.34 -23.93 -7.19
CA ILE E 59 7.79 -22.62 -7.68
C ILE E 59 7.23 -21.55 -6.75
N PRO E 60 8.13 -20.83 -6.05
CA PRO E 60 7.94 -19.75 -5.06
C PRO E 60 6.81 -18.72 -5.15
N ILE E 61 6.06 -18.66 -6.24
CA ILE E 61 4.98 -17.66 -6.30
C ILE E 61 3.79 -18.04 -5.42
N ALA E 72 11.79 -29.60 5.26
CA ALA E 72 12.68 -29.22 4.11
C ALA E 72 11.88 -28.83 2.86
N LYS E 73 12.58 -28.32 1.85
CA LYS E 73 11.95 -27.93 0.59
C LYS E 73 11.67 -29.22 -0.19
N SER E 74 11.15 -29.11 -1.40
CA SER E 74 10.82 -30.30 -2.19
C SER E 74 12.01 -31.24 -2.46
N THR E 75 11.76 -32.52 -2.23
CA THR E 75 12.73 -33.58 -2.43
C THR E 75 11.91 -34.75 -3.01
N PHE E 76 12.42 -35.39 -4.05
CA PHE E 76 11.72 -36.49 -4.70
C PHE E 76 12.69 -37.35 -5.51
N CYS E 77 12.17 -38.41 -6.12
CA CYS E 77 13.00 -39.32 -6.91
C CYS E 77 12.78 -39.25 -8.42
N VAL E 78 13.82 -39.56 -9.17
CA VAL E 78 13.73 -39.49 -10.61
C VAL E 78 14.88 -40.29 -11.19
N MET E 79 14.70 -40.86 -12.37
CA MET E 79 15.78 -41.63 -13.03
C MET E 79 16.55 -40.72 -13.98
N LEU E 80 17.88 -40.70 -13.84
CA LEU E 80 18.75 -39.89 -14.69
C LEU E 80 19.60 -40.79 -15.57
N ARG E 81 19.98 -40.32 -16.76
CA ARG E 81 20.81 -41.12 -17.68
C ARG E 81 22.31 -40.93 -17.56
N ARG E 82 23.05 -42.05 -17.59
CA ARG E 82 24.50 -42.04 -17.50
C ARG E 82 25.06 -41.70 -18.87
N TYR E 83 26.19 -41.00 -18.89
CA TYR E 83 26.87 -40.63 -20.12
C TYR E 83 27.36 -41.88 -20.83
N ARG E 84 27.19 -41.92 -22.16
CA ARG E 84 27.62 -43.07 -23.00
C ARG E 84 27.64 -44.42 -22.27
N PRO E 97 24.55 -50.07 -24.39
CA PRO E 97 23.76 -48.93 -24.75
C PRO E 97 23.12 -48.10 -23.64
N VAL E 98 21.79 -47.97 -23.63
CA VAL E 98 21.17 -46.91 -22.79
C VAL E 98 20.77 -47.23 -21.38
N SER E 99 21.41 -46.63 -20.35
CA SER E 99 21.01 -46.94 -18.99
C SER E 99 20.62 -45.69 -18.22
N TYR E 100 19.85 -45.89 -17.14
CA TYR E 100 19.38 -44.81 -16.28
C TYR E 100 19.64 -45.27 -14.85
N GLU E 101 19.82 -44.33 -13.93
CA GLU E 101 20.05 -44.66 -12.54
C GLU E 101 19.21 -43.78 -11.61
N PRO E 102 18.74 -44.35 -10.49
CA PRO E 102 17.91 -43.63 -9.50
C PRO E 102 18.67 -42.58 -8.68
N PHE E 103 18.00 -41.47 -8.44
CA PHE E 103 18.54 -40.33 -7.72
C PHE E 103 17.46 -39.64 -6.90
N ARG E 104 17.85 -39.20 -5.71
CA ARG E 104 16.99 -38.47 -4.79
C ARG E 104 17.36 -37.00 -5.05
N LEU E 105 16.45 -36.22 -5.65
CA LEU E 105 16.69 -34.80 -5.96
C LEU E 105 16.20 -33.82 -4.93
N GLY E 106 16.91 -32.70 -4.83
CA GLY E 106 16.56 -31.65 -3.89
C GLY E 106 16.46 -30.29 -4.57
N LEU E 107 15.24 -29.79 -4.77
CA LEU E 107 15.04 -28.50 -5.42
C LEU E 107 15.23 -27.30 -4.53
N THR E 108 15.87 -26.26 -5.06
CA THR E 108 16.11 -25.03 -4.29
C THR E 108 15.96 -23.83 -5.21
N PHE E 109 14.93 -23.03 -4.99
CA PHE E 109 14.71 -21.84 -5.81
C PHE E 109 15.38 -20.65 -5.14
N ARG E 110 16.30 -20.03 -5.86
CA ARG E 110 17.03 -18.88 -5.36
C ARG E 110 17.16 -17.87 -6.50
N GLU E 111 16.85 -16.61 -6.19
CA GLU E 111 16.88 -15.53 -7.18
C GLU E 111 18.25 -15.26 -7.80
N ALA E 112 18.21 -14.84 -9.07
CA ALA E 112 19.38 -14.54 -9.89
C ALA E 112 20.58 -13.85 -9.21
N PRO E 113 21.80 -14.31 -9.49
CA PRO E 113 23.06 -13.80 -8.94
C PRO E 113 23.78 -12.77 -9.83
N GLU E 114 25.09 -12.65 -9.57
CA GLU E 114 26.00 -11.77 -10.29
C GLU E 114 25.60 -10.35 -10.72
N GLU E 115 25.24 -10.17 -11.99
CA GLU E 115 24.89 -8.85 -12.50
C GLU E 115 23.44 -8.78 -13.00
N GLY E 126 10.56 -7.17 -13.25
CA GLY E 126 10.93 -8.56 -13.68
C GLY E 126 11.86 -9.24 -12.70
N THR E 127 11.61 -10.53 -12.47
CA THR E 127 12.44 -11.32 -11.55
C THR E 127 12.96 -12.60 -12.21
N ASN E 128 14.29 -12.65 -12.36
CA ASN E 128 14.97 -13.80 -12.95
C ASN E 128 15.16 -14.83 -11.85
N MET E 129 14.55 -16.01 -12.03
CA MET E 129 14.64 -17.06 -11.03
C MET E 129 15.64 -18.15 -11.40
N LEU E 130 16.19 -18.80 -10.39
CA LEU E 130 17.18 -19.87 -10.58
C LEU E 130 16.78 -21.12 -9.79
N LEU E 131 16.99 -22.28 -10.41
CA LEU E 131 16.64 -23.55 -9.81
C LEU E 131 17.91 -24.32 -9.52
N VAL E 132 18.06 -24.79 -8.30
CA VAL E 132 19.25 -25.55 -7.93
C VAL E 132 18.88 -26.97 -7.53
N ILE E 133 19.22 -27.93 -8.38
CA ILE E 133 18.93 -29.32 -8.10
C ILE E 133 20.18 -30.09 -7.65
N CYS E 134 20.08 -30.81 -6.53
CA CYS E 134 21.19 -31.63 -6.08
C CYS E 134 20.73 -33.07 -6.03
N ALA E 135 21.20 -33.85 -6.99
CA ALA E 135 20.85 -35.26 -7.07
C ALA E 135 21.90 -36.14 -6.39
N THR E 136 21.47 -36.97 -5.46
CA THR E 136 22.37 -37.87 -4.75
C THR E 136 21.87 -39.29 -5.03
N PRO E 137 22.73 -40.17 -5.55
CA PRO E 137 22.38 -41.55 -5.89
C PRO E 137 21.78 -42.47 -4.81
N ILE E 138 20.88 -43.33 -5.30
CA ILE E 138 20.15 -44.32 -4.52
C ILE E 138 20.71 -45.66 -4.93
N LYS E 139 21.12 -46.43 -3.92
CA LYS E 139 21.69 -47.75 -4.16
C LYS E 139 20.91 -48.83 -3.43
N SER E 140 20.97 -50.05 -3.97
CA SER E 140 20.27 -51.20 -3.39
C SER E 140 20.67 -51.53 -1.96
N SER E 141 19.67 -51.81 -1.14
CA SER E 141 19.84 -52.15 0.28
C SER E 141 20.55 -53.47 0.48
N TYR E 142 20.78 -54.22 -0.60
CA TYR E 142 21.41 -55.53 -0.49
C TYR E 142 22.90 -55.65 -0.80
N LYS E 143 23.58 -56.41 0.06
CA LYS E 143 25.00 -56.67 -0.07
C LYS E 143 25.18 -58.04 -0.74
N VAL E 144 24.53 -59.07 -0.19
CA VAL E 144 24.59 -60.44 -0.72
C VAL E 144 23.21 -60.99 -1.07
N PRO E 145 23.13 -61.93 -2.04
CA PRO E 145 21.92 -62.55 -2.52
C PRO E 145 21.20 -63.43 -1.49
N ASP E 146 19.87 -63.32 -1.47
CA ASP E 146 19.00 -64.06 -0.55
C ASP E 146 19.29 -63.65 0.89
N GLU E 147 19.64 -62.38 1.04
CA GLU E 147 19.96 -61.79 2.33
C GLU E 147 18.82 -61.97 3.34
N ILE E 148 19.18 -62.33 4.57
CA ILE E 148 18.22 -62.47 5.66
C ILE E 148 18.62 -61.34 6.60
N LEU E 149 17.78 -60.31 6.70
CA LEU E 149 18.12 -59.13 7.51
C LEU E 149 17.68 -59.16 8.97
N SER E 150 18.10 -58.15 9.74
CA SER E 150 17.78 -58.06 11.17
C SER E 150 17.14 -56.74 11.66
N GLN E 151 17.91 -55.95 12.40
CA GLN E 151 17.44 -54.69 12.94
C GLN E 151 17.83 -53.58 11.98
N LYS E 152 18.94 -53.79 11.30
CA LYS E 152 19.47 -52.86 10.29
C LYS E 152 18.47 -52.85 9.13
N SER E 153 17.47 -53.72 9.23
CA SER E 153 16.42 -53.87 8.24
C SER E 153 15.67 -52.56 8.02
N PRO E 154 15.54 -52.16 6.75
CA PRO E 154 14.84 -50.93 6.41
C PRO E 154 13.36 -51.25 6.55
N LYS E 155 12.67 -50.44 7.35
CA LYS E 155 11.24 -50.59 7.58
C LYS E 155 10.55 -49.48 6.80
N PHE E 156 9.52 -49.84 6.06
CA PHE E 156 8.80 -48.86 5.27
C PHE E 156 7.32 -49.17 5.28
N ALA E 157 6.52 -48.29 4.70
CA ALA E 157 5.09 -48.54 4.68
C ALA E 157 4.45 -48.23 3.35
N ILE E 158 3.61 -49.15 2.88
CA ILE E 158 2.84 -48.96 1.65
C ILE E 158 1.36 -48.88 1.99
N ARG E 159 0.67 -47.97 1.32
CA ARG E 159 -0.74 -47.79 1.57
C ARG E 159 -1.55 -47.88 0.28
N HIS E 160 -2.58 -48.72 0.31
CA HIS E 160 -3.45 -48.89 -0.86
C HIS E 160 -4.90 -48.71 -0.51
N THR E 161 -5.70 -48.34 -1.50
CA THR E 161 -7.14 -48.13 -1.30
C THR E 161 -7.99 -49.40 -1.17
N ALA E 162 -9.29 -49.21 -0.98
CA ALA E 162 -10.19 -50.37 -0.87
C ALA E 162 -10.26 -51.19 -2.16
N THR E 163 -10.04 -50.54 -3.30
CA THR E 163 -10.08 -51.23 -4.59
C THR E 163 -8.69 -51.80 -4.90
N GLY E 164 -7.79 -51.67 -3.92
CA GLY E 164 -6.43 -52.17 -4.03
C GLY E 164 -5.40 -51.30 -4.72
N ILE E 165 -5.62 -49.99 -4.85
CA ILE E 165 -4.60 -49.18 -5.52
C ILE E 165 -3.67 -48.44 -4.58
N ILE E 166 -2.39 -48.60 -4.86
CA ILE E 166 -1.37 -47.96 -4.07
C ILE E 166 -1.50 -46.44 -4.15
N SER E 167 -1.62 -45.84 -2.98
CA SER E 167 -1.74 -44.40 -2.91
C SER E 167 -0.53 -43.77 -2.23
N HIS E 168 0.20 -44.53 -1.41
CA HIS E 168 1.37 -43.99 -0.72
C HIS E 168 2.48 -45.01 -0.54
N VAL E 169 3.74 -44.57 -0.68
CA VAL E 169 4.91 -45.43 -0.49
C VAL E 169 6.03 -44.69 0.25
N ASP E 170 6.63 -45.36 1.21
CA ASP E 170 7.70 -44.77 2.00
C ASP E 170 9.06 -44.75 1.32
N SER E 171 9.90 -43.81 1.76
CA SER E 171 11.25 -43.61 1.26
C SER E 171 12.07 -44.87 1.32
N ALA E 172 12.05 -45.52 2.49
CA ALA E 172 12.82 -46.75 2.67
C ALA E 172 12.43 -47.84 1.67
N ALA E 173 11.25 -47.73 1.07
CA ALA E 173 10.74 -48.69 0.09
C ALA E 173 11.48 -48.71 -1.25
N VAL E 174 12.11 -47.58 -1.61
CA VAL E 174 12.83 -47.48 -2.87
C VAL E 174 14.06 -48.41 -2.98
N SER E 175 14.91 -48.40 -1.97
CA SER E 175 16.09 -49.28 -2.00
C SER E 175 15.72 -50.76 -1.80
N ALA E 176 14.71 -51.00 -0.98
CA ALA E 176 14.24 -52.34 -0.69
C ALA E 176 13.50 -53.04 -1.81
N LEU E 177 12.73 -52.31 -2.63
CA LEU E 177 12.00 -53.02 -3.66
C LEU E 177 12.44 -52.65 -5.05
N GLY E 178 13.16 -51.53 -5.14
CA GLY E 178 13.64 -51.05 -6.43
C GLY E 178 12.64 -50.24 -7.23
N TYR E 179 11.56 -49.82 -6.60
CA TYR E 179 10.53 -49.02 -7.26
C TYR E 179 10.59 -47.57 -6.74
N LEU E 180 10.36 -46.61 -7.62
CA LEU E 180 10.32 -45.23 -7.15
C LEU E 180 8.85 -45.03 -6.78
N PRO E 181 8.56 -44.11 -5.85
CA PRO E 181 7.19 -43.82 -5.42
C PRO E 181 6.16 -43.80 -6.53
N GLN E 182 6.46 -43.00 -7.55
CA GLN E 182 5.61 -42.84 -8.73
C GLN E 182 5.39 -44.12 -9.55
N ASP E 183 6.36 -45.02 -9.54
CA ASP E 183 6.26 -46.28 -10.27
C ASP E 183 5.21 -47.20 -9.66
N LEU E 184 5.01 -47.06 -8.36
CA LEU E 184 4.07 -47.89 -7.63
C LEU E 184 2.71 -47.23 -7.46
N ILE E 185 2.72 -45.93 -7.19
CA ILE E 185 1.48 -45.19 -6.98
C ILE E 185 0.60 -45.18 -8.21
N GLY E 186 -0.61 -45.73 -8.09
CA GLY E 186 -1.51 -45.79 -9.23
C GLY E 186 -1.81 -47.21 -9.62
N ARG E 187 -0.82 -48.09 -9.45
CA ARG E 187 -0.91 -49.52 -9.76
C ARG E 187 -1.70 -50.30 -8.69
N SER E 188 -2.09 -51.54 -9.01
CA SER E 188 -2.84 -52.39 -8.08
C SER E 188 -1.91 -53.23 -7.20
N ILE E 189 -2.11 -53.20 -5.88
CA ILE E 189 -1.27 -53.97 -4.96
C ILE E 189 -1.21 -55.48 -5.26
N MET E 190 -2.26 -55.98 -5.93
CA MET E 190 -2.39 -57.37 -6.32
C MET E 190 -1.40 -57.83 -7.39
N ASP E 191 -0.89 -56.90 -8.19
CA ASP E 191 0.08 -57.24 -9.25
C ASP E 191 1.38 -57.74 -8.65
N PHE E 192 1.64 -57.35 -7.40
CA PHE E 192 2.87 -57.73 -6.77
C PHE E 192 2.84 -59.02 -5.96
N TYR E 193 1.67 -59.64 -5.82
CA TYR E 193 1.59 -60.88 -5.08
C TYR E 193 1.80 -62.05 -6.04
N HIS E 194 2.69 -62.97 -5.67
CA HIS E 194 3.00 -64.14 -6.50
C HIS E 194 1.75 -64.93 -6.91
N HIS E 195 1.75 -65.46 -8.14
CA HIS E 195 0.61 -66.21 -8.67
C HIS E 195 0.20 -67.42 -7.85
N GLU E 196 1.15 -67.99 -7.11
CA GLU E 196 0.90 -69.13 -6.24
C GLU E 196 0.27 -68.73 -4.90
N ASP E 197 0.71 -67.59 -4.37
CA ASP E 197 0.25 -67.12 -3.06
C ASP E 197 -1.00 -66.25 -3.03
N LEU E 198 -1.73 -66.13 -4.14
CA LEU E 198 -2.95 -65.31 -4.12
C LEU E 198 -3.96 -65.78 -3.10
N SER E 199 -3.94 -67.09 -2.83
CA SER E 199 -4.84 -67.73 -1.88
C SER E 199 -4.57 -67.31 -0.44
N VAL E 200 -3.32 -67.44 -0.03
CA VAL E 200 -2.91 -67.10 1.32
C VAL E 200 -3.13 -65.60 1.62
N MET E 201 -3.02 -64.78 0.58
CA MET E 201 -3.22 -63.34 0.73
C MET E 201 -4.70 -63.07 0.93
N LYS E 202 -5.52 -63.88 0.28
CA LYS E 202 -6.97 -63.73 0.38
C LYS E 202 -7.43 -63.95 1.82
N GLU E 203 -6.76 -64.85 2.54
CA GLU E 203 -7.12 -65.09 3.94
C GLU E 203 -6.56 -64.02 4.86
N THR E 204 -5.44 -63.44 4.49
CA THR E 204 -4.85 -62.39 5.30
C THR E 204 -5.72 -61.14 5.18
N TYR E 205 -6.23 -60.87 3.96
CA TYR E 205 -7.11 -59.73 3.74
C TYR E 205 -8.44 -59.95 4.45
N GLU E 206 -8.91 -61.19 4.45
CA GLU E 206 -10.14 -61.48 5.17
C GLU E 206 -9.86 -61.20 6.64
N THR E 207 -8.65 -61.50 7.11
CA THR E 207 -8.26 -61.22 8.49
C THR E 207 -8.19 -59.70 8.74
N VAL E 208 -7.78 -58.94 7.71
CA VAL E 208 -7.72 -57.47 7.84
C VAL E 208 -9.14 -56.91 7.98
N MET E 209 -10.08 -57.48 7.22
CA MET E 209 -11.49 -57.08 7.26
C MET E 209 -12.16 -57.41 8.58
N LYS E 210 -11.81 -58.57 9.15
CA LYS E 210 -12.37 -58.98 10.43
C LYS E 210 -11.82 -58.07 11.53
N LYS E 211 -10.52 -57.81 11.47
CA LYS E 211 -9.86 -56.94 12.43
C LYS E 211 -10.36 -55.49 12.31
N GLY E 212 -11.05 -55.20 11.21
CA GLY E 212 -11.59 -53.88 10.98
C GLY E 212 -12.69 -53.52 11.95
N GLN E 213 -13.28 -54.54 12.59
CA GLN E 213 -14.35 -54.34 13.55
C GLN E 213 -13.85 -53.56 14.75
N THR E 214 -12.53 -53.60 14.98
CA THR E 214 -11.88 -52.90 16.09
C THR E 214 -10.93 -51.88 15.50
N ALA E 215 -11.13 -50.60 15.80
CA ALA E 215 -10.26 -49.56 15.25
C ALA E 215 -8.80 -49.78 15.62
N GLY E 216 -7.91 -49.49 14.67
CA GLY E 216 -6.48 -49.62 14.92
C GLY E 216 -5.97 -50.97 15.41
N ALA E 217 -6.75 -52.03 15.18
CA ALA E 217 -6.35 -53.38 15.57
C ALA E 217 -5.35 -53.87 14.52
N SER E 218 -4.14 -54.22 14.92
CA SER E 218 -3.15 -54.68 13.94
C SER E 218 -2.88 -56.18 13.98
N PHE E 219 -2.02 -56.66 13.08
CA PHE E 219 -1.64 -58.06 13.04
C PHE E 219 -0.53 -58.36 12.01
N CYS E 220 0.36 -59.28 12.34
CA CYS E 220 1.44 -59.66 11.43
C CYS E 220 1.01 -60.88 10.64
N SER E 221 1.64 -61.09 9.50
CA SER E 221 1.31 -62.22 8.65
C SER E 221 2.55 -63.04 8.33
N LYS E 222 2.36 -64.32 8.06
CA LYS E 222 3.46 -65.21 7.70
C LYS E 222 4.10 -64.69 6.43
N PRO E 223 5.41 -64.41 6.46
CA PRO E 223 6.17 -63.89 5.32
C PRO E 223 5.73 -64.44 3.97
N TYR E 224 5.44 -63.53 3.04
CA TYR E 224 4.99 -63.88 1.70
C TYR E 224 5.82 -63.15 0.62
N ARG E 225 5.82 -63.70 -0.59
CA ARG E 225 6.56 -63.15 -1.73
C ARG E 225 5.97 -61.89 -2.34
N PHE E 226 6.84 -60.96 -2.71
CA PHE E 226 6.44 -59.68 -3.30
C PHE E 226 7.39 -59.36 -4.44
N LEU E 227 6.81 -59.10 -5.61
CA LEU E 227 7.56 -58.78 -6.82
C LEU E 227 8.30 -57.45 -6.78
N ILE E 228 9.62 -57.49 -6.87
CA ILE E 228 10.40 -56.26 -6.89
C ILE E 228 10.74 -55.86 -8.32
N GLN E 229 11.21 -54.63 -8.49
CA GLN E 229 11.58 -54.09 -9.79
C GLN E 229 12.27 -55.03 -10.76
N ASN E 230 13.34 -55.69 -10.35
CA ASN E 230 14.05 -56.57 -11.26
C ASN E 230 13.35 -57.90 -11.56
N GLY E 231 12.10 -58.05 -11.16
CA GLY E 231 11.38 -59.28 -11.45
C GLY E 231 11.53 -60.47 -10.51
N CYS E 232 12.57 -60.49 -9.70
CA CYS E 232 12.71 -61.60 -8.77
C CYS E 232 11.88 -61.27 -7.52
N TYR E 233 11.70 -62.24 -6.64
CA TYR E 233 10.90 -62.01 -5.45
C TYR E 233 11.65 -61.91 -4.13
N VAL E 234 10.98 -61.28 -3.16
CA VAL E 234 11.49 -61.12 -1.81
C VAL E 234 10.36 -61.51 -0.88
N LEU E 235 10.69 -61.83 0.35
CA LEU E 235 9.70 -62.16 1.34
C LEU E 235 9.53 -60.93 2.21
N LEU E 236 8.29 -60.54 2.45
CA LEU E 236 8.02 -59.37 3.28
C LEU E 236 7.33 -59.83 4.54
N GLU E 237 7.65 -59.19 5.66
CA GLU E 237 6.95 -59.51 6.90
C GLU E 237 6.20 -58.22 7.17
N THR E 238 4.89 -58.27 6.98
CA THR E 238 4.04 -57.11 7.13
C THR E 238 3.24 -57.08 8.42
N GLU E 239 2.80 -55.87 8.79
CA GLU E 239 1.96 -55.66 9.93
C GLU E 239 0.79 -54.89 9.39
N TRP E 240 -0.34 -55.57 9.22
CA TRP E 240 -1.54 -54.97 8.67
C TRP E 240 -2.45 -54.22 9.64
N THR E 241 -2.79 -53.01 9.25
CA THR E 241 -3.67 -52.14 10.02
C THR E 241 -4.57 -51.55 8.94
N SER E 242 -5.65 -50.89 9.32
CA SER E 242 -6.55 -50.30 8.33
C SER E 242 -7.39 -49.17 8.89
N PHE E 243 -8.05 -48.46 7.99
CA PHE E 243 -8.95 -47.37 8.37
C PHE E 243 -10.36 -47.56 7.78
N VAL E 244 -11.36 -47.53 8.65
CA VAL E 244 -12.74 -47.66 8.20
C VAL E 244 -13.44 -46.36 8.53
N ASN E 245 -14.12 -45.79 7.53
CA ASN E 245 -14.86 -44.54 7.71
C ASN E 245 -15.95 -44.85 8.73
N PRO E 246 -15.88 -44.24 9.93
CA PRO E 246 -16.84 -44.45 11.02
C PRO E 246 -18.29 -44.16 10.68
N TRP E 247 -18.49 -43.25 9.74
CA TRP E 247 -19.83 -42.87 9.32
C TRP E 247 -20.44 -43.77 8.24
N SER E 248 -19.70 -43.99 7.16
CA SER E 248 -20.17 -44.82 6.06
C SER E 248 -19.96 -46.29 6.37
N ARG E 249 -18.99 -46.55 7.25
CA ARG E 249 -18.63 -47.89 7.69
C ARG E 249 -17.88 -48.71 6.65
N LYS E 250 -17.46 -48.08 5.56
CA LYS E 250 -16.73 -48.79 4.53
C LYS E 250 -15.21 -48.61 4.69
N LEU E 251 -14.45 -49.58 4.17
CA LEU E 251 -12.99 -49.53 4.24
C LEU E 251 -12.46 -48.38 3.42
N GLU E 252 -11.65 -47.55 4.06
CA GLU E 252 -11.09 -46.38 3.41
C GLU E 252 -9.73 -46.73 2.79
N PHE E 253 -8.90 -47.50 3.51
CA PHE E 253 -7.58 -47.92 3.01
C PHE E 253 -6.88 -48.97 3.87
N VAL E 254 -5.92 -49.66 3.27
CA VAL E 254 -5.13 -50.66 3.99
C VAL E 254 -3.62 -50.36 3.90
N VAL E 255 -3.00 -50.17 5.06
CA VAL E 255 -1.58 -49.88 5.14
C VAL E 255 -0.85 -51.07 5.67
N GLY E 256 0.25 -51.41 5.00
CA GLY E 256 1.09 -52.52 5.41
C GLY E 256 2.47 -52.06 5.80
N HIS E 257 2.87 -52.28 7.05
CA HIS E 257 4.20 -51.89 7.49
C HIS E 257 5.11 -53.05 7.19
N HIS E 258 5.90 -52.84 6.16
CA HIS E 258 6.81 -53.86 5.69
C HIS E 258 8.22 -53.77 6.24
N ARG E 259 8.88 -54.91 6.14
CA ARG E 259 10.26 -55.09 6.56
C ARG E 259 10.66 -56.27 5.67
N VAL E 260 11.87 -56.24 5.12
CA VAL E 260 12.30 -57.33 4.25
C VAL E 260 12.76 -58.54 5.05
N PHE E 261 12.09 -59.67 4.90
CA PHE E 261 12.48 -60.89 5.61
C PHE E 261 13.64 -61.53 4.87
N GLN E 262 13.47 -61.70 3.56
CA GLN E 262 14.51 -62.28 2.75
C GLN E 262 14.71 -61.44 1.50
N GLY E 263 15.97 -61.11 1.21
CA GLY E 263 16.27 -60.30 0.03
C GLY E 263 16.09 -61.08 -1.25
N PRO E 264 16.32 -60.43 -2.40
CA PRO E 264 16.19 -61.05 -3.73
C PRO E 264 17.39 -61.92 -4.10
N LYS E 265 17.17 -62.77 -5.09
CA LYS E 265 18.21 -63.65 -5.58
C LYS E 265 19.28 -62.80 -6.28
N GLN E 266 18.88 -61.60 -6.74
CA GLN E 266 19.76 -60.65 -7.42
C GLN E 266 20.02 -59.40 -6.58
N CYS E 267 21.27 -59.21 -6.16
CA CYS E 267 21.67 -58.07 -5.33
C CYS E 267 21.07 -56.74 -5.71
N ASN E 268 21.53 -56.20 -6.84
CA ASN E 268 21.08 -54.92 -7.36
C ASN E 268 19.58 -55.03 -7.65
N VAL E 269 18.82 -54.12 -7.08
CA VAL E 269 17.38 -54.13 -7.22
C VAL E 269 16.87 -53.25 -8.37
N PHE E 270 17.78 -52.46 -8.93
CA PHE E 270 17.44 -51.53 -10.01
C PHE E 270 17.70 -51.98 -11.45
N GLU E 271 18.56 -52.97 -11.65
CA GLU E 271 18.88 -53.44 -13.01
C GLU E 271 17.68 -54.07 -13.72
N ALA E 272 17.73 -54.12 -15.05
CA ALA E 272 16.64 -54.69 -15.85
C ALA E 272 16.35 -56.14 -15.47
N ALA E 273 15.17 -56.63 -15.84
CA ALA E 273 14.68 -58.00 -15.55
C ALA E 273 15.63 -59.19 -15.84
N PRO E 274 16.43 -59.62 -14.84
CA PRO E 274 17.36 -60.73 -15.01
C PRO E 274 16.67 -62.06 -14.64
N THR E 275 16.18 -62.78 -15.65
CA THR E 275 15.48 -64.06 -15.49
C THR E 275 14.21 -63.94 -14.59
N CYS E 276 13.89 -64.99 -13.83
CA CYS E 276 12.74 -64.97 -12.91
C CYS E 276 11.32 -64.74 -13.50
N LYS E 277 10.77 -65.64 -14.33
CA LYS E 277 9.39 -65.50 -14.90
C LYS E 277 8.79 -66.70 -15.70
N LEU E 278 7.45 -66.81 -15.71
CA LEU E 278 6.63 -67.83 -16.43
C LEU E 278 5.35 -68.28 -15.68
N LYS E 279 4.30 -68.58 -16.43
CA LYS E 279 2.99 -68.90 -15.87
C LYS E 279 2.10 -69.88 -16.71
N ILE E 280 1.19 -70.64 -16.08
CA ILE E 280 0.25 -71.50 -16.82
C ILE E 280 -1.05 -70.73 -17.17
N SER E 281 -1.11 -70.26 -18.41
CA SER E 281 -2.24 -69.53 -18.96
C SER E 281 -3.61 -69.70 -18.30
N GLU E 282 -4.35 -70.69 -18.78
CA GLU E 282 -5.70 -71.02 -18.32
C GLU E 282 -5.96 -70.92 -16.80
N GLU E 283 -5.90 -72.06 -16.12
CA GLU E 283 -6.15 -72.17 -14.69
C GLU E 283 -5.35 -71.22 -13.78
N ALA E 284 -4.40 -70.47 -14.32
CA ALA E 284 -3.63 -69.56 -13.49
C ALA E 284 -4.14 -68.12 -13.57
N GLN E 285 -3.93 -67.49 -14.72
CA GLN E 285 -4.36 -66.12 -14.93
C GLN E 285 -5.85 -65.94 -14.64
N SER E 286 -6.64 -66.94 -15.02
CA SER E 286 -8.09 -66.92 -14.81
C SER E 286 -8.48 -67.12 -13.35
N ARG E 287 -7.84 -68.07 -12.69
CA ARG E 287 -8.11 -68.36 -11.27
C ARG E 287 -7.62 -67.16 -10.48
N ASN E 288 -6.40 -66.72 -10.80
CA ASN E 288 -5.80 -65.57 -10.16
C ASN E 288 -6.67 -64.35 -10.33
N THR E 289 -7.16 -64.14 -11.54
CA THR E 289 -8.00 -62.98 -11.80
C THR E 289 -9.33 -63.03 -11.01
N ARG E 290 -9.77 -64.23 -10.65
CA ARG E 290 -11.00 -64.38 -9.88
C ARG E 290 -10.71 -64.06 -8.41
N ILE E 291 -9.63 -64.65 -7.90
CA ILE E 291 -9.24 -64.46 -6.51
C ILE E 291 -9.13 -62.97 -6.18
N LYS E 292 -8.42 -62.22 -7.03
CA LYS E 292 -8.26 -60.79 -6.83
C LYS E 292 -9.62 -60.16 -6.81
N GLU E 293 -10.47 -60.57 -7.76
CA GLU E 293 -11.83 -60.05 -7.85
C GLU E 293 -12.61 -60.23 -6.53
N ASP E 294 -12.32 -61.32 -5.81
CA ASP E 294 -12.98 -61.60 -4.54
C ASP E 294 -12.44 -60.74 -3.40
N ILE E 295 -11.14 -60.44 -3.46
CA ILE E 295 -10.48 -59.63 -2.43
C ILE E 295 -10.94 -58.18 -2.48
N VAL E 296 -11.09 -57.64 -3.69
CA VAL E 296 -11.57 -56.27 -3.86
C VAL E 296 -13.06 -56.25 -3.51
N LYS E 297 -13.71 -57.39 -3.73
CA LYS E 297 -15.14 -57.58 -3.45
C LYS E 297 -15.34 -57.59 -1.94
N ARG E 298 -14.52 -58.34 -1.23
CA ARG E 298 -14.65 -58.38 0.23
C ARG E 298 -14.20 -57.07 0.86
N LEU E 299 -13.18 -56.45 0.26
CA LEU E 299 -12.64 -55.20 0.76
C LEU E 299 -13.68 -54.10 0.67
N ALA E 300 -14.65 -54.26 -0.22
CA ALA E 300 -15.71 -53.27 -0.40
C ALA E 300 -16.89 -53.49 0.56
N GLU E 301 -16.90 -54.66 1.21
CA GLU E 301 -17.96 -55.03 2.15
C GLU E 301 -17.93 -54.17 3.39
N THR E 302 -19.12 -53.78 3.86
CA THR E 302 -19.30 -52.93 5.03
C THR E 302 -18.86 -53.60 6.33
N VAL E 303 -18.23 -52.84 7.21
CA VAL E 303 -17.75 -53.39 8.48
C VAL E 303 -18.67 -53.12 9.67
N SER E 304 -18.61 -54.05 10.62
CA SER E 304 -19.39 -54.03 11.83
C SER E 304 -18.83 -53.22 13.00
N ARG E 305 -19.42 -52.04 13.25
CA ARG E 305 -19.00 -51.18 14.37
C ARG E 305 -20.26 -51.01 15.22
N PRO E 306 -20.59 -52.04 16.04
CA PRO E 306 -21.76 -52.09 16.92
C PRO E 306 -21.93 -51.02 18.00
N SER E 307 -23.19 -50.74 18.28
CA SER E 307 -23.61 -49.75 19.29
C SER E 307 -23.65 -50.36 20.69
N GLU E 308 -22.47 -50.69 21.20
CA GLU E 308 -22.28 -51.27 22.53
C GLU E 308 -22.41 -50.16 23.58
N THR E 309 -22.21 -48.93 23.11
CA THR E 309 -22.26 -47.70 23.94
C THR E 309 -23.63 -47.30 24.47
N VAL E 310 -24.06 -48.03 25.50
CA VAL E 310 -25.33 -47.82 26.21
C VAL E 310 -24.95 -48.25 27.62
N LYS E 311 -24.33 -49.44 27.71
CA LYS E 311 -23.83 -49.97 28.97
C LYS E 311 -22.73 -49.00 29.36
N GLN E 312 -22.04 -48.54 28.33
CA GLN E 312 -20.91 -47.62 28.45
C GLN E 312 -21.19 -46.28 29.11
N GLU E 313 -22.27 -46.22 29.88
CA GLU E 313 -22.60 -45.02 30.63
C GLU E 313 -22.00 -45.25 32.02
N VAL E 314 -20.85 -45.93 31.99
CA VAL E 314 -20.02 -46.23 33.15
C VAL E 314 -18.96 -45.13 33.06
N SER E 315 -18.75 -44.69 31.82
CA SER E 315 -17.80 -43.63 31.48
C SER E 315 -18.58 -42.35 31.10
N ARG E 316 -19.83 -42.52 30.69
CA ARG E 316 -20.69 -41.38 30.36
C ARG E 316 -20.91 -40.67 31.68
N ARG E 317 -21.02 -41.48 32.75
CA ARG E 317 -21.24 -41.00 34.12
C ARG E 317 -19.93 -40.84 34.90
N CYS E 318 -18.86 -41.44 34.40
CA CYS E 318 -17.55 -41.36 35.05
C CYS E 318 -17.05 -39.91 34.98
N GLN E 319 -16.94 -39.29 36.16
CA GLN E 319 -16.51 -37.89 36.28
C GLN E 319 -15.11 -37.66 35.71
N ALA E 320 -14.29 -38.71 35.76
CA ALA E 320 -12.93 -38.64 35.26
C ALA E 320 -12.88 -38.36 33.75
N LEU E 321 -13.65 -39.13 32.98
CA LEU E 321 -13.69 -38.99 31.53
C LEU E 321 -14.16 -37.61 31.05
N ALA E 322 -15.24 -37.12 31.63
CA ALA E 322 -15.79 -35.81 31.24
C ALA E 322 -14.83 -34.64 31.55
N SER E 323 -13.98 -34.80 32.56
CA SER E 323 -13.03 -33.75 32.91
C SER E 323 -11.85 -33.78 31.96
N PHE E 324 -11.55 -34.97 31.46
CA PHE E 324 -10.46 -35.17 30.52
C PHE E 324 -10.83 -34.68 29.12
N MET E 325 -12.11 -34.75 28.79
CA MET E 325 -12.61 -34.31 27.49
C MET E 325 -12.88 -32.81 27.51
N GLU E 326 -13.28 -32.30 28.66
CA GLU E 326 -13.54 -30.88 28.85
C GLU E 326 -12.21 -30.18 28.60
N THR E 327 -11.14 -30.77 29.15
CA THR E 327 -9.78 -30.26 29.03
C THR E 327 -9.19 -30.48 27.64
N LEU E 328 -9.49 -31.63 27.05
CA LEU E 328 -9.04 -31.98 25.71
C LEU E 328 -9.59 -30.97 24.70
N MET E 329 -10.83 -30.55 24.92
CA MET E 329 -11.48 -29.58 24.05
C MET E 329 -10.76 -28.22 24.09
N ASP E 330 -10.16 -27.89 25.23
CA ASP E 330 -9.43 -26.63 25.39
C ASP E 330 -8.02 -26.70 24.79
N GLU E 331 -7.32 -27.81 25.05
CA GLU E 331 -5.98 -28.00 24.52
C GLU E 331 -5.96 -27.89 23.00
N VAL E 332 -7.14 -28.07 22.40
CA VAL E 332 -7.34 -28.00 20.96
C VAL E 332 -7.93 -26.64 20.61
N SER E 333 -8.93 -26.23 21.38
CA SER E 333 -9.59 -24.94 21.17
C SER E 333 -8.55 -23.84 21.04
N ARG E 334 -7.50 -23.93 21.87
CA ARG E 334 -6.41 -22.98 21.90
C ARG E 334 -5.40 -23.14 20.77
N ALA E 335 -4.61 -24.20 20.87
CA ALA E 335 -3.54 -24.54 19.91
C ALA E 335 -3.74 -24.21 18.43
N ASP E 336 -4.64 -24.95 17.78
CA ASP E 336 -4.93 -24.82 16.36
C ASP E 336 -5.53 -23.51 15.86
N LEU E 337 -6.61 -23.05 16.51
CA LEU E 337 -7.29 -21.81 16.10
C LEU E 337 -6.61 -20.51 16.53
N LYS E 338 -5.91 -20.52 17.67
CA LYS E 338 -5.21 -19.32 18.18
C LYS E 338 -3.79 -19.11 17.65
N LEU E 339 -3.03 -20.20 17.48
CA LEU E 339 -1.66 -20.12 16.99
C LEU E 339 -1.51 -20.91 15.68
N LYS F 1 -11.05 -13.79 22.53
CA LYS F 1 -11.69 -14.97 21.95
C LYS F 1 -12.65 -14.63 20.80
N GLU F 2 -13.49 -15.60 20.45
CA GLU F 2 -14.48 -15.48 19.38
C GLU F 2 -15.43 -16.68 19.46
N ASP F 3 -16.74 -16.40 19.46
CA ASP F 3 -17.79 -17.42 19.55
C ASP F 3 -17.49 -18.70 18.80
N SER F 4 -17.44 -19.80 19.53
CA SER F 4 -17.15 -21.12 18.95
C SER F 4 -17.40 -22.26 19.93
N PHE F 5 -17.76 -23.42 19.37
CA PHE F 5 -17.99 -24.59 20.18
C PHE F 5 -17.07 -25.69 19.71
N CYS F 6 -17.02 -26.78 20.46
CA CYS F 6 -16.20 -27.91 20.11
C CYS F 6 -16.97 -29.13 20.52
N CYS F 7 -16.48 -30.29 20.14
CA CYS F 7 -17.15 -31.52 20.49
C CYS F 7 -16.16 -32.63 20.29
N VAL F 8 -16.50 -33.82 20.73
CA VAL F 8 -15.59 -34.95 20.60
C VAL F 8 -16.30 -36.12 19.94
N ILE F 9 -15.90 -36.45 18.72
CA ILE F 9 -16.50 -37.58 18.00
C ILE F 9 -15.69 -38.83 18.29
N SER F 10 -16.25 -40.00 18.03
CA SER F 10 -15.56 -41.27 18.23
C SER F 10 -15.23 -41.88 16.85
N MET F 11 -13.98 -42.22 16.60
CA MET F 11 -13.64 -42.80 15.32
C MET F 11 -14.07 -44.27 15.18
N HIS F 12 -14.84 -44.74 16.15
CA HIS F 12 -15.33 -46.11 16.12
C HIS F 12 -16.59 -46.15 15.29
N ASP F 13 -17.57 -45.37 15.73
CA ASP F 13 -18.87 -45.33 15.08
C ASP F 13 -19.33 -43.96 14.58
N GLY F 14 -18.48 -42.95 14.78
CA GLY F 14 -18.80 -41.61 14.32
C GLY F 14 -19.81 -40.79 15.10
N ILE F 15 -20.25 -41.27 16.27
CA ILE F 15 -21.22 -40.52 17.07
C ILE F 15 -20.53 -39.51 17.99
N VAL F 16 -21.17 -38.38 18.24
CA VAL F 16 -20.56 -37.37 19.12
C VAL F 16 -20.73 -37.73 20.59
N LEU F 17 -19.60 -37.70 21.29
CA LEU F 17 -19.53 -38.03 22.71
C LEU F 17 -19.68 -36.88 23.67
N TYR F 18 -19.05 -35.75 23.39
CA TYR F 18 -19.10 -34.60 24.28
C TYR F 18 -19.15 -33.32 23.44
N THR F 19 -19.70 -32.26 24.04
CA THR F 19 -19.85 -30.97 23.37
C THR F 19 -19.73 -29.83 24.37
N THR F 20 -19.14 -28.70 23.95
CA THR F 20 -19.04 -27.55 24.85
C THR F 20 -20.44 -26.93 24.96
N PRO F 21 -20.75 -26.31 26.11
CA PRO F 21 -22.05 -25.68 26.35
C PRO F 21 -22.40 -24.60 25.32
N SER F 22 -21.37 -23.91 24.82
CA SER F 22 -21.51 -22.83 23.84
C SER F 22 -22.17 -23.26 22.53
N ILE F 23 -22.32 -24.56 22.34
CA ILE F 23 -22.94 -25.11 21.14
C ILE F 23 -24.31 -24.48 20.92
N THR F 24 -25.03 -24.24 22.01
CA THR F 24 -26.35 -23.65 21.92
C THR F 24 -26.25 -22.19 21.49
N ASP F 25 -25.28 -21.47 22.02
CA ASP F 25 -25.08 -20.06 21.70
C ASP F 25 -24.61 -19.90 20.26
N VAL F 26 -23.98 -20.94 19.72
CA VAL F 26 -23.43 -20.92 18.35
C VAL F 26 -24.32 -21.50 17.27
N LEU F 27 -24.83 -22.70 17.49
CA LEU F 27 -25.71 -23.37 16.52
C LEU F 27 -27.16 -23.48 16.96
N GLY F 28 -27.42 -23.15 18.22
CA GLY F 28 -28.78 -23.21 18.73
C GLY F 28 -29.22 -24.57 19.21
N TYR F 29 -28.32 -25.54 19.17
CA TYR F 29 -28.63 -26.89 19.60
C TYR F 29 -28.66 -27.02 21.12
N PRO F 30 -29.73 -27.61 21.66
CA PRO F 30 -29.87 -27.81 23.10
C PRO F 30 -28.68 -28.58 23.65
N ARG F 31 -27.86 -27.88 24.42
CA ARG F 31 -26.67 -28.40 25.09
C ARG F 31 -26.18 -29.82 24.72
N ASP F 32 -26.99 -30.83 25.01
CA ASP F 32 -26.59 -32.20 24.74
C ASP F 32 -27.50 -32.96 23.78
N MET F 33 -28.10 -32.24 22.85
CA MET F 33 -28.98 -32.86 21.86
C MET F 33 -28.10 -33.54 20.83
N TRP F 34 -26.88 -33.02 20.69
CA TRP F 34 -25.90 -33.55 19.74
C TRP F 34 -25.40 -34.92 20.14
N LEU F 35 -25.25 -35.14 21.44
CA LEU F 35 -24.76 -36.40 21.97
C LEU F 35 -25.44 -37.62 21.34
N GLY F 36 -24.64 -38.63 21.07
CA GLY F 36 -25.17 -39.85 20.49
C GLY F 36 -25.49 -39.84 18.99
N ARG F 37 -25.61 -38.66 18.38
CA ARG F 37 -25.94 -38.57 16.95
C ARG F 37 -24.71 -38.58 16.05
N SER F 38 -24.89 -39.09 14.83
CA SER F 38 -23.81 -39.18 13.86
C SER F 38 -23.38 -37.79 13.39
N PHE F 39 -22.13 -37.41 13.68
CA PHE F 39 -21.60 -36.09 13.31
C PHE F 39 -21.89 -35.55 11.92
N ILE F 40 -21.65 -36.34 10.87
CA ILE F 40 -21.85 -35.88 9.49
C ILE F 40 -23.24 -35.40 9.17
N ASP F 41 -24.22 -35.89 9.91
CA ASP F 41 -25.58 -35.48 9.71
C ASP F 41 -25.72 -33.95 9.81
N PHE F 42 -24.79 -33.27 10.48
CA PHE F 42 -24.84 -31.81 10.61
C PHE F 42 -23.98 -31.06 9.61
N VAL F 43 -23.28 -31.81 8.75
CA VAL F 43 -22.41 -31.26 7.72
C VAL F 43 -23.17 -31.28 6.40
N HIS F 44 -23.02 -30.22 5.61
CA HIS F 44 -23.71 -30.12 4.34
C HIS F 44 -23.22 -31.11 3.30
N LEU F 45 -24.12 -31.54 2.43
CA LEU F 45 -23.85 -32.50 1.36
C LEU F 45 -22.66 -32.06 0.56
N LYS F 46 -22.73 -30.81 0.08
CA LYS F 46 -21.67 -30.24 -0.76
C LYS F 46 -20.34 -30.28 -0.02
N ASP F 47 -20.40 -30.38 1.31
CA ASP F 47 -19.20 -30.38 2.10
C ASP F 47 -18.78 -31.72 2.69
N ARG F 48 -19.60 -32.76 2.51
CA ARG F 48 -19.30 -34.09 3.06
C ARG F 48 -18.06 -34.76 2.44
N ALA F 49 -17.93 -34.64 1.12
CA ALA F 49 -16.79 -35.17 0.39
C ALA F 49 -15.48 -34.52 0.85
N THR F 50 -15.54 -33.22 1.12
CA THR F 50 -14.41 -32.46 1.61
C THR F 50 -14.02 -32.92 3.00
N PHE F 51 -15.01 -33.05 3.86
CA PHE F 51 -14.84 -33.49 5.26
C PHE F 51 -14.25 -34.90 5.39
N ALA F 52 -14.65 -35.82 4.50
CA ALA F 52 -14.14 -37.21 4.53
C ALA F 52 -12.65 -37.21 4.18
N SER F 53 -12.30 -36.48 3.12
CA SER F 53 -10.92 -36.35 2.66
C SER F 53 -10.01 -35.81 3.75
N GLN F 54 -10.52 -34.83 4.50
CA GLN F 54 -9.77 -34.22 5.58
C GLN F 54 -9.45 -35.17 6.71
N ILE F 55 -10.41 -36.00 7.12
CA ILE F 55 -10.12 -36.93 8.20
C ILE F 55 -9.39 -38.16 7.65
N THR F 56 -9.59 -38.46 6.38
CA THR F 56 -8.90 -39.60 5.79
C THR F 56 -7.41 -39.36 5.64
N THR F 57 -7.02 -38.18 5.16
CA THR F 57 -5.61 -37.86 4.97
C THR F 57 -4.96 -37.21 6.21
N GLY F 58 -5.63 -37.32 7.36
CA GLY F 58 -5.11 -36.73 8.57
C GLY F 58 -5.19 -37.61 9.81
N ILE F 59 -5.57 -38.87 9.61
CA ILE F 59 -5.73 -39.85 10.67
C ILE F 59 -4.39 -40.43 11.18
N ALA F 72 0.51 -26.38 12.28
CA ALA F 72 -0.81 -26.67 12.91
C ALA F 72 -1.50 -27.88 12.28
N LYS F 73 -2.50 -28.43 12.99
CA LYS F 73 -3.25 -29.60 12.51
C LYS F 73 -4.35 -29.19 11.52
N SER F 74 -4.77 -30.14 10.69
CA SER F 74 -5.80 -29.93 9.67
C SER F 74 -6.91 -28.92 9.98
N THR F 75 -6.99 -27.86 9.18
CA THR F 75 -7.98 -26.80 9.36
C THR F 75 -8.68 -26.42 8.04
N PHE F 76 -10.01 -26.47 8.02
CA PHE F 76 -10.80 -26.17 6.83
C PHE F 76 -12.23 -25.71 7.11
N CYS F 77 -12.95 -25.44 6.03
CA CYS F 77 -14.33 -24.95 6.10
C CYS F 77 -15.43 -25.94 5.68
N VAL F 78 -16.61 -25.75 6.24
CA VAL F 78 -17.75 -26.61 5.99
C VAL F 78 -19.01 -25.84 6.40
N MET F 79 -20.17 -26.25 5.89
CA MET F 79 -21.44 -25.61 6.23
C MET F 79 -22.20 -26.52 7.21
N LEU F 80 -22.38 -26.04 8.45
CA LEU F 80 -23.09 -26.80 9.49
C LEU F 80 -24.54 -26.33 9.54
N ARG F 81 -25.43 -27.22 9.95
CA ARG F 81 -26.85 -26.85 10.03
C ARG F 81 -27.27 -26.33 11.40
N ARG F 82 -28.06 -25.26 11.40
CA ARG F 82 -28.55 -24.68 12.65
C ARG F 82 -29.70 -25.50 13.19
N TYR F 83 -30.05 -25.26 14.46
CA TYR F 83 -31.16 -25.94 15.11
C TYR F 83 -32.40 -25.17 14.75
N ARG F 84 -33.38 -25.88 14.18
CA ARG F 84 -34.64 -25.23 13.81
C ARG F 84 -35.82 -25.74 14.62
N VAL F 98 -34.70 -25.29 6.60
CA VAL F 98 -33.56 -25.21 7.57
C VAL F 98 -32.33 -24.52 6.96
N SER F 99 -31.68 -23.68 7.76
CA SER F 99 -30.51 -22.96 7.29
C SER F 99 -29.18 -23.58 7.72
N TYR F 100 -28.13 -23.28 6.95
CA TYR F 100 -26.78 -23.76 7.22
C TYR F 100 -25.85 -22.56 7.33
N GLU F 101 -24.86 -22.63 8.19
CA GLU F 101 -23.92 -21.53 8.39
C GLU F 101 -22.45 -21.93 8.20
N PRO F 102 -21.64 -21.06 7.56
CA PRO F 102 -20.22 -21.33 7.33
C PRO F 102 -19.39 -21.40 8.61
N PHE F 103 -18.52 -22.40 8.69
CA PHE F 103 -17.68 -22.62 9.84
C PHE F 103 -16.27 -23.04 9.47
N ARG F 104 -15.32 -22.57 10.25
CA ARG F 104 -13.92 -22.92 10.08
C ARG F 104 -13.67 -24.01 11.12
N LEU F 105 -13.43 -25.23 10.68
CA LEU F 105 -13.20 -26.31 11.63
C LEU F 105 -11.73 -26.49 11.95
N GLY F 106 -11.44 -27.11 13.08
CA GLY F 106 -10.08 -27.38 13.47
C GLY F 106 -10.10 -28.80 14.01
N LEU F 107 -9.52 -29.75 13.26
CA LEU F 107 -9.49 -31.15 13.66
C LEU F 107 -8.28 -31.50 14.50
N THR F 108 -8.39 -32.61 15.23
CA THR F 108 -7.31 -33.09 16.07
C THR F 108 -7.69 -34.50 16.46
N PHE F 109 -6.76 -35.43 16.27
CA PHE F 109 -6.99 -36.81 16.67
C PHE F 109 -6.14 -37.00 17.91
N ARG F 110 -6.78 -37.43 18.98
CA ARG F 110 -6.07 -37.66 20.22
C ARG F 110 -6.53 -39.04 20.64
N GLU F 111 -5.59 -39.87 21.07
CA GLU F 111 -5.95 -41.21 21.48
C GLU F 111 -6.86 -41.17 22.69
N ALA F 112 -7.97 -41.91 22.61
CA ALA F 112 -8.93 -42.00 23.70
C ALA F 112 -8.20 -42.64 24.86
N PRO F 113 -8.31 -42.04 26.06
CA PRO F 113 -7.64 -42.58 27.25
C PRO F 113 -8.04 -44.04 27.46
N GLU F 114 -7.07 -44.93 27.19
CA GLU F 114 -7.22 -46.36 27.32
C GLU F 114 -8.16 -46.68 28.48
N GLU F 115 -9.25 -47.38 28.16
CA GLU F 115 -10.27 -47.77 29.12
C GLU F 115 -9.65 -48.27 30.44
N ALA F 116 -10.20 -47.78 31.56
CA ALA F 116 -9.75 -48.13 32.91
C ALA F 116 -9.49 -49.63 33.12
N ARG F 117 -10.39 -50.43 32.55
CA ARG F 117 -10.40 -51.90 32.56
C ARG F 117 -11.84 -52.49 32.46
N PRO F 118 -12.82 -51.72 31.96
CA PRO F 118 -14.16 -52.31 31.89
C PRO F 118 -14.62 -53.05 30.63
N ASP F 119 -14.55 -52.39 29.47
CA ASP F 119 -15.07 -52.95 28.22
C ASP F 119 -14.19 -53.64 27.16
N ASN F 120 -13.76 -52.89 26.15
CA ASN F 120 -13.00 -53.48 25.07
C ASN F 120 -11.51 -53.82 25.12
N TYR F 121 -11.28 -55.11 24.93
CA TYR F 121 -9.97 -55.75 24.92
C TYR F 121 -9.05 -55.21 23.83
N GLY F 126 -6.04 -53.76 20.14
CA GLY F 126 -6.47 -52.55 19.36
C GLY F 126 -6.25 -51.24 20.11
N THR F 127 -6.80 -50.17 19.54
CA THR F 127 -6.68 -48.83 20.12
C THR F 127 -7.81 -47.90 19.63
N ASN F 128 -8.53 -47.29 20.56
CA ASN F 128 -9.62 -46.39 20.18
C ASN F 128 -9.13 -44.95 19.95
N MET F 129 -9.55 -44.39 18.81
CA MET F 129 -9.20 -43.03 18.41
C MET F 129 -10.32 -42.02 18.67
N LEU F 130 -9.95 -40.78 18.99
CA LEU F 130 -10.92 -39.71 19.30
C LEU F 130 -10.69 -38.47 18.44
N LEU F 131 -11.76 -37.99 17.79
CA LEU F 131 -11.68 -36.80 16.95
C LEU F 131 -12.24 -35.55 17.64
N VAL F 132 -11.39 -34.54 17.85
CA VAL F 132 -11.86 -33.31 18.49
C VAL F 132 -11.93 -32.22 17.45
N ILE F 133 -13.15 -31.69 17.26
CA ILE F 133 -13.43 -30.63 16.30
C ILE F 133 -13.83 -29.35 17.01
N CYS F 134 -13.32 -28.22 16.55
CA CYS F 134 -13.69 -26.93 17.12
C CYS F 134 -14.21 -26.03 16.02
N ALA F 135 -15.51 -25.77 16.06
CA ALA F 135 -16.14 -24.95 15.04
C ALA F 135 -16.31 -23.50 15.39
N THR F 136 -15.71 -22.63 14.61
CA THR F 136 -15.86 -21.20 14.81
C THR F 136 -16.46 -20.64 13.53
N PRO F 137 -17.59 -19.91 13.65
CA PRO F 137 -18.28 -19.32 12.50
C PRO F 137 -17.51 -18.26 11.72
N ILE F 138 -17.85 -18.19 10.43
CA ILE F 138 -17.25 -17.25 9.49
C ILE F 138 -18.34 -16.24 9.12
N LYS F 139 -18.05 -14.95 9.29
CA LYS F 139 -19.01 -13.92 8.95
C LYS F 139 -18.51 -13.11 7.77
N SER F 140 -19.44 -12.49 7.05
CA SER F 140 -19.14 -11.67 5.90
C SER F 140 -18.15 -10.56 6.25
N SER F 141 -17.29 -10.23 5.29
CA SER F 141 -16.27 -9.20 5.44
C SER F 141 -16.79 -7.77 5.30
N TYR F 142 -18.11 -7.61 5.08
CA TYR F 142 -18.67 -6.29 4.89
C TYR F 142 -19.75 -5.82 5.87
N LYS F 143 -19.47 -4.69 6.51
CA LYS F 143 -20.42 -4.12 7.46
C LYS F 143 -21.50 -3.34 6.73
N VAL F 144 -21.11 -2.56 5.73
CA VAL F 144 -22.04 -1.75 4.96
C VAL F 144 -21.94 -2.01 3.45
N PRO F 145 -23.02 -1.75 2.71
CA PRO F 145 -23.14 -1.93 1.26
C PRO F 145 -22.20 -1.04 0.44
N ASP F 146 -21.81 -1.53 -0.74
CA ASP F 146 -20.90 -0.79 -1.63
C ASP F 146 -19.67 -0.30 -0.87
N GLU F 147 -19.22 -1.09 0.11
CA GLU F 147 -18.07 -0.75 0.94
C GLU F 147 -16.87 -0.35 0.11
N ILE F 148 -16.27 0.80 0.44
CA ILE F 148 -15.12 1.32 -0.29
C ILE F 148 -13.77 0.77 0.19
N LEU F 149 -12.73 1.01 -0.60
CA LEU F 149 -11.39 0.51 -0.28
C LEU F 149 -10.64 1.10 0.91
N SER F 150 -10.11 0.20 1.72
CA SER F 150 -9.34 0.54 2.90
C SER F 150 -8.26 -0.50 3.17
N GLN F 151 -7.49 -0.28 4.22
CA GLN F 151 -6.45 -1.21 4.61
C GLN F 151 -7.17 -2.44 5.21
N LYS F 152 -8.42 -2.24 5.62
CA LYS F 152 -9.24 -3.30 6.20
C LYS F 152 -9.91 -4.17 5.11
N SER F 153 -9.81 -3.75 3.85
CA SER F 153 -10.38 -4.52 2.75
C SER F 153 -9.69 -5.89 2.58
N PRO F 154 -10.48 -6.91 2.17
CA PRO F 154 -9.98 -8.27 1.97
C PRO F 154 -8.94 -8.40 0.85
N LYS F 155 -7.82 -9.03 1.17
CA LYS F 155 -6.79 -9.28 0.15
C LYS F 155 -6.52 -10.80 0.14
N PHE F 156 -6.69 -11.42 -1.02
CA PHE F 156 -6.52 -12.85 -1.18
C PHE F 156 -6.08 -13.20 -2.60
N ALA F 157 -5.50 -14.37 -2.78
CA ALA F 157 -5.07 -14.78 -4.09
C ALA F 157 -5.83 -16.00 -4.57
N ILE F 158 -6.08 -16.02 -5.88
CA ILE F 158 -6.75 -17.12 -6.57
C ILE F 158 -5.88 -17.61 -7.74
N ARG F 159 -5.65 -18.92 -7.78
CA ARG F 159 -4.84 -19.50 -8.83
C ARG F 159 -5.64 -20.39 -9.75
N HIS F 160 -5.40 -20.29 -11.05
CA HIS F 160 -6.11 -21.17 -11.97
C HIS F 160 -5.18 -21.70 -13.05
N THR F 161 -5.57 -22.83 -13.64
CA THR F 161 -4.77 -23.49 -14.68
C THR F 161 -4.82 -22.78 -16.01
N ALA F 162 -4.06 -23.29 -16.98
CA ALA F 162 -4.05 -22.68 -18.29
C ALA F 162 -5.44 -22.81 -18.91
N THR F 163 -6.15 -23.87 -18.53
CA THR F 163 -7.49 -24.11 -19.05
C THR F 163 -8.51 -23.29 -18.29
N GLY F 164 -8.04 -22.63 -17.23
CA GLY F 164 -8.90 -21.77 -16.44
C GLY F 164 -9.63 -22.37 -15.25
N ILE F 165 -9.27 -23.59 -14.83
CA ILE F 165 -9.94 -24.20 -13.68
C ILE F 165 -9.25 -23.79 -12.40
N ILE F 166 -10.00 -23.16 -11.50
CA ILE F 166 -9.48 -22.69 -10.25
C ILE F 166 -8.88 -23.83 -9.46
N SER F 167 -7.68 -23.63 -8.92
CA SER F 167 -7.01 -24.68 -8.16
C SER F 167 -6.73 -24.38 -6.71
N HIS F 168 -6.55 -23.11 -6.38
CA HIS F 168 -6.28 -22.70 -5.00
C HIS F 168 -6.89 -21.34 -4.71
N VAL F 169 -7.38 -21.18 -3.49
CA VAL F 169 -7.95 -19.91 -3.03
C VAL F 169 -7.51 -19.70 -1.58
N ASP F 170 -6.99 -18.51 -1.29
CA ASP F 170 -6.53 -18.19 0.07
C ASP F 170 -7.72 -18.20 0.98
N SER F 171 -7.48 -18.38 2.28
CA SER F 171 -8.55 -18.42 3.26
C SER F 171 -9.33 -17.12 3.33
N ALA F 172 -8.65 -16.00 3.19
CA ALA F 172 -9.34 -14.72 3.23
C ALA F 172 -10.44 -14.55 2.17
N ALA F 173 -10.43 -15.39 1.16
CA ALA F 173 -11.42 -15.28 0.10
C ALA F 173 -12.82 -15.65 0.54
N VAL F 174 -12.94 -16.56 1.50
CA VAL F 174 -14.26 -16.99 1.99
C VAL F 174 -15.18 -15.86 2.46
N SER F 175 -14.70 -15.01 3.36
CA SER F 175 -15.51 -13.91 3.87
C SER F 175 -15.76 -12.79 2.87
N ALA F 176 -14.89 -12.69 1.87
CA ALA F 176 -15.05 -11.66 0.87
C ALA F 176 -15.85 -12.08 -0.35
N LEU F 177 -15.84 -13.38 -0.68
CA LEU F 177 -16.56 -13.84 -1.85
C LEU F 177 -17.73 -14.77 -1.51
N GLY F 178 -17.86 -15.13 -0.26
CA GLY F 178 -18.98 -15.99 0.10
C GLY F 178 -18.84 -17.45 -0.23
N TYR F 179 -17.85 -17.84 -1.04
CA TYR F 179 -17.66 -19.25 -1.39
C TYR F 179 -16.70 -19.96 -0.43
N LEU F 180 -16.94 -21.24 -0.24
CA LEU F 180 -16.04 -22.06 0.56
C LEU F 180 -15.02 -22.46 -0.48
N PRO F 181 -13.80 -22.85 -0.07
CA PRO F 181 -12.82 -23.24 -1.08
C PRO F 181 -13.38 -24.29 -2.05
N GLN F 182 -14.07 -25.28 -1.50
CA GLN F 182 -14.66 -26.35 -2.31
C GLN F 182 -15.64 -25.91 -3.41
N ASP F 183 -16.47 -24.92 -3.14
CA ASP F 183 -17.43 -24.44 -4.13
C ASP F 183 -16.74 -23.68 -5.25
N LEU F 184 -15.42 -23.54 -5.15
CA LEU F 184 -14.63 -22.77 -6.13
C LEU F 184 -13.60 -23.59 -6.89
N ILE F 185 -12.88 -24.44 -6.18
CA ILE F 185 -11.86 -25.26 -6.82
C ILE F 185 -12.51 -26.23 -7.81
N GLY F 186 -11.95 -26.30 -9.01
CA GLY F 186 -12.48 -27.15 -10.04
C GLY F 186 -13.46 -26.39 -10.92
N ARG F 187 -13.86 -25.21 -10.45
CA ARG F 187 -14.78 -24.38 -11.21
C ARG F 187 -13.98 -23.56 -12.21
N SER F 188 -14.63 -23.11 -13.28
CA SER F 188 -13.93 -22.29 -14.25
C SER F 188 -14.01 -20.82 -13.84
N ILE F 189 -12.84 -20.18 -13.73
CA ILE F 189 -12.77 -18.78 -13.35
C ILE F 189 -13.60 -17.93 -14.31
N MET F 190 -13.78 -18.42 -15.53
CA MET F 190 -14.55 -17.73 -16.56
C MET F 190 -15.99 -17.44 -16.16
N ASP F 191 -16.62 -18.39 -15.46
CA ASP F 191 -18.01 -18.28 -15.03
C ASP F 191 -18.26 -17.22 -13.97
N PHE F 192 -17.22 -16.47 -13.60
CA PHE F 192 -17.36 -15.44 -12.57
C PHE F 192 -17.24 -14.01 -13.03
N TYR F 193 -16.75 -13.83 -14.25
CA TYR F 193 -16.59 -12.50 -14.82
C TYR F 193 -17.96 -12.08 -15.34
N HIS F 194 -18.29 -10.79 -15.19
CA HIS F 194 -19.58 -10.30 -15.67
C HIS F 194 -19.61 -10.37 -17.19
N HIS F 195 -20.70 -10.91 -17.73
CA HIS F 195 -20.91 -11.06 -19.17
C HIS F 195 -20.58 -9.80 -20.01
N GLU F 196 -20.61 -8.63 -19.38
CA GLU F 196 -20.28 -7.37 -20.06
C GLU F 196 -18.76 -7.17 -20.15
N ASP F 197 -18.05 -7.67 -19.15
CA ASP F 197 -16.60 -7.53 -19.09
C ASP F 197 -15.71 -8.58 -19.78
N LEU F 198 -16.32 -9.55 -20.46
CA LEU F 198 -15.54 -10.59 -21.12
C LEU F 198 -14.57 -10.07 -22.15
N SER F 199 -14.89 -8.96 -22.80
CA SER F 199 -13.99 -8.38 -23.81
C SER F 199 -12.81 -7.67 -23.16
N VAL F 200 -13.07 -6.95 -22.07
CA VAL F 200 -12.02 -6.25 -21.34
C VAL F 200 -11.19 -7.28 -20.58
N MET F 201 -11.84 -8.34 -20.13
CA MET F 201 -11.15 -9.38 -19.41
C MET F 201 -10.20 -10.05 -20.39
N LYS F 202 -10.69 -10.31 -21.61
CA LYS F 202 -9.92 -10.94 -22.65
C LYS F 202 -8.61 -10.25 -22.89
N GLU F 203 -8.63 -8.92 -22.92
CA GLU F 203 -7.41 -8.16 -23.15
C GLU F 203 -6.47 -8.25 -21.94
N THR F 204 -7.04 -8.32 -20.74
CA THR F 204 -6.24 -8.43 -19.52
C THR F 204 -5.43 -9.72 -19.62
N TYR F 205 -6.03 -10.78 -20.15
CA TYR F 205 -5.36 -12.07 -20.32
C TYR F 205 -4.34 -12.05 -21.47
N GLU F 206 -4.65 -11.33 -22.55
CA GLU F 206 -3.70 -11.25 -23.65
C GLU F 206 -2.44 -10.61 -23.12
N THR F 207 -2.61 -9.76 -22.11
CA THR F 207 -1.50 -9.07 -21.45
C THR F 207 -0.79 -10.05 -20.52
N VAL F 208 -1.56 -10.96 -19.91
CA VAL F 208 -1.03 -11.97 -18.99
C VAL F 208 -0.03 -12.85 -19.73
N MET F 209 -0.31 -13.12 -21.01
CA MET F 209 0.58 -13.93 -21.86
C MET F 209 1.77 -13.17 -22.44
N LYS F 210 1.62 -11.84 -22.59
CA LYS F 210 2.72 -11.01 -23.09
C LYS F 210 3.74 -10.95 -21.95
N LYS F 211 3.23 -10.70 -20.74
CA LYS F 211 4.04 -10.62 -19.54
C LYS F 211 4.59 -12.00 -19.17
N GLY F 212 4.21 -13.00 -19.95
CA GLY F 212 4.68 -14.36 -19.71
C GLY F 212 6.00 -14.62 -20.42
N GLN F 213 6.42 -13.65 -21.25
CA GLN F 213 7.69 -13.72 -21.99
C GLN F 213 8.83 -13.43 -21.01
N THR F 214 8.45 -12.87 -19.86
CA THR F 214 9.38 -12.53 -18.80
C THR F 214 8.86 -13.13 -17.51
N ALA F 215 9.64 -14.06 -16.95
CA ALA F 215 9.28 -14.73 -15.72
C ALA F 215 9.08 -13.74 -14.58
N GLY F 216 8.03 -13.96 -13.80
CA GLY F 216 7.73 -13.12 -12.65
C GLY F 216 7.21 -11.71 -12.88
N ALA F 217 7.02 -11.31 -14.14
CA ALA F 217 6.54 -9.98 -14.45
C ALA F 217 5.08 -9.85 -14.07
N SER F 218 4.78 -8.80 -13.31
CA SER F 218 3.41 -8.54 -12.88
C SER F 218 2.90 -7.24 -13.49
N PHE F 219 1.60 -7.04 -13.35
CA PHE F 219 0.95 -5.84 -13.82
C PHE F 219 -0.40 -5.73 -13.14
N CYS F 220 -0.82 -4.50 -12.84
CA CYS F 220 -2.11 -4.25 -12.21
C CYS F 220 -3.16 -3.92 -13.25
N SER F 221 -4.33 -4.51 -13.10
CA SER F 221 -5.45 -4.30 -14.01
C SER F 221 -6.42 -3.37 -13.34
N LYS F 222 -7.18 -2.68 -14.17
CA LYS F 222 -8.20 -1.75 -13.69
C LYS F 222 -9.25 -2.68 -13.09
N PRO F 223 -9.90 -2.23 -12.00
CA PRO F 223 -10.94 -3.04 -11.34
C PRO F 223 -11.96 -3.62 -12.31
N TYR F 224 -12.47 -4.81 -12.00
CA TYR F 224 -13.47 -5.50 -12.83
C TYR F 224 -14.40 -6.28 -11.91
N ARG F 225 -15.60 -6.62 -12.41
CA ARG F 225 -16.59 -7.34 -11.61
C ARG F 225 -16.34 -8.84 -11.46
N PHE F 226 -16.71 -9.36 -10.28
CA PHE F 226 -16.51 -10.76 -9.94
C PHE F 226 -17.78 -11.27 -9.26
N LEU F 227 -18.33 -12.38 -9.73
CA LEU F 227 -19.54 -12.92 -9.13
C LEU F 227 -19.30 -13.61 -7.78
N ILE F 228 -19.97 -13.14 -6.73
CA ILE F 228 -19.84 -13.78 -5.43
C ILE F 228 -21.09 -14.60 -5.14
N GLN F 229 -20.97 -15.59 -4.26
CA GLN F 229 -22.05 -16.49 -3.84
C GLN F 229 -23.50 -15.96 -3.93
N ASN F 230 -23.79 -14.87 -3.23
CA ASN F 230 -25.14 -14.30 -3.22
C ASN F 230 -25.69 -13.73 -4.54
N GLY F 231 -25.04 -13.99 -5.67
CA GLY F 231 -25.55 -13.48 -6.95
C GLY F 231 -25.14 -12.07 -7.37
N CYS F 232 -24.89 -11.18 -6.40
CA CYS F 232 -24.49 -9.81 -6.70
C CYS F 232 -22.96 -9.73 -6.85
N TYR F 233 -22.50 -8.74 -7.59
CA TYR F 233 -21.07 -8.58 -7.86
C TYR F 233 -20.26 -7.70 -6.92
N VAL F 234 -18.94 -7.76 -7.14
CA VAL F 234 -17.95 -6.98 -6.39
C VAL F 234 -16.90 -6.49 -7.39
N LEU F 235 -16.10 -5.52 -6.96
CA LEU F 235 -15.03 -4.99 -7.79
C LEU F 235 -13.71 -5.46 -7.22
N LEU F 236 -12.87 -5.96 -8.10
CA LEU F 236 -11.56 -6.48 -7.72
C LEU F 236 -10.47 -5.81 -8.51
N GLU F 237 -9.45 -5.33 -7.82
CA GLU F 237 -8.34 -4.77 -8.54
C GLU F 237 -7.27 -5.81 -8.26
N THR F 238 -6.81 -6.41 -9.35
CA THR F 238 -5.87 -7.51 -9.33
C THR F 238 -4.46 -7.29 -9.85
N GLU F 239 -3.52 -7.93 -9.17
CA GLU F 239 -2.14 -7.91 -9.57
C GLU F 239 -1.91 -9.33 -10.10
N TRP F 240 -1.77 -9.43 -11.42
CA TRP F 240 -1.59 -10.71 -12.09
C TRP F 240 -0.16 -11.14 -12.23
N THR F 241 0.08 -12.42 -11.97
CA THR F 241 1.40 -13.02 -12.10
C THR F 241 1.13 -14.43 -12.63
N SER F 242 2.11 -15.02 -13.32
CA SER F 242 1.97 -16.37 -13.88
C SER F 242 3.24 -17.22 -13.78
N PHE F 243 3.15 -18.46 -14.29
CA PHE F 243 4.28 -19.38 -14.35
C PHE F 243 4.18 -20.22 -15.61
N VAL F 244 5.22 -20.14 -16.42
CA VAL F 244 5.30 -20.87 -17.67
C VAL F 244 6.38 -21.93 -17.54
N ASN F 245 6.01 -23.20 -17.77
CA ASN F 245 6.95 -24.32 -17.71
C ASN F 245 8.11 -23.90 -18.62
N PRO F 246 9.31 -23.68 -18.06
CA PRO F 246 10.40 -23.26 -18.94
C PRO F 246 10.78 -24.25 -19.99
N TRP F 247 10.55 -25.54 -19.72
CA TRP F 247 10.89 -26.62 -20.64
C TRP F 247 9.87 -26.93 -21.73
N SER F 248 8.61 -26.58 -21.51
CA SER F 248 7.56 -26.86 -22.50
C SER F 248 7.02 -25.58 -23.14
N ARG F 249 7.49 -24.44 -22.63
CA ARG F 249 7.11 -23.11 -23.12
C ARG F 249 5.61 -22.90 -23.08
N LYS F 250 4.96 -23.62 -22.18
CA LYS F 250 3.51 -23.55 -22.01
C LYS F 250 3.13 -22.93 -20.67
N LEU F 251 2.01 -22.23 -20.66
CA LEU F 251 1.49 -21.60 -19.44
C LEU F 251 1.03 -22.68 -18.45
N GLU F 252 1.44 -22.53 -17.19
CA GLU F 252 1.11 -23.48 -16.15
C GLU F 252 -0.11 -23.07 -15.33
N PHE F 253 -0.07 -21.87 -14.78
CA PHE F 253 -1.17 -21.35 -13.97
C PHE F 253 -1.02 -19.84 -13.77
N VAL F 254 -2.16 -19.17 -13.71
CA VAL F 254 -2.22 -17.74 -13.51
C VAL F 254 -2.65 -17.51 -12.08
N VAL F 255 -1.94 -16.63 -11.39
CA VAL F 255 -2.34 -16.33 -10.04
C VAL F 255 -2.65 -14.87 -9.97
N GLY F 256 -3.84 -14.59 -9.45
CA GLY F 256 -4.30 -13.23 -9.30
C GLY F 256 -4.37 -12.82 -7.85
N HIS F 257 -3.59 -11.81 -7.47
CA HIS F 257 -3.64 -11.33 -6.09
C HIS F 257 -4.75 -10.27 -6.02
N HIS F 258 -5.79 -10.60 -5.27
CA HIS F 258 -6.92 -9.70 -5.19
C HIS F 258 -7.09 -8.81 -3.98
N ARG F 259 -7.75 -7.69 -4.23
CA ARG F 259 -8.06 -6.72 -3.21
C ARG F 259 -9.43 -6.19 -3.60
N VAL F 260 -10.38 -6.29 -2.68
CA VAL F 260 -11.72 -5.80 -2.99
C VAL F 260 -11.78 -4.28 -3.03
N PHE F 261 -11.87 -3.75 -4.26
CA PHE F 261 -11.96 -2.32 -4.52
C PHE F 261 -13.26 -1.77 -4.00
N GLN F 262 -14.33 -2.51 -4.21
CA GLN F 262 -15.65 -2.10 -3.76
C GLN F 262 -16.42 -3.37 -3.42
N GLY F 263 -17.11 -3.32 -2.28
CA GLY F 263 -17.88 -4.46 -1.84
C GLY F 263 -19.18 -4.66 -2.59
N PRO F 264 -19.90 -5.72 -2.24
CA PRO F 264 -21.18 -6.07 -2.87
C PRO F 264 -22.33 -5.16 -2.37
N LYS F 265 -23.43 -5.17 -3.11
CA LYS F 265 -24.58 -4.36 -2.74
C LYS F 265 -25.22 -4.96 -1.48
N GLN F 266 -25.18 -6.28 -1.37
CA GLN F 266 -25.74 -6.99 -0.21
C GLN F 266 -24.59 -7.39 0.69
N CYS F 267 -24.63 -6.93 1.94
CA CYS F 267 -23.57 -7.21 2.90
C CYS F 267 -23.30 -8.70 3.17
N ASN F 268 -24.35 -9.48 3.45
CA ASN F 268 -24.20 -10.92 3.73
C ASN F 268 -23.96 -11.76 2.50
N VAL F 269 -22.69 -11.99 2.20
CA VAL F 269 -22.30 -12.75 1.03
C VAL F 269 -22.70 -14.22 1.04
N PHE F 270 -23.00 -14.77 2.21
CA PHE F 270 -23.37 -16.17 2.28
C PHE F 270 -24.79 -16.45 1.86
N GLU F 271 -25.73 -15.73 2.45
CA GLU F 271 -27.13 -15.91 2.09
C GLU F 271 -27.37 -15.35 0.71
N ALA F 272 -27.94 -16.19 -0.17
CA ALA F 272 -28.23 -15.78 -1.54
C ALA F 272 -29.32 -14.70 -1.56
N ALA F 273 -28.98 -13.54 -2.14
CA ALA F 273 -29.88 -12.41 -2.25
C ALA F 273 -30.59 -12.33 -3.62
N PRO F 274 -31.92 -12.47 -3.61
CA PRO F 274 -32.70 -12.42 -4.84
C PRO F 274 -33.03 -10.99 -5.32
N THR F 275 -32.00 -10.24 -5.74
CA THR F 275 -32.19 -8.86 -6.22
C THR F 275 -31.42 -8.65 -7.53
N CYS F 276 -30.33 -9.41 -7.67
CA CYS F 276 -29.46 -9.36 -8.84
C CYS F 276 -29.75 -10.58 -9.72
N LYS F 277 -29.97 -10.38 -11.03
CA LYS F 277 -30.29 -11.50 -11.95
C LYS F 277 -29.95 -11.30 -13.46
N LEU F 278 -30.98 -11.36 -14.30
CA LEU F 278 -30.95 -11.22 -15.77
C LEU F 278 -30.47 -12.45 -16.55
N LYS F 279 -30.55 -12.40 -17.88
CA LYS F 279 -30.14 -13.51 -18.73
C LYS F 279 -29.54 -13.16 -20.10
N ILE F 280 -30.41 -12.80 -21.05
CA ILE F 280 -30.07 -12.47 -22.45
C ILE F 280 -29.31 -13.58 -23.18
N SER F 281 -30.04 -14.28 -24.06
CA SER F 281 -29.47 -15.38 -24.84
C SER F 281 -28.86 -14.85 -26.14
N GLU F 282 -28.75 -15.74 -27.14
CA GLU F 282 -28.19 -15.44 -28.46
C GLU F 282 -26.86 -14.65 -28.46
N GLU F 283 -26.92 -13.37 -28.81
CA GLU F 283 -25.74 -12.51 -28.88
C GLU F 283 -25.00 -12.32 -27.54
N ALA F 284 -25.56 -12.88 -26.47
CA ALA F 284 -24.94 -12.78 -25.15
C ALA F 284 -24.51 -14.15 -24.68
N GLN F 285 -25.48 -15.03 -24.44
CA GLN F 285 -25.18 -16.39 -23.99
C GLN F 285 -24.21 -17.08 -24.97
N SER F 286 -24.44 -16.89 -26.26
CA SER F 286 -23.59 -17.49 -27.29
C SER F 286 -22.31 -16.69 -27.50
N ARG F 287 -22.43 -15.43 -27.92
CA ARG F 287 -21.26 -14.58 -28.17
C ARG F 287 -20.24 -14.64 -27.04
N ASN F 288 -20.72 -14.62 -25.80
CA ASN F 288 -19.84 -14.67 -24.62
C ASN F 288 -19.17 -16.01 -24.46
N THR F 289 -19.96 -17.08 -24.57
CA THR F 289 -19.42 -18.42 -24.43
C THR F 289 -18.32 -18.64 -25.49
N ARG F 290 -18.41 -17.92 -26.60
CA ARG F 290 -17.41 -18.03 -27.66
C ARG F 290 -16.18 -17.22 -27.34
N ILE F 291 -16.34 -16.19 -26.51
CA ILE F 291 -15.24 -15.33 -26.12
C ILE F 291 -14.39 -16.07 -25.08
N LYS F 292 -15.07 -16.76 -24.16
CA LYS F 292 -14.37 -17.51 -23.13
C LYS F 292 -13.38 -18.50 -23.78
N GLU F 293 -13.72 -18.99 -24.97
CA GLU F 293 -12.85 -19.93 -25.71
C GLU F 293 -11.63 -19.25 -26.30
N ASP F 294 -11.83 -18.05 -26.84
CA ASP F 294 -10.75 -17.26 -27.43
C ASP F 294 -9.71 -17.13 -26.34
N ILE F 295 -10.18 -16.78 -25.15
CA ILE F 295 -9.31 -16.62 -23.99
C ILE F 295 -8.53 -17.91 -23.73
N VAL F 296 -9.23 -18.94 -23.27
CA VAL F 296 -8.59 -20.20 -22.95
C VAL F 296 -7.74 -20.76 -24.07
N LYS F 297 -8.05 -20.39 -25.31
CA LYS F 297 -7.28 -20.84 -26.48
C LYS F 297 -5.99 -20.04 -26.58
N ARG F 298 -6.05 -18.80 -26.12
CA ARG F 298 -4.89 -17.92 -26.13
C ARG F 298 -3.88 -18.40 -25.08
N LEU F 299 -4.40 -18.79 -23.91
CA LEU F 299 -3.59 -19.30 -22.80
C LEU F 299 -2.90 -20.60 -23.16
N ALA F 300 -3.45 -21.27 -24.17
CA ALA F 300 -2.90 -22.53 -24.64
C ALA F 300 -1.76 -22.37 -25.63
N GLU F 301 -1.52 -21.13 -26.06
CA GLU F 301 -0.46 -20.82 -27.03
C GLU F 301 0.91 -20.90 -26.38
N THR F 302 1.92 -21.25 -27.16
CA THR F 302 3.27 -21.37 -26.65
C THR F 302 3.92 -19.98 -26.48
N VAL F 303 4.61 -19.77 -25.36
CA VAL F 303 5.28 -18.49 -25.10
C VAL F 303 6.79 -18.55 -25.42
N SER F 304 7.28 -17.57 -26.17
CA SER F 304 8.68 -17.55 -26.56
C SER F 304 9.62 -17.12 -25.43
N ARG F 305 10.80 -17.72 -25.38
CA ARG F 305 11.76 -17.44 -24.37
C ARG F 305 13.12 -17.77 -25.07
N PRO F 306 13.57 -16.99 -26.05
CA PRO F 306 14.84 -17.23 -26.73
C PRO F 306 16.13 -16.78 -26.06
N SER F 307 17.26 -17.11 -26.70
CA SER F 307 18.57 -16.88 -26.12
C SER F 307 19.56 -15.99 -26.91
N GLU F 308 19.66 -14.68 -26.55
CA GLU F 308 20.57 -13.69 -27.15
C GLU F 308 21.90 -14.07 -26.51
N THR F 309 21.82 -14.80 -25.41
CA THR F 309 22.95 -15.34 -24.67
C THR F 309 23.32 -16.67 -25.39
N VAL F 310 24.61 -16.95 -25.60
CA VAL F 310 24.98 -18.16 -26.35
C VAL F 310 25.86 -19.22 -25.70
N LYS F 311 26.78 -19.74 -26.51
CA LYS F 311 27.74 -20.80 -26.19
C LYS F 311 28.67 -20.59 -24.99
N GLN F 312 29.77 -19.86 -25.21
CA GLN F 312 30.77 -19.62 -24.16
C GLN F 312 30.39 -18.71 -22.99
N GLU F 313 29.27 -18.00 -23.10
CA GLU F 313 28.83 -17.17 -21.98
C GLU F 313 28.38 -18.10 -20.84
N VAL F 314 28.10 -19.36 -21.21
CA VAL F 314 27.68 -20.38 -20.26
C VAL F 314 28.90 -20.93 -19.49
N SER F 315 30.08 -20.83 -20.10
CA SER F 315 31.34 -21.28 -19.48
C SER F 315 32.20 -20.09 -18.95
N ARG F 316 31.71 -18.88 -19.13
CA ARG F 316 32.36 -17.65 -18.67
C ARG F 316 31.84 -17.46 -17.22
N ARG F 317 30.92 -18.35 -16.84
CA ARG F 317 30.33 -18.34 -15.52
C ARG F 317 30.46 -19.68 -14.78
N CYS F 318 31.59 -20.35 -14.94
CA CYS F 318 31.86 -21.60 -14.23
C CYS F 318 32.34 -21.19 -12.83
N GLN F 319 33.18 -20.14 -12.80
CA GLN F 319 33.74 -19.62 -11.56
C GLN F 319 32.73 -18.75 -10.81
N ALA F 320 31.84 -18.09 -11.54
CA ALA F 320 30.84 -17.23 -10.93
C ALA F 320 29.75 -18.09 -10.33
N LEU F 321 29.37 -19.13 -11.07
CA LEU F 321 28.34 -20.06 -10.63
C LEU F 321 28.81 -21.04 -9.55
N ALA F 322 30.10 -21.40 -9.59
CA ALA F 322 30.65 -22.30 -8.58
C ALA F 322 30.68 -21.50 -7.28
N SER F 323 31.01 -20.22 -7.40
CA SER F 323 31.08 -19.31 -6.27
C SER F 323 29.66 -19.12 -5.74
N PHE F 324 28.72 -19.06 -6.67
CA PHE F 324 27.31 -18.90 -6.33
C PHE F 324 26.83 -20.16 -5.61
N MET F 325 27.19 -21.31 -6.17
CA MET F 325 26.82 -22.61 -5.62
C MET F 325 27.56 -22.88 -4.32
N GLU F 326 28.64 -22.12 -4.10
CA GLU F 326 29.46 -22.27 -2.90
C GLU F 326 28.75 -21.73 -1.66
N THR F 327 28.28 -20.49 -1.73
CA THR F 327 27.56 -19.88 -0.60
C THR F 327 26.21 -20.53 -0.39
N LEU F 328 25.64 -21.04 -1.48
CA LEU F 328 24.34 -21.70 -1.45
C LEU F 328 24.51 -23.07 -0.77
N MET F 329 25.75 -23.37 -0.39
CA MET F 329 26.10 -24.63 0.25
C MET F 329 26.32 -24.49 1.74
N ASP F 330 26.89 -23.35 2.16
CA ASP F 330 27.12 -23.15 3.59
C ASP F 330 25.83 -22.91 4.41
N GLU F 331 24.73 -22.59 3.72
CA GLU F 331 23.43 -22.37 4.37
C GLU F 331 22.74 -23.72 4.69
N LYS G 1 62.00 -17.10 6.13
CA LYS G 1 60.86 -17.98 5.87
C LYS G 1 59.69 -17.18 5.29
N GLU G 2 58.52 -17.82 5.27
CA GLU G 2 57.28 -17.18 4.79
C GLU G 2 56.06 -17.91 5.35
N ASP G 3 55.23 -17.17 6.09
CA ASP G 3 54.01 -17.70 6.70
C ASP G 3 53.37 -18.83 5.89
N SER G 4 53.52 -20.07 6.37
CA SER G 4 52.95 -21.24 5.69
C SER G 4 52.68 -22.35 6.69
N PHE G 5 51.74 -23.23 6.37
CA PHE G 5 51.43 -24.34 7.25
C PHE G 5 51.42 -25.66 6.50
N CYS G 6 51.74 -26.75 7.18
CA CYS G 6 51.72 -28.06 6.56
C CYS G 6 50.67 -28.92 7.24
N CYS G 7 50.22 -29.95 6.53
CA CYS G 7 49.22 -30.86 7.06
C CYS G 7 49.50 -32.27 6.53
N VAL G 8 49.15 -33.28 7.32
CA VAL G 8 49.38 -34.67 6.93
C VAL G 8 48.04 -35.36 6.71
N ILE G 9 47.81 -35.80 5.48
CA ILE G 9 46.56 -36.46 5.09
C ILE G 9 46.75 -37.99 4.98
N SER G 10 45.69 -38.76 5.22
CA SER G 10 45.75 -40.22 5.10
C SER G 10 45.24 -40.57 3.69
N MET G 11 46.06 -41.26 2.89
CA MET G 11 45.62 -41.59 1.55
C MET G 11 44.56 -42.67 1.53
N HIS G 12 44.28 -43.24 2.71
CA HIS G 12 43.27 -44.28 2.88
C HIS G 12 41.86 -43.68 2.75
N ASP G 13 41.51 -42.80 3.69
CA ASP G 13 40.20 -42.15 3.65
C ASP G 13 40.24 -40.68 3.24
N GLY G 14 41.45 -40.15 3.11
CA GLY G 14 41.63 -38.76 2.72
C GLY G 14 41.40 -37.73 3.81
N ILE G 15 41.53 -38.14 5.06
CA ILE G 15 41.32 -37.20 6.19
C ILE G 15 42.64 -36.64 6.72
N VAL G 16 42.59 -35.44 7.29
CA VAL G 16 43.84 -34.87 7.81
C VAL G 16 44.12 -35.29 9.25
N LEU G 17 45.34 -35.83 9.41
CA LEU G 17 45.85 -36.36 10.68
C LEU G 17 46.51 -35.32 11.59
N TYR G 18 47.22 -34.38 10.99
CA TYR G 18 47.93 -33.37 11.72
C TYR G 18 48.01 -32.07 10.95
N THR G 19 48.12 -30.97 11.69
CA THR G 19 48.27 -29.66 11.11
C THR G 19 49.37 -29.02 11.92
N THR G 20 50.21 -28.19 11.28
CA THR G 20 51.27 -27.51 12.01
C THR G 20 50.58 -26.37 12.74
N PRO G 21 51.17 -25.91 13.86
CA PRO G 21 50.62 -24.81 14.67
C PRO G 21 50.40 -23.48 13.94
N SER G 22 51.17 -23.25 12.87
CA SER G 22 51.08 -22.02 12.07
C SER G 22 49.75 -21.85 11.29
N ILE G 23 48.95 -22.92 11.26
CA ILE G 23 47.67 -22.93 10.56
C ILE G 23 46.68 -21.95 11.17
N THR G 24 46.84 -21.70 12.47
CA THR G 24 45.94 -20.80 13.16
C THR G 24 46.27 -19.38 12.80
N ASP G 25 47.51 -19.16 12.35
CA ASP G 25 47.98 -17.83 11.96
C ASP G 25 47.74 -17.60 10.48
N VAL G 26 48.03 -18.60 9.67
CA VAL G 26 47.84 -18.49 8.24
C VAL G 26 46.37 -18.53 7.80
N LEU G 27 45.60 -19.48 8.32
CA LEU G 27 44.20 -19.61 7.95
C LEU G 27 43.18 -19.46 9.06
N GLY G 28 43.61 -18.99 10.22
CA GLY G 28 42.68 -18.78 11.32
C GLY G 28 42.07 -19.99 12.00
N TYR G 29 42.20 -21.16 11.41
CA TYR G 29 41.64 -22.37 12.00
C TYR G 29 42.29 -22.77 13.33
N PRO G 30 41.45 -22.96 14.36
CA PRO G 30 41.93 -23.35 15.70
C PRO G 30 42.78 -24.61 15.65
N ARG G 31 43.98 -24.46 16.22
CA ARG G 31 45.00 -25.52 16.32
C ARG G 31 44.64 -26.88 15.71
N ASP G 32 43.69 -27.58 16.33
CA ASP G 32 43.29 -28.87 15.80
C ASP G 32 41.82 -29.05 15.44
N MET G 33 41.34 -28.15 14.58
CA MET G 33 39.97 -28.21 14.11
C MET G 33 39.86 -28.97 12.77
N TRP G 34 40.98 -29.09 12.06
CA TRP G 34 41.02 -29.82 10.79
C TRP G 34 41.15 -31.31 11.06
N LEU G 35 41.49 -31.66 12.30
CA LEU G 35 41.66 -33.06 12.69
C LEU G 35 40.44 -33.91 12.46
N GLY G 36 40.66 -35.01 11.75
CA GLY G 36 39.59 -35.94 11.43
C GLY G 36 38.73 -35.58 10.24
N ARG G 37 38.84 -34.34 9.73
CA ARG G 37 38.04 -33.92 8.58
C ARG G 37 38.63 -34.30 7.19
N SER G 38 37.80 -34.19 6.16
CA SER G 38 38.20 -34.50 4.78
C SER G 38 38.94 -33.28 4.22
N PHE G 39 40.13 -33.50 3.68
CA PHE G 39 40.91 -32.38 3.18
C PHE G 39 40.28 -31.48 2.12
N ILE G 40 39.67 -32.08 1.10
CA ILE G 40 39.05 -31.30 0.03
C ILE G 40 37.91 -30.40 0.45
N ASP G 41 37.40 -30.58 1.67
CA ASP G 41 36.31 -29.73 2.19
C ASP G 41 36.80 -28.28 2.35
N PHE G 42 38.10 -28.09 2.24
CA PHE G 42 38.63 -26.77 2.40
C PHE G 42 39.07 -26.22 1.08
N VAL G 43 39.08 -27.08 0.08
CA VAL G 43 39.45 -26.71 -1.28
C VAL G 43 38.24 -26.27 -2.10
N HIS G 44 38.25 -25.01 -2.50
CA HIS G 44 37.19 -24.41 -3.31
C HIS G 44 36.75 -25.38 -4.40
N LEU G 45 35.51 -25.24 -4.85
CA LEU G 45 34.97 -26.12 -5.90
C LEU G 45 35.73 -26.06 -7.22
N LYS G 46 36.00 -24.83 -7.65
CA LYS G 46 36.68 -24.58 -8.92
C LYS G 46 38.06 -25.19 -9.02
N ASP G 47 38.63 -25.55 -7.88
CA ASP G 47 39.96 -26.12 -7.86
C ASP G 47 40.03 -27.59 -7.44
N ARG G 48 38.91 -28.21 -7.09
CA ARG G 48 38.95 -29.61 -6.67
C ARG G 48 39.40 -30.45 -7.83
N ALA G 49 38.87 -30.13 -9.01
CA ALA G 49 39.25 -30.84 -10.23
C ALA G 49 40.77 -30.77 -10.45
N THR G 50 41.38 -29.60 -10.21
CA THR G 50 42.82 -29.44 -10.36
C THR G 50 43.50 -30.26 -9.25
N PHE G 51 42.95 -30.18 -8.04
CA PHE G 51 43.50 -30.94 -6.92
C PHE G 51 43.49 -32.45 -7.18
N ALA G 52 42.34 -32.98 -7.58
CA ALA G 52 42.19 -34.42 -7.85
C ALA G 52 43.14 -34.90 -8.93
N SER G 53 43.41 -34.02 -9.88
CA SER G 53 44.30 -34.39 -10.98
C SER G 53 45.77 -34.38 -10.59
N GLN G 54 46.11 -33.53 -9.63
CA GLN G 54 47.47 -33.43 -9.14
C GLN G 54 47.92 -34.62 -8.29
N ILE G 55 47.05 -35.12 -7.41
CA ILE G 55 47.42 -36.28 -6.58
C ILE G 55 47.25 -37.60 -7.33
N THR G 56 46.62 -37.56 -8.50
CA THR G 56 46.44 -38.77 -9.30
C THR G 56 47.74 -39.02 -10.07
N THR G 57 48.14 -38.05 -10.87
CA THR G 57 49.36 -38.16 -11.67
C THR G 57 50.60 -38.13 -10.80
N GLY G 58 50.41 -37.83 -9.51
CA GLY G 58 51.53 -37.74 -8.59
C GLY G 58 51.72 -38.86 -7.59
N ILE G 59 50.71 -39.71 -7.44
CA ILE G 59 50.78 -40.83 -6.51
C ILE G 59 51.94 -41.76 -6.95
N PRO G 60 52.85 -42.11 -6.01
CA PRO G 60 54.05 -42.95 -6.18
C PRO G 60 54.00 -44.33 -6.87
N ILE G 61 52.84 -44.77 -7.36
CA ILE G 61 52.76 -46.05 -8.07
C ILE G 61 53.03 -45.92 -9.57
N ALA G 72 61.82 -30.51 -8.34
CA ALA G 72 60.94 -30.71 -7.15
C ALA G 72 59.71 -31.56 -7.49
N LYS G 73 58.96 -31.95 -6.45
CA LYS G 73 57.74 -32.77 -6.61
C LYS G 73 56.60 -31.84 -7.10
N SER G 74 55.37 -32.37 -7.19
CA SER G 74 54.25 -31.56 -7.66
C SER G 74 53.96 -30.31 -6.82
N THR G 75 53.82 -29.18 -7.51
CA THR G 75 53.52 -27.88 -6.89
C THR G 75 52.51 -27.08 -7.74
N PHE G 76 51.33 -26.83 -7.18
CA PHE G 76 50.28 -26.09 -7.87
C PHE G 76 49.54 -25.10 -6.94
N CYS G 77 48.60 -24.36 -7.51
CA CYS G 77 47.84 -23.39 -6.74
C CYS G 77 46.40 -23.79 -6.52
N VAL G 78 45.79 -23.27 -5.47
CA VAL G 78 44.43 -23.64 -5.16
C VAL G 78 43.89 -22.62 -4.17
N MET G 79 42.56 -22.57 -3.99
CA MET G 79 41.95 -21.64 -3.03
C MET G 79 41.52 -22.45 -1.80
N LEU G 80 41.84 -21.93 -0.61
CA LEU G 80 41.48 -22.56 0.65
C LEU G 80 40.56 -21.59 1.39
N ARG G 81 39.59 -22.09 2.15
CA ARG G 81 38.71 -21.20 2.87
C ARG G 81 39.17 -20.87 4.27
N ARG G 82 38.97 -19.61 4.64
CA ARG G 82 39.36 -19.14 5.96
C ARG G 82 38.33 -19.56 6.97
N TYR G 83 38.77 -19.71 8.20
CA TYR G 83 37.90 -20.07 9.29
C TYR G 83 36.94 -18.89 9.51
N ARG G 84 35.65 -19.15 9.58
CA ARG G 84 34.69 -18.07 9.79
C ARG G 84 33.77 -18.33 10.97
N VAL G 98 31.30 -16.97 3.38
CA VAL G 98 32.73 -17.19 3.78
C VAL G 98 33.68 -16.79 2.64
N SER G 99 34.96 -16.66 2.95
CA SER G 99 35.94 -16.27 1.95
C SER G 99 37.07 -17.29 1.78
N TYR G 100 37.68 -17.27 0.58
CA TYR G 100 38.79 -18.12 0.20
C TYR G 100 40.01 -17.23 -0.09
N GLU G 101 41.19 -17.84 -0.04
CA GLU G 101 42.45 -17.16 -0.32
C GLU G 101 43.35 -18.10 -1.11
N PRO G 102 44.20 -17.57 -2.00
CA PRO G 102 45.08 -18.41 -2.81
C PRO G 102 46.26 -18.97 -2.02
N PHE G 103 46.64 -20.19 -2.40
CA PHE G 103 47.74 -20.94 -1.83
C PHE G 103 48.53 -21.73 -2.87
N ARG G 104 49.85 -21.75 -2.70
CA ARG G 104 50.73 -22.51 -3.57
C ARG G 104 51.03 -23.71 -2.70
N LEU G 105 50.55 -24.86 -3.13
CA LEU G 105 50.74 -26.08 -2.37
C LEU G 105 51.86 -26.95 -2.87
N GLY G 106 52.59 -27.56 -1.94
CA GLY G 106 53.66 -28.48 -2.28
C GLY G 106 53.31 -29.87 -1.73
N LEU G 107 52.95 -30.81 -2.60
CA LEU G 107 52.60 -32.17 -2.20
C LEU G 107 53.84 -33.01 -1.92
N THR G 108 53.74 -33.96 -1.00
CA THR G 108 54.89 -34.84 -0.68
C THR G 108 54.40 -36.20 -0.20
N PHE G 109 54.53 -37.23 -1.05
CA PHE G 109 54.10 -38.58 -0.68
C PHE G 109 55.18 -39.34 0.09
N ARG G 110 54.87 -39.70 1.33
CA ARG G 110 55.82 -40.43 2.16
C ARG G 110 55.09 -41.54 2.90
N GLU G 111 55.82 -42.62 3.21
CA GLU G 111 55.22 -43.76 3.89
C GLU G 111 55.03 -43.58 5.39
N ALA G 112 53.96 -44.22 5.89
CA ALA G 112 53.56 -44.21 7.29
C ALA G 112 54.68 -44.43 8.32
N PRO G 113 54.70 -43.62 9.38
CA PRO G 113 55.67 -43.65 10.48
C PRO G 113 55.28 -44.56 11.66
N GLU G 114 55.41 -43.98 12.86
CA GLU G 114 55.11 -44.60 14.16
C GLU G 114 55.09 -46.12 14.38
N GLU G 115 53.90 -46.70 14.54
CA GLU G 115 53.78 -48.13 14.79
C GLU G 115 52.88 -48.79 13.74
N GLY G 126 50.42 -55.04 2.09
CA GLY G 126 49.62 -53.78 2.17
C GLY G 126 50.48 -52.61 2.64
N THR G 127 50.38 -51.48 1.93
CA THR G 127 51.16 -50.30 2.29
C THR G 127 50.28 -49.11 2.64
N ASN G 128 50.63 -48.44 3.74
CA ASN G 128 49.89 -47.26 4.18
C ASN G 128 50.65 -46.01 3.74
N MET G 129 50.06 -45.27 2.80
CA MET G 129 50.68 -44.06 2.28
C MET G 129 50.25 -42.84 3.07
N LEU G 130 51.06 -41.79 3.03
CA LEU G 130 50.78 -40.55 3.74
C LEU G 130 51.06 -39.33 2.84
N LEU G 131 50.04 -38.52 2.63
CA LEU G 131 50.22 -37.32 1.81
C LEU G 131 50.54 -36.13 2.70
N VAL G 132 51.64 -35.47 2.43
CA VAL G 132 51.98 -34.28 3.20
C VAL G 132 51.82 -33.05 2.31
N ILE G 133 51.05 -32.07 2.78
CA ILE G 133 50.79 -30.84 2.04
C ILE G 133 51.23 -29.59 2.78
N CYS G 134 52.15 -28.83 2.18
CA CYS G 134 52.59 -27.58 2.78
C CYS G 134 51.99 -26.43 1.98
N ALA G 135 51.09 -25.71 2.63
CA ALA G 135 50.35 -24.61 2.04
C ALA G 135 50.84 -23.22 2.41
N THR G 136 51.41 -22.54 1.41
CA THR G 136 51.90 -21.18 1.56
C THR G 136 50.97 -20.27 0.75
N PRO G 137 50.63 -19.11 1.30
CA PRO G 137 49.74 -18.11 0.69
C PRO G 137 50.35 -17.32 -0.43
N ILE G 138 49.50 -16.91 -1.37
CA ILE G 138 49.93 -16.11 -2.51
C ILE G 138 49.45 -14.68 -2.28
N LYS G 139 50.31 -13.71 -2.58
CA LYS G 139 49.91 -12.31 -2.41
C LYS G 139 50.00 -11.45 -3.67
N SER G 140 49.23 -10.37 -3.70
CA SER G 140 49.21 -9.46 -4.84
C SER G 140 50.55 -8.76 -5.03
N SER G 141 50.97 -8.66 -6.29
CA SER G 141 52.24 -8.01 -6.63
C SER G 141 52.16 -6.49 -6.60
N TYR G 142 51.06 -5.95 -6.07
CA TYR G 142 50.89 -4.51 -6.05
C TYR G 142 50.83 -3.84 -4.67
N LYS G 143 51.62 -2.77 -4.53
CA LYS G 143 51.72 -1.99 -3.30
C LYS G 143 50.84 -0.75 -3.33
N VAL G 144 50.77 -0.10 -4.50
CA VAL G 144 49.98 1.12 -4.67
C VAL G 144 49.03 1.08 -5.88
N PRO G 145 47.92 1.83 -5.84
CA PRO G 145 46.99 1.83 -6.97
C PRO G 145 47.63 2.46 -8.21
N ASP G 146 47.30 1.89 -9.37
CA ASP G 146 47.83 2.35 -10.65
C ASP G 146 49.37 2.41 -10.67
N GLU G 147 49.98 1.41 -10.05
CA GLU G 147 51.44 1.32 -9.97
C GLU G 147 52.09 1.23 -11.35
N ILE G 148 53.24 1.88 -11.51
CA ILE G 148 53.99 1.86 -12.77
C ILE G 148 55.29 1.14 -12.46
N LEU G 149 55.42 -0.06 -13.00
CA LEU G 149 56.59 -0.91 -12.73
C LEU G 149 57.87 -0.74 -13.54
N SER G 150 58.97 -1.25 -12.97
CA SER G 150 60.30 -1.16 -13.58
C SER G 150 61.04 -2.49 -13.84
N GLN G 151 62.05 -2.78 -13.02
CA GLN G 151 62.83 -4.00 -13.19
C GLN G 151 62.35 -5.06 -12.20
N LYS G 152 61.80 -4.59 -11.06
CA LYS G 152 61.25 -5.45 -10.02
C LYS G 152 60.00 -6.13 -10.59
N SER G 153 59.58 -5.61 -11.74
CA SER G 153 58.42 -6.07 -12.49
C SER G 153 58.42 -7.58 -12.72
N PRO G 154 57.31 -8.25 -12.33
CA PRO G 154 57.22 -9.70 -12.51
C PRO G 154 56.87 -9.93 -13.96
N LYS G 155 57.74 -10.60 -14.70
CA LYS G 155 57.51 -10.93 -16.10
C LYS G 155 56.85 -12.31 -16.12
N PHE G 156 55.94 -12.55 -17.07
CA PHE G 156 55.25 -13.82 -17.14
C PHE G 156 54.68 -14.11 -18.53
N ALA G 157 54.64 -15.38 -18.90
CA ALA G 157 54.12 -15.77 -20.20
C ALA G 157 52.79 -16.52 -20.17
N ILE G 158 51.91 -16.15 -21.09
CA ILE G 158 50.62 -16.79 -21.24
C ILE G 158 50.59 -17.28 -22.69
N ARG G 159 50.34 -18.58 -22.87
CA ARG G 159 50.31 -19.21 -24.18
C ARG G 159 48.94 -19.74 -24.62
N HIS G 160 48.55 -19.43 -25.86
CA HIS G 160 47.27 -19.90 -26.39
C HIS G 160 47.36 -20.48 -27.78
N THR G 161 46.43 -21.38 -28.09
CA THR G 161 46.38 -22.06 -29.38
C THR G 161 45.94 -21.12 -30.49
N ALA G 162 45.88 -21.65 -31.71
CA ALA G 162 45.51 -20.89 -32.90
C ALA G 162 44.06 -20.43 -32.86
N THR G 163 43.26 -21.11 -32.07
CA THR G 163 41.87 -20.77 -31.96
C THR G 163 41.62 -19.74 -30.85
N GLY G 164 42.67 -19.41 -30.11
CA GLY G 164 42.58 -18.43 -29.04
C GLY G 164 42.41 -18.96 -27.62
N ILE G 165 42.55 -20.28 -27.44
CA ILE G 165 42.40 -20.83 -26.08
C ILE G 165 43.70 -20.97 -25.32
N ILE G 166 43.74 -20.33 -24.16
CA ILE G 166 44.87 -20.33 -23.23
C ILE G 166 45.25 -21.75 -22.81
N SER G 167 46.45 -22.20 -23.15
CA SER G 167 46.81 -23.52 -22.72
C SER G 167 47.90 -23.52 -21.67
N HIS G 168 48.52 -22.36 -21.47
CA HIS G 168 49.59 -22.22 -20.49
C HIS G 168 49.73 -20.83 -19.88
N VAL G 169 50.14 -20.82 -18.60
CA VAL G 169 50.35 -19.60 -17.82
C VAL G 169 51.51 -19.77 -16.81
N ASP G 170 52.45 -18.84 -16.80
CA ASP G 170 53.58 -18.92 -15.87
C ASP G 170 53.18 -18.65 -14.44
N SER G 171 54.04 -19.09 -13.52
CA SER G 171 53.82 -18.89 -12.09
C SER G 171 53.53 -17.44 -11.73
N ALA G 172 54.40 -16.54 -12.20
CA ALA G 172 54.30 -15.11 -11.92
C ALA G 172 52.96 -14.48 -12.28
N ALA G 173 52.26 -15.07 -13.23
CA ALA G 173 50.98 -14.59 -13.68
C ALA G 173 49.98 -14.48 -12.54
N VAL G 174 50.05 -15.39 -11.58
CA VAL G 174 49.11 -15.39 -10.47
C VAL G 174 49.05 -14.09 -9.67
N SER G 175 50.18 -13.66 -9.12
CA SER G 175 50.19 -12.43 -8.32
C SER G 175 49.86 -11.19 -9.17
N ALA G 176 50.25 -11.20 -10.44
CA ALA G 176 49.99 -10.07 -11.34
C ALA G 176 48.59 -9.94 -11.93
N LEU G 177 47.93 -11.07 -12.14
CA LEU G 177 46.60 -11.03 -12.73
C LEU G 177 45.51 -11.45 -11.75
N GLY G 178 45.88 -12.25 -10.76
CA GLY G 178 44.89 -12.68 -9.81
C GLY G 178 44.17 -13.95 -10.19
N TYR G 179 44.52 -14.54 -11.32
CA TYR G 179 43.89 -15.80 -11.71
C TYR G 179 44.82 -16.93 -11.35
N LEU G 180 44.24 -18.09 -11.05
CA LEU G 180 45.03 -19.28 -10.81
C LEU G 180 45.11 -19.92 -12.21
N PRO G 181 46.23 -20.60 -12.54
CA PRO G 181 46.39 -21.22 -13.85
C PRO G 181 45.16 -21.92 -14.39
N GLN G 182 44.48 -22.66 -13.51
CA GLN G 182 43.29 -23.37 -13.92
C GLN G 182 42.11 -22.45 -14.24
N ASP G 183 42.13 -21.24 -13.68
CA ASP G 183 41.07 -20.24 -13.90
C ASP G 183 41.15 -19.69 -15.34
N LEU G 184 42.36 -19.65 -15.86
CA LEU G 184 42.66 -19.12 -17.17
C LEU G 184 42.71 -20.19 -18.25
N ILE G 185 43.35 -21.30 -17.98
CA ILE G 185 43.43 -22.35 -18.99
C ILE G 185 42.07 -22.84 -19.46
N GLY G 186 41.83 -22.84 -20.77
CA GLY G 186 40.58 -23.31 -21.32
C GLY G 186 39.71 -22.23 -21.91
N ARG G 187 39.84 -21.03 -21.35
CA ARG G 187 39.09 -19.86 -21.77
C ARG G 187 39.76 -19.26 -23.01
N SER G 188 39.07 -18.33 -23.66
CA SER G 188 39.58 -17.66 -24.85
C SER G 188 40.29 -16.36 -24.48
N ILE G 189 41.56 -16.23 -24.89
CA ILE G 189 42.34 -15.03 -24.57
C ILE G 189 41.56 -13.76 -24.94
N MET G 190 40.71 -13.87 -25.95
CA MET G 190 39.89 -12.77 -26.42
C MET G 190 38.98 -12.20 -25.32
N ASP G 191 38.62 -13.02 -24.33
CA ASP G 191 37.73 -12.59 -23.24
C ASP G 191 38.33 -11.55 -22.32
N PHE G 192 39.65 -11.36 -22.41
CA PHE G 192 40.33 -10.43 -21.53
C PHE G 192 40.78 -9.11 -22.10
N TYR G 193 40.60 -8.92 -23.40
CA TYR G 193 40.95 -7.68 -24.06
C TYR G 193 39.76 -6.74 -23.87
N HIS G 194 40.04 -5.45 -23.71
CA HIS G 194 38.99 -4.43 -23.51
C HIS G 194 38.15 -4.29 -24.78
N HIS G 195 36.82 -4.25 -24.65
CA HIS G 195 35.92 -4.14 -25.82
C HIS G 195 36.30 -3.07 -26.84
N GLU G 196 36.72 -1.89 -26.35
CA GLU G 196 37.15 -0.79 -27.22
C GLU G 196 38.44 -1.12 -27.96
N ASP G 197 39.24 -2.01 -27.38
CA ASP G 197 40.54 -2.38 -27.93
C ASP G 197 40.58 -3.55 -28.91
N LEU G 198 39.45 -4.20 -29.14
CA LEU G 198 39.45 -5.35 -30.06
C LEU G 198 40.07 -5.08 -31.41
N SER G 199 39.99 -3.82 -31.86
CA SER G 199 40.56 -3.40 -33.14
C SER G 199 42.09 -3.29 -33.09
N VAL G 200 42.63 -2.71 -32.02
CA VAL G 200 44.08 -2.58 -31.88
C VAL G 200 44.71 -3.98 -31.70
N MET G 201 43.92 -4.90 -31.18
CA MET G 201 44.38 -6.25 -30.96
C MET G 201 44.37 -7.00 -32.29
N LYS G 202 43.37 -6.74 -33.11
CA LYS G 202 43.25 -7.40 -34.42
C LYS G 202 44.50 -7.12 -35.24
N GLU G 203 45.00 -5.89 -35.17
CA GLU G 203 46.22 -5.51 -35.89
C GLU G 203 47.46 -6.13 -35.24
N THR G 204 47.48 -6.22 -33.91
CA THR G 204 48.64 -6.82 -33.26
C THR G 204 48.70 -8.27 -33.73
N TYR G 205 47.54 -8.93 -33.76
CA TYR G 205 47.49 -10.34 -34.21
C TYR G 205 47.85 -10.49 -35.66
N GLU G 206 47.49 -9.48 -36.45
CA GLU G 206 47.83 -9.51 -37.87
C GLU G 206 49.34 -9.39 -38.00
N THR G 207 49.95 -8.51 -37.19
CA THR G 207 51.42 -8.37 -37.20
C THR G 207 52.05 -9.70 -36.86
N VAL G 208 51.51 -10.39 -35.87
CA VAL G 208 52.04 -11.69 -35.45
C VAL G 208 52.10 -12.68 -36.61
N MET G 209 51.08 -12.64 -37.48
CA MET G 209 51.02 -13.53 -38.64
C MET G 209 52.11 -13.25 -39.69
N LYS G 210 52.47 -11.98 -39.85
CA LYS G 210 53.50 -11.59 -40.81
C LYS G 210 54.84 -12.06 -40.24
N LYS G 211 55.02 -11.85 -38.94
CA LYS G 211 56.24 -12.28 -38.27
C LYS G 211 56.33 -13.81 -38.29
N GLY G 212 55.21 -14.47 -38.55
CA GLY G 212 55.20 -15.93 -38.60
C GLY G 212 55.97 -16.42 -39.81
N GLN G 213 56.13 -15.54 -40.80
CA GLN G 213 56.85 -15.82 -42.05
C GLN G 213 58.26 -16.28 -41.73
N THR G 214 58.82 -15.69 -40.68
CA THR G 214 60.16 -15.99 -40.20
C THR G 214 60.06 -16.61 -38.81
N ALA G 215 60.69 -17.76 -38.63
CA ALA G 215 60.65 -18.42 -37.33
C ALA G 215 61.44 -17.61 -36.34
N GLY G 216 60.98 -17.61 -35.09
CA GLY G 216 61.64 -16.86 -34.04
C GLY G 216 61.44 -15.36 -34.08
N ALA G 217 60.87 -14.84 -35.15
CA ALA G 217 60.65 -13.40 -35.21
C ALA G 217 59.66 -13.02 -34.11
N SER G 218 60.03 -12.04 -33.30
CA SER G 218 59.20 -11.56 -32.22
C SER G 218 58.93 -10.09 -32.47
N PHE G 219 58.27 -9.43 -31.51
CA PHE G 219 57.97 -8.00 -31.59
C PHE G 219 57.13 -7.52 -30.42
N CYS G 220 57.51 -6.36 -29.91
CA CYS G 220 56.84 -5.72 -28.79
C CYS G 220 55.82 -4.71 -29.29
N SER G 221 54.61 -4.80 -28.74
CA SER G 221 53.53 -3.91 -29.11
C SER G 221 53.37 -2.79 -28.10
N LYS G 222 52.43 -1.91 -28.41
CA LYS G 222 52.10 -0.79 -27.55
C LYS G 222 51.16 -1.36 -26.47
N PRO G 223 51.38 -0.95 -25.21
CA PRO G 223 50.61 -1.37 -24.01
C PRO G 223 49.10 -1.38 -24.22
N TYR G 224 48.47 -2.52 -23.89
CA TYR G 224 47.02 -2.68 -24.02
C TYR G 224 46.38 -3.12 -22.70
N ARG G 225 45.09 -2.86 -22.55
CA ARG G 225 44.36 -3.25 -21.33
C ARG G 225 44.00 -4.75 -21.33
N PHE G 226 44.14 -5.38 -20.15
CA PHE G 226 43.88 -6.80 -19.97
C PHE G 226 43.06 -7.00 -18.70
N LEU G 227 42.00 -7.78 -18.81
CA LEU G 227 41.12 -8.03 -17.68
C LEU G 227 41.80 -8.97 -16.72
N ILE G 228 41.80 -8.58 -15.45
CA ILE G 228 42.38 -9.39 -14.42
C ILE G 228 41.25 -9.91 -13.52
N GLN G 229 41.60 -10.63 -12.45
CA GLN G 229 40.60 -11.20 -11.56
C GLN G 229 39.59 -10.27 -10.92
N ASN G 230 40.04 -9.20 -10.30
CA ASN G 230 39.11 -8.29 -9.65
C ASN G 230 38.19 -7.44 -10.52
N GLY G 231 38.13 -7.71 -11.83
CA GLY G 231 37.26 -6.92 -12.69
C GLY G 231 37.82 -5.62 -13.25
N CYS G 232 38.87 -5.09 -12.63
CA CYS G 232 39.47 -3.86 -13.13
C CYS G 232 40.58 -4.25 -14.14
N TYR G 233 41.00 -3.30 -14.97
CA TYR G 233 42.00 -3.58 -16.01
C TYR G 233 43.41 -3.08 -15.75
N VAL G 234 44.39 -3.80 -16.27
CA VAL G 234 45.78 -3.41 -16.15
C VAL G 234 46.32 -3.23 -17.58
N LEU G 235 47.47 -2.59 -17.69
CA LEU G 235 48.08 -2.40 -19.00
C LEU G 235 49.30 -3.33 -19.05
N LEU G 236 49.41 -4.07 -20.14
CA LEU G 236 50.51 -5.02 -20.32
C LEU G 236 51.41 -4.62 -21.46
N GLU G 237 52.69 -4.89 -21.32
CA GLU G 237 53.56 -4.63 -22.45
C GLU G 237 53.95 -6.06 -22.83
N THR G 238 53.67 -6.41 -24.09
CA THR G 238 53.92 -7.76 -24.56
C THR G 238 54.85 -7.93 -25.75
N GLU G 239 55.74 -8.91 -25.62
CA GLU G 239 56.62 -9.28 -26.69
C GLU G 239 55.89 -10.53 -27.20
N TRP G 240 55.50 -10.53 -28.48
CA TRP G 240 54.78 -11.65 -29.07
C TRP G 240 55.61 -12.61 -29.94
N THR G 241 55.55 -13.90 -29.64
CA THR G 241 56.24 -14.89 -30.47
C THR G 241 55.23 -15.99 -30.82
N SER G 242 55.52 -16.77 -31.86
CA SER G 242 54.60 -17.81 -32.29
C SER G 242 55.35 -19.07 -32.70
N PHE G 243 54.60 -20.07 -33.15
CA PHE G 243 55.18 -21.30 -33.61
C PHE G 243 54.28 -21.83 -34.69
N VAL G 244 54.85 -22.02 -35.86
CA VAL G 244 54.12 -22.53 -37.02
C VAL G 244 54.67 -23.91 -37.40
N ASN G 245 53.80 -24.92 -37.38
CA ASN G 245 54.22 -26.28 -37.75
C ASN G 245 54.84 -26.12 -39.14
N PRO G 246 56.17 -26.30 -39.23
CA PRO G 246 56.92 -26.17 -40.49
C PRO G 246 56.37 -27.05 -41.60
N TRP G 247 55.84 -28.21 -41.21
CA TRP G 247 55.27 -29.17 -42.15
C TRP G 247 53.89 -28.81 -42.68
N SER G 248 52.95 -28.55 -41.76
CA SER G 248 51.59 -28.18 -42.14
C SER G 248 51.47 -26.71 -42.50
N ARG G 249 52.47 -25.92 -42.12
CA ARG G 249 52.48 -24.47 -42.39
C ARG G 249 51.40 -23.68 -41.63
N LYS G 250 50.66 -24.36 -40.75
CA LYS G 250 49.61 -23.70 -39.98
C LYS G 250 50.11 -23.26 -38.60
N LEU G 251 49.62 -22.12 -38.09
CA LEU G 251 50.01 -21.62 -36.77
C LEU G 251 49.61 -22.61 -35.67
N GLU G 252 50.57 -23.00 -34.84
CA GLU G 252 50.32 -23.94 -33.76
C GLU G 252 49.87 -23.24 -32.48
N PHE G 253 50.60 -22.19 -32.09
CA PHE G 253 50.27 -21.41 -30.91
C PHE G 253 50.95 -20.06 -30.89
N VAL G 254 50.47 -19.21 -30.00
CA VAL G 254 50.97 -17.86 -29.79
C VAL G 254 51.30 -17.69 -28.31
N VAL G 255 52.53 -17.28 -28.02
CA VAL G 255 52.93 -17.07 -26.64
C VAL G 255 53.29 -15.63 -26.50
N GLY G 256 52.78 -15.01 -25.44
CA GLY G 256 53.06 -13.61 -25.17
C GLY G 256 53.84 -13.43 -23.89
N HIS G 257 54.94 -12.69 -23.95
CA HIS G 257 55.73 -12.42 -22.76
C HIS G 257 55.25 -11.13 -22.18
N HIS G 258 54.59 -11.26 -21.04
CA HIS G 258 54.01 -10.12 -20.40
C HIS G 258 54.85 -9.55 -19.28
N ARG G 259 54.59 -8.27 -19.06
CA ARG G 259 55.24 -7.50 -18.04
C ARG G 259 54.17 -6.43 -17.82
N VAL G 260 53.72 -6.25 -16.59
CA VAL G 260 52.69 -5.26 -16.33
C VAL G 260 53.26 -3.85 -16.43
N PHE G 261 52.85 -3.13 -17.46
CA PHE G 261 53.28 -1.76 -17.69
C PHE G 261 52.79 -0.92 -16.56
N GLN G 262 51.49 -1.01 -16.32
CA GLN G 262 50.83 -0.28 -15.25
C GLN G 262 49.79 -1.12 -14.53
N GLY G 263 49.90 -1.19 -13.22
CA GLY G 263 48.97 -1.94 -12.39
C GLY G 263 47.55 -1.40 -12.38
N PRO G 264 46.65 -2.12 -11.69
CA PRO G 264 45.21 -1.86 -11.51
C PRO G 264 44.83 -0.82 -10.47
N LYS G 265 43.63 -0.29 -10.63
CA LYS G 265 43.07 0.71 -9.73
C LYS G 265 42.99 0.12 -8.32
N GLN G 266 42.65 -1.16 -8.23
CA GLN G 266 42.58 -1.85 -6.95
C GLN G 266 43.82 -2.71 -6.72
N CYS G 267 44.58 -2.38 -5.68
CA CYS G 267 45.82 -3.09 -5.33
C CYS G 267 45.65 -4.60 -5.12
N ASN G 268 44.65 -4.99 -4.33
CA ASN G 268 44.39 -6.40 -4.08
C ASN G 268 43.84 -7.00 -5.35
N VAL G 269 44.58 -7.94 -5.92
CA VAL G 269 44.21 -8.57 -7.18
C VAL G 269 43.42 -9.88 -7.00
N PHE G 270 42.98 -10.15 -5.78
CA PHE G 270 42.25 -11.36 -5.49
C PHE G 270 40.81 -11.21 -5.02
N GLU G 271 40.47 -10.05 -4.46
CA GLU G 271 39.11 -9.84 -3.94
C GLU G 271 38.02 -9.91 -5.00
N ALA G 272 36.77 -9.98 -4.53
CA ALA G 272 35.61 -10.05 -5.41
C ALA G 272 35.50 -8.76 -6.21
N ALA G 273 34.93 -8.86 -7.41
CA ALA G 273 34.75 -7.75 -8.35
C ALA G 273 34.29 -6.38 -7.81
N PRO G 274 35.24 -5.49 -7.47
CA PRO G 274 34.94 -4.14 -6.95
C PRO G 274 34.74 -3.14 -8.09
N THR G 275 33.47 -2.86 -8.42
CA THR G 275 33.08 -1.94 -9.49
C THR G 275 33.78 -2.32 -10.81
N CYS G 276 33.91 -1.38 -11.74
CA CYS G 276 34.59 -1.62 -13.03
C CYS G 276 33.81 -2.45 -14.13
N LYS G 277 32.63 -2.02 -14.64
CA LYS G 277 31.88 -2.79 -15.65
C LYS G 277 30.66 -2.14 -16.45
N LEU G 278 30.52 -2.33 -17.80
CA LEU G 278 29.39 -1.92 -18.72
C LEU G 278 29.75 -2.03 -20.21
N LYS G 279 28.78 -2.41 -21.05
CA LYS G 279 28.95 -2.44 -22.54
C LYS G 279 27.65 -2.16 -23.34
N ILE G 280 27.73 -1.25 -24.32
CA ILE G 280 26.59 -0.98 -25.20
C ILE G 280 26.25 -2.20 -26.06
N SER G 281 25.24 -2.95 -25.60
CA SER G 281 24.73 -4.17 -26.22
C SER G 281 24.97 -4.28 -27.73
N GLU G 282 24.03 -3.78 -28.52
CA GLU G 282 24.08 -3.82 -29.98
C GLU G 282 25.45 -3.68 -30.69
N GLU G 283 25.84 -2.45 -30.98
CA GLU G 283 27.09 -2.13 -31.68
C GLU G 283 28.39 -2.55 -31.00
N ALA G 284 28.31 -3.15 -29.81
CA ALA G 284 29.52 -3.59 -29.11
C ALA G 284 29.71 -5.09 -29.17
N GLN G 285 28.91 -5.82 -28.39
CA GLN G 285 29.01 -7.28 -28.35
C GLN G 285 28.95 -7.89 -29.75
N SER G 286 28.22 -7.24 -30.66
CA SER G 286 28.08 -7.71 -32.04
C SER G 286 29.32 -7.35 -32.87
N ARG G 287 29.78 -6.11 -32.76
CA ARG G 287 30.96 -5.65 -33.49
C ARG G 287 32.17 -6.42 -32.96
N ASN G 288 32.22 -6.56 -31.65
CA ASN G 288 33.29 -7.27 -30.98
C ASN G 288 33.31 -8.74 -31.35
N THR G 289 32.16 -9.40 -31.25
CA THR G 289 32.10 -10.81 -31.59
C THR G 289 32.57 -11.01 -33.04
N ARG G 290 32.32 -10.01 -33.90
CA ARG G 290 32.74 -10.08 -35.28
C ARG G 290 34.26 -9.96 -35.39
N ILE G 291 34.85 -8.98 -34.71
CA ILE G 291 36.29 -8.77 -34.73
C ILE G 291 37.02 -10.04 -34.28
N LYS G 292 36.53 -10.64 -33.21
CA LYS G 292 37.10 -11.87 -32.68
C LYS G 292 36.97 -12.99 -33.73
N GLU G 293 35.88 -12.95 -34.48
CA GLU G 293 35.60 -13.91 -35.54
C GLU G 293 36.73 -13.81 -36.57
N ASP G 294 37.11 -12.57 -36.89
CA ASP G 294 38.15 -12.27 -37.87
C ASP G 294 39.54 -12.68 -37.40
N ILE G 295 39.87 -12.32 -36.16
CA ILE G 295 41.16 -12.62 -35.56
C ILE G 295 41.51 -14.10 -35.61
N VAL G 296 40.56 -14.93 -35.19
CA VAL G 296 40.72 -16.37 -35.19
C VAL G 296 40.77 -16.93 -36.62
N LYS G 297 40.02 -16.28 -37.51
CA LYS G 297 39.94 -16.65 -38.91
C LYS G 297 41.33 -16.47 -39.53
N ARG G 298 41.94 -15.32 -39.27
CA ARG G 298 43.26 -15.02 -39.79
C ARG G 298 44.33 -15.88 -39.15
N LEU G 299 44.13 -16.25 -37.89
CA LEU G 299 45.11 -17.09 -37.20
C LEU G 299 45.16 -18.50 -37.81
N ALA G 300 44.02 -18.96 -38.31
CA ALA G 300 43.94 -20.27 -38.95
C ALA G 300 44.44 -20.21 -40.39
N GLU G 301 44.80 -19.02 -40.85
CA GLU G 301 45.33 -18.83 -42.20
C GLU G 301 46.71 -19.44 -42.29
N THR G 302 46.99 -20.08 -43.41
CA THR G 302 48.27 -20.72 -43.66
C THR G 302 49.37 -19.68 -43.89
N VAL G 303 50.50 -19.81 -43.18
CA VAL G 303 51.61 -18.88 -43.32
C VAL G 303 52.63 -19.34 -44.37
N SER G 304 53.34 -18.36 -44.92
CA SER G 304 54.35 -18.63 -45.94
C SER G 304 55.75 -18.82 -45.39
N ARG G 305 56.45 -19.82 -45.92
CA ARG G 305 57.83 -20.13 -45.56
C ARG G 305 58.43 -20.55 -46.91
N PRO G 306 58.66 -19.56 -47.79
CA PRO G 306 59.20 -19.69 -49.15
C PRO G 306 60.41 -20.57 -49.44
N SER G 307 60.43 -21.10 -50.66
CA SER G 307 61.49 -21.98 -51.17
C SER G 307 62.62 -21.15 -51.79
N GLU G 308 63.47 -20.61 -50.93
CA GLU G 308 64.59 -19.78 -51.33
C GLU G 308 65.88 -20.60 -51.35
N THR G 309 65.84 -21.73 -50.65
CA THR G 309 66.98 -22.64 -50.51
C THR G 309 67.32 -23.41 -51.80
N VAL G 310 67.96 -22.68 -52.71
CA VAL G 310 68.43 -23.18 -54.00
C VAL G 310 69.71 -22.39 -54.25
N LYS G 311 69.66 -21.07 -54.01
CA LYS G 311 70.84 -20.21 -54.14
C LYS G 311 71.62 -20.51 -52.85
N GLN G 312 70.88 -20.97 -51.86
CA GLN G 312 71.41 -21.31 -50.55
C GLN G 312 72.42 -22.43 -50.57
N GLU G 313 72.82 -22.83 -51.77
CA GLU G 313 73.83 -23.86 -51.91
C GLU G 313 75.19 -23.13 -51.82
N VAL G 314 75.19 -22.15 -50.93
CA VAL G 314 76.33 -21.32 -50.58
C VAL G 314 76.72 -21.92 -49.23
N SER G 315 75.73 -22.50 -48.57
CA SER G 315 75.88 -23.16 -47.27
C SER G 315 75.79 -24.68 -47.50
N ARG G 316 75.14 -25.06 -48.60
CA ARG G 316 75.00 -26.47 -48.99
C ARG G 316 76.41 -26.88 -49.42
N ARG G 317 77.19 -25.93 -49.92
CA ARG G 317 78.57 -26.19 -50.33
C ARG G 317 79.53 -25.68 -49.26
N CYS G 318 79.11 -24.71 -48.45
CA CYS G 318 79.98 -24.14 -47.42
C CYS G 318 80.47 -25.22 -46.47
N GLN G 319 81.78 -25.45 -46.51
CA GLN G 319 82.42 -26.48 -45.72
C GLN G 319 82.25 -26.36 -44.20
N ALA G 320 82.11 -25.13 -43.70
CA ALA G 320 81.95 -24.91 -42.27
C ALA G 320 80.65 -25.51 -41.72
N LEU G 321 79.54 -25.22 -42.41
CA LEU G 321 78.23 -25.72 -42.02
C LEU G 321 78.24 -27.25 -41.98
N ALA G 322 78.72 -27.85 -43.06
CA ALA G 322 78.80 -29.30 -43.17
C ALA G 322 79.59 -29.89 -42.00
N SER G 323 80.68 -29.22 -41.64
CA SER G 323 81.54 -29.64 -40.53
C SER G 323 80.80 -29.54 -39.21
N PHE G 324 80.05 -28.46 -39.07
CA PHE G 324 79.26 -28.19 -37.88
C PHE G 324 78.23 -29.30 -37.65
N MET G 325 77.43 -29.56 -38.69
CA MET G 325 76.36 -30.56 -38.65
C MET G 325 76.83 -32.00 -38.47
N GLU G 326 78.00 -32.33 -39.00
CA GLU G 326 78.55 -33.66 -38.89
C GLU G 326 78.75 -33.94 -37.39
N THR G 327 79.30 -32.95 -36.70
CA THR G 327 79.57 -33.00 -35.25
C THR G 327 78.33 -32.82 -34.39
N LEU G 328 77.40 -32.00 -34.87
CA LEU G 328 76.13 -31.75 -34.16
C LEU G 328 75.35 -33.06 -34.09
N MET G 329 75.50 -33.85 -35.14
CA MET G 329 74.86 -35.14 -35.28
C MET G 329 75.49 -36.11 -34.28
N ASP G 330 76.78 -35.95 -34.03
CA ASP G 330 77.49 -36.80 -33.09
C ASP G 330 77.17 -36.41 -31.66
N GLU G 331 77.28 -35.12 -31.34
CA GLU G 331 76.99 -34.62 -30.01
C GLU G 331 75.64 -35.12 -29.48
N VAL G 332 74.67 -35.29 -30.39
CA VAL G 332 73.34 -35.78 -30.04
C VAL G 332 73.25 -37.29 -30.11
N SER G 333 73.85 -37.88 -31.14
CA SER G 333 73.84 -39.34 -31.34
C SER G 333 74.42 -40.05 -30.12
N ARG G 334 75.30 -39.35 -29.43
CA ARG G 334 75.94 -39.89 -28.23
C ARG G 334 75.15 -39.60 -26.96
N ALA G 335 74.94 -38.32 -26.68
CA ALA G 335 74.24 -37.86 -25.47
C ALA G 335 72.91 -38.52 -25.10
N ASP G 336 71.94 -38.49 -26.01
CA ASP G 336 70.60 -39.05 -25.73
C ASP G 336 70.50 -40.59 -25.74
N LEU G 337 70.77 -41.21 -26.89
CA LEU G 337 70.68 -42.67 -27.04
C LEU G 337 71.60 -43.48 -26.10
N LYS G 338 72.86 -43.06 -25.99
CA LYS G 338 73.85 -43.77 -25.16
C LYS G 338 73.69 -43.58 -23.64
N LEU G 339 73.36 -42.36 -23.21
CA LEU G 339 73.20 -42.09 -21.80
C LEU G 339 71.74 -41.72 -21.50
N LYS H 1 77.30 -49.96 -29.57
CA LYS H 1 76.36 -49.22 -30.40
C LYS H 1 75.15 -50.06 -30.82
N GLU H 2 74.48 -49.62 -31.88
CA GLU H 2 73.30 -50.26 -32.46
C GLU H 2 72.96 -49.46 -33.71
N ASP H 3 72.75 -50.17 -34.83
CA ASP H 3 72.41 -49.55 -36.12
C ASP H 3 71.45 -48.37 -35.98
N SER H 4 71.84 -47.23 -36.54
CA SER H 4 71.00 -46.03 -36.47
C SER H 4 71.55 -44.92 -37.35
N PHE H 5 70.67 -43.98 -37.69
CA PHE H 5 71.06 -42.83 -38.49
C PHE H 5 70.55 -41.56 -37.83
N CYS H 6 71.07 -40.41 -38.27
CA CYS H 6 70.64 -39.14 -37.71
C CYS H 6 70.54 -38.13 -38.82
N CYS H 7 69.60 -37.20 -38.69
CA CYS H 7 69.44 -36.19 -39.70
C CYS H 7 69.17 -34.87 -39.03
N VAL H 8 69.18 -33.81 -39.82
CA VAL H 8 68.97 -32.47 -39.31
C VAL H 8 67.90 -31.83 -40.19
N ILE H 9 66.80 -31.44 -39.56
CA ILE H 9 65.66 -30.82 -40.24
C ILE H 9 65.66 -29.31 -40.01
N SER H 10 65.15 -28.52 -40.95
CA SER H 10 65.07 -27.08 -40.74
C SER H 10 63.67 -26.81 -40.17
N MET H 11 63.56 -26.16 -39.02
CA MET H 11 62.22 -25.89 -38.48
C MET H 11 61.54 -24.77 -39.25
N HIS H 12 62.25 -24.21 -40.23
CA HIS H 12 61.70 -23.14 -41.07
C HIS H 12 60.66 -23.70 -42.05
N ASP H 13 61.08 -24.67 -42.87
CA ASP H 13 60.19 -25.26 -43.87
C ASP H 13 59.95 -26.75 -43.72
N GLY H 14 60.56 -27.34 -42.70
CA GLY H 14 60.38 -28.76 -42.49
C GLY H 14 61.21 -29.72 -43.32
N ILE H 15 62.08 -29.24 -44.20
CA ILE H 15 62.91 -30.17 -45.02
C ILE H 15 64.16 -30.70 -44.29
N VAL H 16 64.65 -31.87 -44.70
CA VAL H 16 65.84 -32.42 -44.07
C VAL H 16 67.06 -31.84 -44.75
N LEU H 17 68.02 -31.39 -43.93
CA LEU H 17 69.23 -30.76 -44.41
C LEU H 17 70.46 -31.66 -44.50
N TYR H 18 70.63 -32.52 -43.50
CA TYR H 18 71.79 -33.40 -43.47
C TYR H 18 71.37 -34.75 -42.96
N THR H 19 72.09 -35.79 -43.36
CA THR H 19 71.78 -37.16 -42.94
C THR H 19 73.10 -37.88 -42.69
N THR H 20 73.05 -38.98 -41.95
CA THR H 20 74.24 -39.78 -41.72
C THR H 20 74.28 -40.78 -42.88
N PRO H 21 75.47 -41.29 -43.22
CA PRO H 21 75.61 -42.27 -44.32
C PRO H 21 74.87 -43.58 -44.02
N SER H 22 74.91 -43.99 -42.76
CA SER H 22 74.26 -45.23 -42.30
C SER H 22 72.78 -45.32 -42.66
N ILE H 23 72.19 -44.20 -43.07
CA ILE H 23 70.79 -44.13 -43.45
C ILE H 23 70.46 -45.24 -44.46
N THR H 24 71.37 -45.45 -45.40
CA THR H 24 71.20 -46.46 -46.42
C THR H 24 71.28 -47.87 -45.81
N ASP H 25 72.11 -48.01 -44.78
CA ASP H 25 72.27 -49.30 -44.11
C ASP H 25 71.06 -49.58 -43.22
N VAL H 26 70.34 -48.52 -42.85
CA VAL H 26 69.17 -48.65 -41.98
C VAL H 26 67.86 -48.75 -42.76
N LEU H 27 67.47 -47.66 -43.40
CA LEU H 27 66.23 -47.62 -44.17
C LEU H 27 66.40 -48.01 -45.62
N GLY H 28 67.65 -48.04 -46.06
CA GLY H 28 67.95 -48.39 -47.45
C GLY H 28 67.91 -47.18 -48.36
N TYR H 29 67.56 -46.03 -47.81
CA TYR H 29 67.49 -44.82 -48.62
C TYR H 29 68.86 -44.40 -49.12
N PRO H 30 68.96 -44.11 -50.44
CA PRO H 30 70.19 -43.69 -51.09
C PRO H 30 70.80 -42.45 -50.43
N ARG H 31 71.95 -42.66 -49.78
CA ARG H 31 72.73 -41.62 -49.09
C ARG H 31 72.04 -40.27 -48.93
N ASP H 32 71.96 -39.52 -50.02
CA ASP H 32 71.34 -38.21 -49.98
C ASP H 32 70.09 -38.08 -50.86
N MET H 33 69.20 -39.04 -50.71
CA MET H 33 67.95 -39.02 -51.46
C MET H 33 66.93 -38.32 -50.55
N TRP H 34 67.25 -38.28 -49.25
CA TRP H 34 66.43 -37.64 -48.24
C TRP H 34 66.58 -36.12 -48.29
N LEU H 35 67.77 -35.66 -48.65
CA LEU H 35 68.03 -34.23 -48.74
C LEU H 35 67.02 -33.53 -49.61
N GLY H 36 66.55 -32.38 -49.13
CA GLY H 36 65.58 -31.59 -49.87
C GLY H 36 64.12 -31.95 -49.75
N ARG H 37 63.82 -33.07 -49.08
CA ARG H 37 62.44 -33.52 -48.92
C ARG H 37 61.86 -33.26 -47.53
N SER H 38 60.53 -33.24 -47.45
CA SER H 38 59.81 -33.02 -46.20
C SER H 38 59.86 -34.27 -45.33
N PHE H 39 60.49 -34.17 -44.17
CA PHE H 39 60.63 -35.30 -43.26
C PHE H 39 59.37 -36.13 -42.97
N ILE H 40 58.21 -35.50 -42.78
CA ILE H 40 56.97 -36.25 -42.46
C ILE H 40 56.51 -37.19 -43.57
N ASP H 41 57.06 -37.02 -44.76
CA ASP H 41 56.72 -37.87 -45.87
C ASP H 41 57.26 -39.29 -45.69
N PHE H 42 58.10 -39.49 -44.67
CA PHE H 42 58.67 -40.80 -44.40
C PHE H 42 58.08 -41.38 -43.13
N VAL H 43 57.35 -40.53 -42.41
CA VAL H 43 56.67 -40.87 -41.16
C VAL H 43 55.29 -41.42 -41.51
N HIS H 44 54.92 -42.53 -40.88
CA HIS H 44 53.64 -43.16 -41.12
C HIS H 44 52.47 -42.23 -40.76
N LEU H 45 51.29 -42.55 -41.27
CA LEU H 45 50.11 -41.74 -41.02
C LEU H 45 49.65 -41.75 -39.56
N LYS H 46 49.48 -42.94 -39.00
CA LYS H 46 49.01 -43.09 -37.63
C LYS H 46 49.97 -42.50 -36.60
N ASP H 47 51.14 -42.08 -37.06
CA ASP H 47 52.12 -41.50 -36.15
C ASP H 47 52.46 -40.04 -36.46
N ARG H 48 51.72 -39.41 -37.36
CA ARG H 48 52.03 -38.02 -37.63
C ARG H 48 51.48 -37.13 -36.53
N ALA H 49 50.39 -37.56 -35.90
CA ALA H 49 49.79 -36.77 -34.82
C ALA H 49 50.64 -36.84 -33.58
N THR H 50 51.33 -37.98 -33.42
CA THR H 50 52.22 -38.20 -32.29
C THR H 50 53.46 -37.35 -32.52
N PHE H 51 53.99 -37.43 -33.74
CA PHE H 51 55.18 -36.67 -34.10
C PHE H 51 54.95 -35.17 -33.87
N ALA H 52 53.81 -34.64 -34.32
CA ALA H 52 53.47 -33.22 -34.18
C ALA H 52 53.41 -32.81 -32.72
N SER H 53 52.67 -33.60 -31.94
CA SER H 53 52.52 -33.38 -30.50
C SER H 53 53.89 -33.23 -29.86
N GLN H 54 54.83 -34.08 -30.28
CA GLN H 54 56.18 -34.05 -29.76
C GLN H 54 57.03 -32.82 -30.09
N ILE H 55 57.09 -32.40 -31.35
CA ILE H 55 57.94 -31.25 -31.64
C ILE H 55 57.30 -29.99 -31.08
N THR H 56 55.97 -29.99 -31.09
CA THR H 56 55.17 -28.89 -30.61
C THR H 56 55.42 -28.62 -29.15
N THR H 57 55.16 -29.62 -28.31
CA THR H 57 55.37 -29.47 -26.88
C THR H 57 56.84 -29.51 -26.47
N GLY H 58 57.75 -29.52 -27.44
CA GLY H 58 59.17 -29.57 -27.12
C GLY H 58 59.99 -28.41 -27.68
N ILE H 59 59.33 -27.50 -28.39
CA ILE H 59 60.01 -26.37 -28.99
C ILE H 59 60.38 -25.28 -27.96
N ALA H 72 66.25 -36.46 -19.81
CA ALA H 72 66.77 -36.18 -21.18
C ALA H 72 65.73 -35.43 -22.02
N LYS H 73 66.05 -35.21 -23.29
CA LYS H 73 65.16 -34.53 -24.23
C LYS H 73 64.14 -35.52 -24.81
N SER H 74 63.11 -35.01 -25.47
CA SER H 74 62.04 -35.81 -26.07
C SER H 74 62.46 -37.07 -26.85
N THR H 75 61.89 -38.22 -26.47
CA THR H 75 62.17 -39.52 -27.11
C THR H 75 60.91 -40.40 -27.16
N PHE H 76 60.43 -40.66 -28.38
CA PHE H 76 59.22 -41.45 -28.63
C PHE H 76 59.37 -42.45 -29.80
N CYS H 77 58.32 -43.21 -30.10
CA CYS H 77 58.35 -44.19 -31.19
C CYS H 77 57.45 -43.85 -32.38
N VAL H 78 58.00 -44.01 -33.58
CA VAL H 78 57.30 -43.70 -34.84
C VAL H 78 57.66 -44.75 -35.90
N MET H 79 56.76 -44.98 -36.86
CA MET H 79 56.99 -45.93 -37.95
C MET H 79 57.51 -45.15 -39.16
N LEU H 80 58.58 -45.63 -39.78
CA LEU H 80 59.17 -44.99 -40.96
C LEU H 80 59.10 -45.92 -42.18
N ARG H 81 59.00 -45.34 -43.38
CA ARG H 81 58.92 -46.17 -44.58
C ARG H 81 60.29 -46.48 -45.21
N ARG H 82 60.52 -47.77 -45.47
CA ARG H 82 61.76 -48.28 -46.08
C ARG H 82 61.84 -47.92 -47.55
N TYR H 83 63.05 -47.99 -48.09
CA TYR H 83 63.25 -47.70 -49.49
C TYR H 83 62.84 -48.93 -50.30
N ARG H 84 61.80 -48.78 -51.12
CA ARG H 84 61.31 -49.88 -51.95
C ARG H 84 61.74 -49.70 -53.41
N VAL H 98 54.81 -50.96 -50.27
CA VAL H 98 55.99 -50.68 -49.38
C VAL H 98 55.73 -50.90 -47.88
N SER H 99 56.74 -51.42 -47.20
CA SER H 99 56.65 -51.71 -45.77
C SER H 99 57.14 -50.55 -44.88
N TYR H 100 56.75 -50.61 -43.61
CA TYR H 100 57.12 -49.60 -42.62
C TYR H 100 57.78 -50.25 -41.40
N GLU H 101 58.84 -49.63 -40.90
CA GLU H 101 59.56 -50.16 -39.74
C GLU H 101 59.58 -49.25 -38.52
N PRO H 102 59.51 -49.85 -37.31
CA PRO H 102 59.53 -49.15 -36.03
C PRO H 102 60.89 -48.54 -35.65
N PHE H 103 60.86 -47.28 -35.21
CA PHE H 103 62.04 -46.54 -34.80
C PHE H 103 61.80 -45.73 -33.54
N ARG H 104 62.82 -45.67 -32.69
CA ARG H 104 62.80 -44.92 -31.43
C ARG H 104 63.56 -43.63 -31.72
N LEU H 105 62.84 -42.52 -31.87
CA LEU H 105 63.50 -41.26 -32.20
C LEU H 105 64.03 -40.45 -31.04
N GLY H 106 65.12 -39.74 -31.31
CA GLY H 106 65.74 -38.88 -30.31
C GLY H 106 65.82 -37.47 -30.86
N LEU H 107 64.87 -36.62 -30.47
CA LEU H 107 64.85 -35.23 -30.91
C LEU H 107 65.80 -34.40 -30.08
N THR H 108 66.16 -33.25 -30.63
CA THR H 108 67.04 -32.28 -29.98
C THR H 108 67.00 -31.01 -30.81
N PHE H 109 66.64 -29.91 -30.17
CA PHE H 109 66.61 -28.65 -30.88
C PHE H 109 67.90 -27.91 -30.60
N ARG H 110 68.60 -27.56 -31.67
CA ARG H 110 69.85 -26.85 -31.56
C ARG H 110 69.72 -25.65 -32.47
N GLU H 111 70.11 -24.47 -31.98
CA GLU H 111 69.99 -23.30 -32.81
C GLU H 111 70.93 -23.38 -33.99
N ALA H 112 70.38 -23.17 -35.19
CA ALA H 112 71.16 -23.19 -36.42
C ALA H 112 72.19 -22.08 -36.30
N PRO H 113 73.49 -22.44 -36.38
CA PRO H 113 74.60 -21.48 -36.29
C PRO H 113 74.36 -20.30 -37.20
N GLU H 114 74.07 -19.17 -36.55
CA GLU H 114 73.80 -17.89 -37.21
C GLU H 114 74.61 -17.76 -38.49
N GLU H 115 73.93 -17.51 -39.59
CA GLU H 115 74.56 -17.37 -40.90
C GLU H 115 75.76 -16.42 -40.86
N ALA H 116 76.85 -16.81 -41.54
CA ALA H 116 78.09 -16.03 -41.59
C ALA H 116 77.88 -14.53 -41.91
N ARG H 117 76.83 -14.24 -42.68
CA ARG H 117 76.41 -12.91 -43.15
C ARG H 117 75.86 -12.90 -44.59
N PRO H 118 75.77 -14.07 -45.27
CA PRO H 118 75.25 -14.05 -46.65
C PRO H 118 73.77 -13.81 -46.98
N ASP H 119 72.86 -14.58 -46.39
CA ASP H 119 71.45 -14.50 -46.73
C ASP H 119 70.40 -13.76 -45.90
N ASN H 120 69.83 -14.45 -44.91
CA ASN H 120 68.77 -13.87 -44.08
C ASN H 120 69.04 -13.04 -42.82
N TYR H 121 68.49 -11.83 -42.85
CA TYR H 121 68.56 -10.84 -41.78
C TYR H 121 67.83 -11.32 -40.52
N GLY H 126 65.01 -12.22 -35.73
CA GLY H 126 64.64 -13.66 -35.91
C GLY H 126 65.79 -14.64 -35.73
N THR H 127 65.43 -15.89 -35.43
CA THR H 127 66.41 -16.95 -35.23
C THR H 127 66.03 -18.24 -35.97
N ASN H 128 66.96 -18.77 -36.76
CA ASN H 128 66.70 -20.00 -37.49
C ASN H 128 66.93 -21.18 -36.54
N MET H 129 65.98 -22.11 -36.51
CA MET H 129 66.08 -23.28 -35.61
C MET H 129 66.30 -24.58 -36.37
N LEU H 130 66.98 -25.51 -35.71
CA LEU H 130 67.31 -26.84 -36.25
C LEU H 130 66.79 -27.96 -35.37
N LEU H 131 66.26 -28.99 -36.02
CA LEU H 131 65.70 -30.16 -35.36
C LEU H 131 66.45 -31.44 -35.75
N VAL H 132 67.30 -31.93 -34.84
CA VAL H 132 68.08 -33.14 -35.08
C VAL H 132 67.34 -34.36 -34.61
N ILE H 133 67.23 -35.37 -35.48
CA ILE H 133 66.51 -36.59 -35.14
C ILE H 133 67.40 -37.81 -35.31
N CYS H 134 67.52 -38.60 -34.26
CA CYS H 134 68.29 -39.83 -34.34
C CYS H 134 67.36 -41.01 -34.22
N ALA H 135 67.36 -41.83 -35.26
CA ALA H 135 66.50 -43.00 -35.31
C ALA H 135 67.25 -44.32 -35.22
N THR H 136 66.94 -45.06 -34.16
CA THR H 136 67.51 -46.38 -33.94
C THR H 136 66.35 -47.35 -33.97
N PRO H 137 66.44 -48.41 -34.79
CA PRO H 137 65.39 -49.42 -34.95
C PRO H 137 65.07 -50.33 -33.77
N ILE H 138 63.77 -50.51 -33.57
CA ILE H 138 63.17 -51.34 -32.52
C ILE H 138 62.99 -52.72 -33.15
N LYS H 139 63.21 -53.77 -32.37
CA LYS H 139 63.07 -55.13 -32.87
C LYS H 139 62.38 -56.05 -31.87
N SER H 140 61.74 -57.10 -32.36
CA SER H 140 61.02 -58.02 -31.49
C SER H 140 61.87 -58.64 -30.39
N SER H 141 61.21 -58.91 -29.25
CA SER H 141 61.84 -59.51 -28.10
C SER H 141 61.84 -61.03 -28.24
N TYR H 142 61.29 -61.52 -29.36
CA TYR H 142 61.21 -62.96 -29.58
C TYR H 142 62.04 -63.48 -30.75
N LYS H 143 62.89 -64.46 -30.43
CA LYS H 143 63.80 -65.14 -31.37
C LYS H 143 63.19 -66.47 -31.84
N VAL H 144 62.52 -67.15 -30.91
CA VAL H 144 61.87 -68.44 -31.17
C VAL H 144 60.40 -68.40 -30.69
N PRO H 145 59.49 -68.98 -31.49
CA PRO H 145 58.04 -69.08 -31.25
C PRO H 145 57.62 -69.83 -29.98
N ASP H 146 56.53 -69.37 -29.35
CA ASP H 146 56.00 -69.93 -28.10
C ASP H 146 57.06 -69.81 -27.00
N GLU H 147 57.94 -68.81 -27.16
CA GLU H 147 59.03 -68.56 -26.25
C GLU H 147 58.62 -68.43 -24.79
N ILE H 148 59.27 -69.23 -23.95
CA ILE H 148 58.96 -69.24 -22.54
C ILE H 148 59.76 -68.28 -21.66
N LEU H 149 59.17 -67.98 -20.52
CA LEU H 149 59.66 -67.07 -19.49
C LEU H 149 61.11 -67.30 -19.04
N SER H 150 61.77 -66.19 -18.71
CA SER H 150 63.16 -66.18 -18.29
C SER H 150 63.46 -64.80 -17.68
N GLN H 151 64.71 -64.55 -17.31
CA GLN H 151 65.08 -63.26 -16.75
C GLN H 151 65.19 -62.24 -17.90
N LYS H 152 65.31 -62.77 -19.11
CA LYS H 152 65.43 -61.97 -20.33
C LYS H 152 64.04 -61.56 -20.86
N SER H 153 62.98 -62.18 -20.32
CA SER H 153 61.60 -61.87 -20.74
C SER H 153 61.17 -60.44 -20.39
N PRO H 154 60.56 -59.72 -21.36
CA PRO H 154 60.09 -58.33 -21.22
C PRO H 154 59.13 -58.10 -20.04
N LYS H 155 59.38 -57.02 -19.30
CA LYS H 155 58.54 -56.65 -18.16
C LYS H 155 58.20 -55.17 -18.27
N PHE H 156 56.94 -54.92 -18.59
CA PHE H 156 56.42 -53.58 -18.77
C PHE H 156 55.13 -53.41 -17.98
N ALA H 157 54.73 -52.17 -17.78
CA ALA H 157 53.49 -51.86 -17.08
C ALA H 157 52.57 -51.07 -18.01
N ILE H 158 51.31 -51.45 -18.02
CA ILE H 158 50.28 -50.78 -18.83
C ILE H 158 49.31 -50.25 -17.81
N ARG H 159 48.66 -49.13 -18.10
CA ARG H 159 47.71 -48.54 -17.15
C ARG H 159 46.45 -48.01 -17.82
N HIS H 160 45.30 -48.45 -17.33
CA HIS H 160 44.02 -47.99 -17.87
C HIS H 160 43.15 -47.32 -16.81
N THR H 161 42.21 -46.48 -17.26
CA THR H 161 41.31 -45.74 -16.37
C THR H 161 40.18 -46.59 -15.81
N ALA H 162 39.31 -45.96 -15.03
CA ALA H 162 38.17 -46.63 -14.41
C ALA H 162 37.20 -47.25 -15.42
N THR H 163 37.18 -46.71 -16.64
CA THR H 163 36.30 -47.22 -17.69
C THR H 163 37.00 -48.16 -18.67
N GLY H 164 38.25 -48.51 -18.36
CA GLY H 164 39.04 -49.41 -19.20
C GLY H 164 39.85 -48.81 -20.36
N ILE H 165 39.98 -47.49 -20.43
CA ILE H 165 40.76 -46.93 -21.53
C ILE H 165 42.23 -46.81 -21.15
N ILE H 166 43.09 -47.38 -21.99
CA ILE H 166 44.54 -47.39 -21.78
C ILE H 166 45.10 -45.97 -21.73
N SER H 167 45.77 -45.64 -20.64
CA SER H 167 46.34 -44.30 -20.48
C SER H 167 47.88 -44.19 -20.55
N HIS H 168 48.60 -45.26 -20.23
CA HIS H 168 50.07 -45.28 -20.29
C HIS H 168 50.59 -46.71 -20.56
N VAL H 169 51.65 -46.83 -21.35
CA VAL H 169 52.23 -48.16 -21.59
C VAL H 169 53.74 -47.90 -21.57
N ASP H 170 54.47 -48.72 -20.83
CA ASP H 170 55.92 -48.55 -20.72
C ASP H 170 56.63 -48.85 -22.01
N SER H 171 57.86 -48.38 -22.09
CA SER H 171 58.67 -48.58 -23.29
C SER H 171 58.90 -50.05 -23.61
N ALA H 172 59.05 -50.87 -22.57
CA ALA H 172 59.27 -52.29 -22.76
C ALA H 172 58.20 -52.95 -23.63
N ALA H 173 56.93 -52.60 -23.37
CA ALA H 173 55.76 -53.15 -24.08
C ALA H 173 55.86 -53.23 -25.58
N VAL H 174 56.51 -52.25 -26.20
CA VAL H 174 56.64 -52.20 -27.66
C VAL H 174 57.20 -53.48 -28.28
N SER H 175 58.39 -53.89 -27.83
CA SER H 175 59.02 -55.08 -28.37
C SER H 175 58.32 -56.39 -28.03
N ALA H 176 57.48 -56.37 -27.00
CA ALA H 176 56.76 -57.57 -26.58
C ALA H 176 55.36 -57.70 -27.15
N LEU H 177 54.72 -56.59 -27.49
CA LEU H 177 53.36 -56.64 -28.00
C LEU H 177 53.26 -56.18 -29.45
N GLY H 178 54.28 -55.48 -29.92
CA GLY H 178 54.26 -55.03 -31.30
C GLY H 178 53.47 -53.76 -31.53
N TYR H 179 53.03 -53.12 -30.44
CA TYR H 179 52.27 -51.88 -30.53
C TYR H 179 53.12 -50.69 -30.13
N LEU H 180 52.89 -49.55 -30.78
CA LEU H 180 53.56 -48.32 -30.37
C LEU H 180 52.56 -47.82 -29.29
N PRO H 181 53.03 -47.05 -28.29
CA PRO H 181 52.09 -46.57 -27.26
C PRO H 181 50.81 -45.93 -27.81
N GLN H 182 50.99 -45.04 -28.78
CA GLN H 182 49.89 -44.34 -29.43
C GLN H 182 48.84 -45.30 -29.97
N ASP H 183 49.25 -46.50 -30.38
CA ASP H 183 48.32 -47.51 -30.90
C ASP H 183 47.47 -48.06 -29.75
N LEU H 184 47.97 -47.90 -28.55
CA LEU H 184 47.26 -48.39 -27.39
C LEU H 184 46.54 -47.33 -26.57
N ILE H 185 47.21 -46.21 -26.29
CA ILE H 185 46.59 -45.15 -25.50
C ILE H 185 45.34 -44.63 -26.18
N GLY H 186 44.21 -44.75 -25.47
CA GLY H 186 42.95 -44.29 -26.03
C GLY H 186 42.00 -45.43 -26.30
N ARG H 187 42.55 -46.62 -26.56
CA ARG H 187 41.77 -47.81 -26.84
C ARG H 187 41.26 -48.41 -25.54
N SER H 188 40.56 -49.53 -25.63
CA SER H 188 40.01 -50.21 -24.45
C SER H 188 40.79 -51.47 -24.16
N ILE H 189 41.25 -51.63 -22.91
CA ILE H 189 42.01 -52.82 -22.49
C ILE H 189 41.20 -54.11 -22.77
N MET H 190 39.87 -53.97 -22.70
CA MET H 190 38.92 -55.05 -22.95
C MET H 190 39.03 -55.62 -24.37
N ASP H 191 39.45 -54.79 -25.33
CA ASP H 191 39.59 -55.21 -26.73
C ASP H 191 40.75 -56.16 -26.91
N PHE H 192 41.58 -56.28 -25.88
CA PHE H 192 42.77 -57.12 -25.98
C PHE H 192 42.74 -58.44 -25.25
N TYR H 193 41.66 -58.68 -24.52
CA TYR H 193 41.50 -59.93 -23.81
C TYR H 193 40.84 -60.91 -24.77
N HIS H 194 41.28 -62.16 -24.70
CA HIS H 194 40.75 -63.20 -25.57
C HIS H 194 39.28 -63.42 -25.23
N HIS H 195 38.45 -63.58 -26.27
CA HIS H 195 37.01 -63.78 -26.07
C HIS H 195 36.64 -64.91 -25.10
N GLU H 196 37.44 -65.97 -25.09
CA GLU H 196 37.21 -67.10 -24.19
C GLU H 196 37.62 -66.79 -22.74
N ASP H 197 38.36 -65.69 -22.57
CA ASP H 197 38.83 -65.29 -21.25
C ASP H 197 38.02 -64.23 -20.50
N LEU H 198 36.99 -63.68 -21.13
CA LEU H 198 36.18 -62.63 -20.49
C LEU H 198 35.49 -63.01 -19.17
N SER H 199 35.21 -64.29 -18.96
CA SER H 199 34.56 -64.75 -17.73
C SER H 199 35.57 -64.90 -16.61
N VAL H 200 36.77 -65.35 -16.98
CA VAL H 200 37.85 -65.54 -16.02
C VAL H 200 38.51 -64.18 -15.74
N MET H 201 38.44 -63.30 -16.74
CA MET H 201 39.02 -61.96 -16.60
C MET H 201 38.18 -61.13 -15.65
N LYS H 202 36.86 -61.29 -15.75
CA LYS H 202 35.94 -60.55 -14.87
C LYS H 202 36.23 -60.81 -13.40
N GLU H 203 36.34 -62.07 -13.00
CA GLU H 203 36.61 -62.39 -11.60
C GLU H 203 37.93 -61.78 -11.14
N THR H 204 38.88 -61.64 -12.08
CA THR H 204 40.17 -61.03 -11.77
C THR H 204 39.91 -59.56 -11.48
N TYR H 205 39.09 -58.92 -12.30
CA TYR H 205 38.77 -57.52 -12.09
C TYR H 205 37.95 -57.33 -10.83
N GLU H 206 37.20 -58.36 -10.42
CA GLU H 206 36.40 -58.27 -9.21
C GLU H 206 37.31 -58.28 -8.01
N THR H 207 38.44 -58.96 -8.16
CA THR H 207 39.47 -59.10 -7.13
C THR H 207 40.21 -57.79 -6.90
N VAL H 208 40.59 -57.14 -8.01
CA VAL H 208 41.27 -55.85 -7.96
C VAL H 208 40.43 -54.87 -7.13
N MET H 209 39.11 -54.90 -7.37
CA MET H 209 38.14 -54.06 -6.69
C MET H 209 38.02 -54.41 -5.21
N LYS H 210 38.31 -55.66 -4.87
CA LYS H 210 38.24 -56.11 -3.49
C LYS H 210 39.55 -55.70 -2.83
N LYS H 211 40.61 -55.75 -3.62
CA LYS H 211 41.95 -55.38 -3.16
C LYS H 211 42.00 -53.88 -3.06
N GLY H 212 41.04 -53.22 -3.69
CA GLY H 212 40.98 -51.78 -3.64
C GLY H 212 40.56 -51.28 -2.28
N GLN H 213 40.05 -52.18 -1.44
CA GLN H 213 39.61 -51.83 -0.09
C GLN H 213 40.82 -51.50 0.78
N THR H 214 41.99 -51.82 0.26
CA THR H 214 43.25 -51.59 0.95
C THR H 214 44.27 -50.95 -0.01
N ALA H 215 44.59 -49.69 0.25
CA ALA H 215 45.53 -48.93 -0.59
C ALA H 215 46.89 -49.63 -0.76
N GLY H 216 47.24 -49.88 -2.02
CA GLY H 216 48.51 -50.51 -2.32
C GLY H 216 48.49 -52.03 -2.40
N ALA H 217 47.40 -52.65 -1.95
CA ALA H 217 47.27 -54.11 -1.96
C ALA H 217 47.28 -54.70 -3.38
N SER H 218 48.29 -55.53 -3.66
CA SER H 218 48.41 -56.14 -4.97
C SER H 218 48.05 -57.62 -4.91
N PHE H 219 48.25 -58.30 -6.03
CA PHE H 219 47.97 -59.72 -6.14
C PHE H 219 48.31 -60.20 -7.54
N CYS H 220 48.71 -61.46 -7.65
CA CYS H 220 49.06 -62.04 -8.94
C CYS H 220 47.94 -62.92 -9.50
N SER H 221 47.77 -62.87 -10.82
CA SER H 221 46.75 -63.68 -11.47
C SER H 221 47.45 -64.78 -12.28
N LYS H 222 46.66 -65.78 -12.63
CA LYS H 222 47.10 -66.91 -13.44
C LYS H 222 47.14 -66.39 -14.88
N PRO H 223 48.27 -66.56 -15.59
CA PRO H 223 48.45 -66.10 -16.97
C PRO H 223 47.20 -66.11 -17.84
N TYR H 224 47.09 -65.09 -18.68
CA TYR H 224 45.95 -64.96 -19.59
C TYR H 224 46.39 -64.50 -20.98
N ARG H 225 45.52 -64.69 -21.97
CA ARG H 225 45.84 -64.31 -23.34
C ARG H 225 45.65 -62.82 -23.58
N PHE H 226 46.61 -62.22 -24.28
CA PHE H 226 46.57 -60.81 -24.61
C PHE H 226 46.91 -60.67 -26.10
N LEU H 227 45.99 -60.10 -26.85
CA LEU H 227 46.14 -59.89 -28.29
C LEU H 227 47.28 -58.94 -28.62
N ILE H 228 48.21 -59.38 -29.46
CA ILE H 228 49.28 -58.48 -29.84
C ILE H 228 49.02 -57.94 -31.24
N GLN H 229 49.82 -56.96 -31.62
CA GLN H 229 49.73 -56.31 -32.92
C GLN H 229 49.54 -57.24 -34.12
N ASN H 230 50.38 -58.28 -34.26
CA ASN H 230 50.27 -59.19 -35.41
C ASN H 230 48.97 -59.98 -35.59
N GLY H 231 48.19 -60.05 -34.51
CA GLY H 231 46.92 -60.76 -34.55
C GLY H 231 46.89 -61.95 -33.61
N CYS H 232 48.06 -62.48 -33.27
CA CYS H 232 48.15 -63.64 -32.38
C CYS H 232 48.19 -63.27 -30.89
N TYR H 233 48.14 -64.26 -30.00
CA TYR H 233 48.13 -63.99 -28.56
C TYR H 233 49.34 -64.39 -27.73
N VAL H 234 49.46 -63.78 -26.55
CA VAL H 234 50.54 -64.06 -25.62
C VAL H 234 49.98 -64.38 -24.25
N LEU H 235 50.82 -64.93 -23.40
CA LEU H 235 50.42 -65.26 -22.06
C LEU H 235 51.16 -64.27 -21.20
N LEU H 236 50.41 -63.61 -20.32
CA LEU H 236 50.96 -62.59 -19.43
C LEU H 236 50.64 -62.88 -17.99
N GLU H 237 51.67 -62.87 -17.14
CA GLU H 237 51.41 -63.04 -15.73
C GLU H 237 51.46 -61.60 -15.21
N THR H 238 50.36 -61.19 -14.60
CA THR H 238 50.22 -59.82 -14.11
C THR H 238 50.08 -59.67 -12.61
N GLU H 239 50.61 -58.55 -12.13
CA GLU H 239 50.52 -58.16 -10.73
C GLU H 239 49.68 -56.87 -10.74
N TRP H 240 48.41 -57.00 -10.39
CA TRP H 240 47.48 -55.88 -10.40
C TRP H 240 47.52 -55.00 -9.16
N THR H 241 47.65 -53.69 -9.39
CA THR H 241 47.68 -52.68 -8.34
C THR H 241 46.61 -51.66 -8.73
N SER H 242 46.20 -50.81 -7.79
CA SER H 242 45.17 -49.81 -8.12
C SER H 242 45.17 -48.56 -7.26
N PHE H 243 44.56 -47.51 -7.80
CA PHE H 243 44.42 -46.26 -7.08
C PHE H 243 42.96 -45.82 -6.96
N VAL H 244 42.51 -45.58 -5.74
CA VAL H 244 41.14 -45.15 -5.50
C VAL H 244 41.22 -43.76 -4.88
N ASN H 245 40.62 -42.77 -5.52
CA ASN H 245 40.61 -41.40 -4.99
C ASN H 245 39.98 -41.50 -3.58
N PRO H 246 40.78 -41.26 -2.53
CA PRO H 246 40.24 -41.35 -1.19
C PRO H 246 39.20 -40.33 -0.80
N TRP H 247 38.87 -39.41 -1.71
CA TRP H 247 37.83 -38.41 -1.39
C TRP H 247 36.52 -38.73 -2.13
N SER H 248 36.63 -39.41 -3.27
CA SER H 248 35.46 -39.78 -4.06
C SER H 248 35.12 -41.26 -3.83
N ARG H 249 36.10 -41.99 -3.28
CA ARG H 249 35.97 -43.40 -3.00
C ARG H 249 35.70 -44.15 -4.30
N LYS H 250 36.12 -43.54 -5.41
CA LYS H 250 35.94 -44.12 -6.76
C LYS H 250 37.26 -44.61 -7.35
N LEU H 251 37.22 -45.66 -8.15
CA LEU H 251 38.45 -46.17 -8.77
C LEU H 251 38.97 -45.18 -9.81
N GLU H 252 40.20 -44.72 -9.60
CA GLU H 252 40.86 -43.76 -10.47
C GLU H 252 41.54 -44.45 -11.66
N PHE H 253 42.22 -45.56 -11.40
CA PHE H 253 42.89 -46.30 -12.48
C PHE H 253 43.48 -47.61 -12.01
N VAL H 254 43.67 -48.50 -12.97
CA VAL H 254 44.27 -49.81 -12.70
C VAL H 254 45.61 -49.88 -13.41
N VAL H 255 46.63 -50.31 -12.67
CA VAL H 255 47.93 -50.47 -13.27
C VAL H 255 48.27 -51.93 -13.09
N GLY H 256 48.62 -52.56 -14.21
CA GLY H 256 48.97 -53.96 -14.19
C GLY H 256 50.40 -54.15 -14.66
N HIS H 257 51.19 -54.83 -13.84
CA HIS H 257 52.59 -55.10 -14.18
C HIS H 257 52.65 -56.44 -14.87
N HIS H 258 53.14 -56.42 -16.10
CA HIS H 258 53.20 -57.61 -16.93
C HIS H 258 54.57 -58.16 -17.23
N ARG H 259 54.61 -59.47 -17.44
CA ARG H 259 55.81 -60.20 -17.82
C ARG H 259 55.30 -61.31 -18.73
N VAL H 260 55.77 -61.29 -19.97
CA VAL H 260 55.33 -62.26 -20.96
C VAL H 260 55.66 -63.70 -20.60
N PHE H 261 54.67 -64.40 -20.05
CA PHE H 261 54.80 -65.80 -19.63
C PHE H 261 55.12 -66.69 -20.84
N GLN H 262 54.44 -66.44 -21.94
CA GLN H 262 54.64 -67.19 -23.17
C GLN H 262 54.59 -66.24 -24.36
N GLY H 263 55.62 -66.30 -25.17
CA GLY H 263 55.71 -65.46 -26.36
C GLY H 263 54.74 -65.88 -27.46
N PRO H 264 54.59 -65.05 -28.49
CA PRO H 264 53.69 -65.32 -29.62
C PRO H 264 54.15 -66.47 -30.51
N LYS H 265 53.21 -67.06 -31.23
CA LYS H 265 53.50 -68.16 -32.15
C LYS H 265 54.36 -67.65 -33.31
N GLN H 266 54.08 -66.41 -33.73
CA GLN H 266 54.78 -65.74 -34.83
C GLN H 266 55.74 -64.69 -34.26
N CYS H 267 57.01 -65.05 -34.22
CA CYS H 267 58.05 -64.17 -33.68
C CYS H 267 57.92 -62.67 -33.96
N ASN H 268 57.87 -62.29 -35.24
CA ASN H 268 57.75 -60.88 -35.65
C ASN H 268 56.42 -60.27 -35.24
N VAL H 269 56.43 -59.55 -34.13
CA VAL H 269 55.21 -58.93 -33.60
C VAL H 269 54.76 -57.72 -34.41
N PHE H 270 55.68 -57.09 -35.14
CA PHE H 270 55.33 -55.92 -35.92
C PHE H 270 54.58 -56.21 -37.23
N GLU H 271 55.05 -57.18 -38.00
CA GLU H 271 54.36 -57.57 -39.23
C GLU H 271 53.16 -58.43 -38.85
N ALA H 272 51.96 -57.99 -39.22
CA ALA H 272 50.73 -58.72 -38.90
C ALA H 272 50.62 -60.04 -39.66
N ALA H 273 50.92 -61.15 -38.97
CA ALA H 273 50.87 -62.49 -39.54
C ALA H 273 49.43 -62.94 -39.79
N PRO H 274 49.13 -63.41 -41.01
CA PRO H 274 47.80 -63.88 -41.40
C PRO H 274 47.52 -65.33 -41.02
N THR H 275 47.55 -65.63 -39.73
CA THR H 275 47.33 -67.00 -39.26
C THR H 275 46.26 -67.08 -38.16
N CYS H 276 46.26 -66.08 -37.28
CA CYS H 276 45.29 -66.03 -36.18
C CYS H 276 44.03 -65.27 -36.59
N LYS H 277 42.86 -65.88 -36.37
CA LYS H 277 41.59 -65.26 -36.72
C LYS H 277 40.36 -65.81 -35.96
N LEU H 278 39.30 -66.12 -36.72
CA LEU H 278 37.99 -66.64 -36.25
C LEU H 278 37.02 -65.52 -35.86
N LYS H 279 35.75 -65.86 -35.68
CA LYS H 279 34.75 -64.84 -35.33
C LYS H 279 33.65 -65.19 -34.33
N ILE H 280 32.71 -66.05 -34.75
CA ILE H 280 31.54 -66.47 -33.96
C ILE H 280 30.74 -65.30 -33.37
N SER H 281 29.53 -65.11 -33.90
CA SER H 281 28.64 -64.04 -33.47
C SER H 281 27.69 -64.50 -32.36
N GLU H 282 26.52 -63.85 -32.26
CA GLU H 282 25.48 -64.13 -31.27
C GLU H 282 25.94 -64.31 -29.81
N GLU H 283 25.89 -65.54 -29.30
CA GLU H 283 26.28 -65.84 -27.92
C GLU H 283 27.76 -65.55 -27.62
N ALA H 284 28.49 -65.03 -28.60
CA ALA H 284 29.90 -64.71 -28.42
C ALA H 284 30.06 -63.21 -28.53
N GLN H 285 29.92 -62.70 -29.75
CA GLN H 285 30.04 -61.27 -30.00
C GLN H 285 29.11 -60.49 -29.05
N SER H 286 27.90 -61.01 -28.86
CA SER H 286 26.93 -60.37 -27.95
C SER H 286 27.33 -60.63 -26.51
N ARG H 287 27.14 -61.87 -26.05
CA ARG H 287 27.46 -62.27 -24.69
C ARG H 287 28.79 -61.70 -24.19
N ASN H 288 29.81 -61.68 -25.04
CA ASN H 288 31.11 -61.15 -24.67
C ASN H 288 31.09 -59.63 -24.53
N THR H 289 30.40 -58.96 -25.46
CA THR H 289 30.32 -57.50 -25.43
C THR H 289 29.44 -57.01 -24.26
N ARG H 290 28.73 -57.94 -23.61
CA ARG H 290 27.89 -57.60 -22.46
C ARG H 290 28.75 -57.79 -21.22
N ILE H 291 29.43 -58.92 -21.15
CA ILE H 291 30.30 -59.22 -20.02
C ILE H 291 31.26 -58.06 -19.78
N LYS H 292 31.79 -57.50 -20.87
CA LYS H 292 32.69 -56.36 -20.78
C LYS H 292 32.03 -55.28 -19.95
N GLU H 293 30.72 -55.11 -20.15
CA GLU H 293 29.95 -54.11 -19.41
C GLU H 293 29.89 -54.35 -17.91
N ASP H 294 29.66 -55.60 -17.49
CA ASP H 294 29.58 -55.91 -16.05
C ASP H 294 30.91 -55.59 -15.38
N ILE H 295 31.99 -55.87 -16.11
CA ILE H 295 33.35 -55.60 -15.64
C ILE H 295 33.48 -54.10 -15.40
N VAL H 296 33.35 -53.33 -16.47
CA VAL H 296 33.47 -51.88 -16.40
C VAL H 296 32.44 -51.22 -15.46
N LYS H 297 31.34 -51.91 -15.21
CA LYS H 297 30.30 -51.38 -14.32
C LYS H 297 30.73 -51.61 -12.88
N ARG H 298 31.53 -52.67 -12.67
CA ARG H 298 32.08 -53.05 -11.36
C ARG H 298 33.16 -52.04 -10.96
N LEU H 299 33.93 -51.61 -11.96
CA LEU H 299 34.99 -50.64 -11.75
C LEU H 299 34.39 -49.31 -11.30
N ALA H 300 33.18 -49.03 -11.77
CA ALA H 300 32.46 -47.80 -11.45
C ALA H 300 31.88 -47.76 -10.02
N GLU H 301 31.61 -48.92 -9.45
CA GLU H 301 31.07 -49.06 -8.09
C GLU H 301 31.99 -48.35 -7.09
N THR H 302 31.42 -47.74 -6.06
CA THR H 302 32.22 -47.04 -5.06
C THR H 302 32.80 -47.99 -4.02
N VAL H 303 34.13 -47.93 -3.84
CA VAL H 303 34.84 -48.79 -2.89
C VAL H 303 34.79 -48.24 -1.46
N SER H 304 34.64 -49.15 -0.51
CA SER H 304 34.56 -48.75 0.90
C SER H 304 35.89 -48.65 1.62
N ARG H 305 36.04 -47.56 2.37
CA ARG H 305 37.22 -47.34 3.15
C ARG H 305 36.67 -46.92 4.51
N PRO H 306 36.25 -47.91 5.33
CA PRO H 306 35.69 -47.68 6.65
C PRO H 306 36.81 -47.26 7.57
N SER H 307 36.42 -46.67 8.68
CA SER H 307 37.40 -46.25 9.66
C SER H 307 37.10 -46.78 11.07
N GLU H 308 37.89 -47.79 11.49
CA GLU H 308 37.75 -48.39 12.80
C GLU H 308 38.53 -47.56 13.86
N THR H 309 38.85 -46.35 13.46
CA THR H 309 39.57 -45.37 14.23
C THR H 309 38.63 -44.14 14.40
N VAL H 310 38.70 -43.44 15.54
CA VAL H 310 37.79 -42.29 15.78
C VAL H 310 38.38 -40.96 16.28
N LYS H 311 37.50 -40.12 16.83
CA LYS H 311 37.78 -38.76 17.36
C LYS H 311 39.12 -38.39 17.98
N GLN H 312 39.34 -38.80 19.23
CA GLN H 312 40.57 -38.47 19.93
C GLN H 312 41.81 -39.25 19.47
N GLU H 313 41.62 -40.34 18.73
CA GLU H 313 42.76 -41.10 18.26
C GLU H 313 43.60 -40.24 17.32
N VAL H 314 42.93 -39.40 16.54
CA VAL H 314 43.62 -38.53 15.59
C VAL H 314 44.54 -37.51 16.31
N SER H 315 44.11 -37.02 17.47
CA SER H 315 44.89 -36.04 18.25
C SER H 315 45.87 -36.72 19.21
N ARG H 316 45.80 -38.04 19.30
CA ARG H 316 46.68 -38.84 20.16
C ARG H 316 48.03 -38.92 19.43
N ARG H 317 48.04 -38.46 18.19
CA ARG H 317 49.23 -38.49 17.35
C ARG H 317 49.84 -37.13 17.01
N CYS H 318 49.58 -36.10 17.83
CA CYS H 318 50.16 -34.78 17.58
C CYS H 318 51.68 -34.90 17.65
N GLN H 319 52.17 -35.38 18.78
CA GLN H 319 53.61 -35.55 19.00
C GLN H 319 54.27 -36.40 17.92
N ALA H 320 53.59 -37.49 17.57
CA ALA H 320 54.07 -38.46 16.59
C ALA H 320 54.19 -37.88 15.18
N LEU H 321 53.08 -37.33 14.69
CA LEU H 321 53.01 -36.73 13.35
C LEU H 321 53.77 -35.42 13.27
N ALA H 322 54.01 -34.77 14.41
CA ALA H 322 54.78 -33.54 14.43
C ALA H 322 56.23 -33.97 14.19
N SER H 323 56.68 -34.98 14.95
CA SER H 323 58.02 -35.53 14.83
C SER H 323 58.29 -35.97 13.40
N PHE H 324 57.35 -36.71 12.83
CA PHE H 324 57.47 -37.18 11.44
C PHE H 324 57.59 -35.99 10.48
N MET H 325 56.82 -34.94 10.74
CA MET H 325 56.83 -33.75 9.92
C MET H 325 58.07 -32.90 10.16
N GLU H 326 58.87 -33.32 11.13
CA GLU H 326 60.11 -32.62 11.47
C GLU H 326 61.25 -33.22 10.66
N THR H 327 61.32 -34.55 10.60
CA THR H 327 62.35 -35.24 9.84
C THR H 327 62.06 -35.13 8.34
N LEU H 328 60.83 -34.76 8.02
CA LEU H 328 60.38 -34.57 6.64
C LEU H 328 60.61 -33.11 6.26
N MET H 329 61.17 -32.34 7.19
CA MET H 329 61.41 -30.91 6.98
C MET H 329 62.88 -30.54 6.69
N ASP H 330 63.80 -31.17 7.42
CA ASP H 330 65.23 -30.94 7.18
C ASP H 330 65.66 -31.54 5.85
N GLU H 331 64.71 -32.20 5.16
CA GLU H 331 64.95 -32.83 3.85
C GLU H 331 64.55 -31.86 2.73
S1 DTT I . -9.63 27.18 4.66
C1 DTT I . -8.65 27.90 3.28
C2 DTT I . -9.14 29.25 2.81
O2 DTT I . -10.58 29.23 2.82
C3 DTT I . -8.67 29.54 1.36
O3 DTT I . -8.63 30.95 1.14
C4 DTT I . -7.33 28.85 1.04
S4 DTT I . -5.94 29.17 2.19
S1 DTT J . 3.68 11.28 -7.50
C1 DTT J . 2.05 11.91 -8.02
C2 DTT J . 1.66 11.54 -9.46
O2 DTT J . 2.84 11.51 -10.27
C3 DTT J . 0.63 12.54 -10.05
O3 DTT J . 0.39 13.62 -9.12
C4 DTT J . 0.98 12.97 -11.49
S4 DTT J . 1.78 14.61 -11.74
S1 DTT K . 17.63 27.73 -35.63
C1 DTT K . 16.58 27.08 -36.98
C2 DTT K . 15.07 27.06 -36.67
O2 DTT K . 14.78 26.13 -35.62
C3 DTT K . 14.24 26.69 -37.93
O3 DTT K . 14.13 27.84 -38.78
C4 DTT K . 14.77 25.41 -38.60
S4 DTT K . 15.75 25.62 -40.14
S1 DTT L . -14.60 6.18 11.07
C1 DTT L . -16.04 5.62 10.09
C2 DTT L . -17.37 5.53 10.83
O2 DTT L . -18.10 6.77 10.76
C3 DTT L . -17.17 5.12 12.32
O3 DTT L . -16.74 6.26 13.07
C4 DTT L . -18.46 4.55 12.91
S4 DTT L . -18.89 5.15 14.57
S1 DTT M . 6.78 52.25 -7.88
C1 DTT M . 5.01 51.88 -8.03
C2 DTT M . 4.73 50.39 -8.06
O2 DTT M . 4.15 50.11 -9.33
C3 DTT M . 3.78 49.98 -6.89
O3 DTT M . 3.38 51.13 -6.13
C4 DTT M . 2.61 49.11 -7.37
S4 DTT M . 1.56 49.85 -8.66
S1 DTT N . -8.56 68.35 1.10
C1 DTT N . -10.13 67.54 0.67
C2 DTT N . -10.68 68.02 -0.67
O2 DTT N . -12.06 68.32 -0.47
C3 DTT N . -10.54 66.93 -1.77
O3 DTT N . -10.38 67.54 -3.05
C4 DTT N . -9.38 65.94 -1.48
S4 DTT N . -7.70 66.65 -1.22
S1 DTT O . -39.01 38.90 11.15
C1 DTT O . -40.13 37.54 11.61
C2 DTT O . -39.84 36.92 12.98
O2 DTT O . -38.42 36.82 13.17
C3 DTT O . -40.50 35.53 13.14
O3 DTT O . -40.73 34.93 11.85
C4 DTT O . -39.72 34.63 14.10
S4 DTT O . -38.09 34.01 13.51
S1 DTT P . 13.63 72.40 -11.69
C1 DTT P . 13.85 74.21 -11.85
C2 DTT P . 14.17 74.92 -10.54
O2 DTT P . 14.12 76.33 -10.75
C3 DTT P . 15.58 74.50 -10.03
O3 DTT P . 16.54 74.63 -11.10
C4 DTT P . 15.97 75.24 -8.71
S4 DTT P . 17.77 75.31 -8.39
S1 DTT Q . -53.58 15.08 32.09
C1 DTT Q . -54.58 15.17 30.58
C2 DTT Q . -54.95 16.58 30.13
O2 DTT Q . -56.36 16.60 29.83
C3 DTT Q . -54.12 17.00 28.87
O3 DTT Q . -53.09 16.04 28.60
C4 DTT Q . -55.03 17.26 27.66
S4 DTT Q . -55.95 15.80 27.07
S1 DTT R . -43.12 -2.59 20.05
C1 DTT R . -44.57 -2.00 19.14
C2 DTT R . -45.71 -3.02 19.04
O2 DTT R . -45.73 -3.50 17.69
C3 DTT R . -47.09 -2.38 19.37
O3 DTT R . -47.75 -3.16 20.37
C4 DTT R . -46.96 -0.90 19.80
S4 DTT R . -46.32 -0.64 21.50
S1 DTT S . -49.14 17.24 -18.16
C1 DTT S . -49.39 17.53 -19.95
C2 DTT S . -48.23 18.28 -20.63
O2 DTT S . -47.33 18.84 -19.66
C3 DTT S . -48.75 19.40 -21.59
O3 DTT S . -50.16 19.60 -21.39
C4 DTT S . -47.95 20.69 -21.48
S4 DTT S . -48.35 21.76 -20.05
S1 DTT T . -48.80 -1.60 44.81
C1 DTT T . -48.64 -1.81 46.58
C2 DTT T . -47.75 -3.06 47.02
O2 DTT T . -47.30 -3.77 45.84
C3 DTT T . -48.52 -3.94 47.95
O3 DTT T . -48.31 -3.50 49.30
C4 DTT T . -50.00 -4.09 47.55
S4 DTT T . -51.26 -3.87 48.85
S1 DTT U . -51.68 35.28 7.47
C1 DTT U . -52.98 34.81 8.64
C2 DTT U . -53.52 33.40 8.40
O2 DTT U . -54.09 33.36 7.10
C3 DTT U . -54.60 33.04 9.45
O3 DTT U . -54.49 31.65 9.80
C4 DTT U . -54.49 33.90 10.71
S4 DTT U . -52.98 33.66 11.71
S1 DTT V . -65.36 52.32 18.00
C1 DTT V . -66.14 50.83 17.27
C2 DTT V . -67.63 51.00 16.93
O2 DTT V . -68.39 51.41 18.08
C3 DTT V . -68.23 49.67 16.33
O3 DTT V . -67.20 48.69 16.12
C4 DTT V . -69.47 49.20 17.12
S4 DTT V . -69.31 47.62 18.01
S1 DTT W . -84.37 36.25 43.52
C1 DTT W . -86.02 36.42 42.74
C2 DTT W . -86.15 35.72 41.37
O2 DTT W . -85.27 36.33 40.43
C3 DTT W . -87.62 35.77 40.84
O3 DTT W . -88.29 34.52 41.13
C4 DTT W . -88.37 37.03 41.33
S4 DTT W . -89.91 36.73 42.28
S1 DTT X . 11.93 -41.42 -3.47
C1 DTT X . 11.06 -40.78 -1.99
C2 DTT X . 11.02 -39.26 -1.87
O2 DTT X . 12.36 -38.80 -1.91
C3 DTT X . 10.39 -38.84 -0.53
O3 DTT X . 10.00 -37.47 -0.60
C4 DTT X . 9.21 -39.74 -0.14
S4 DTT X . 7.87 -39.88 -1.41
S1 DTT Y . 5.44 -58.77 12.57
C1 DTT Y . 6.39 -57.24 12.86
C2 DTT Y . 7.05 -57.17 14.24
O2 DTT Y . 6.19 -57.73 15.24
C3 DTT Y . 7.46 -55.70 14.62
O3 DTT Y . 6.96 -54.75 13.66
C4 DTT Y . 7.27 -55.42 16.13
S4 DTT Y . 6.12 -54.08 16.60
S1 DTT Z . -12.22 -22.04 4.12
C1 DTT Z . -10.57 -21.61 4.77
C2 DTT Z . -9.73 -22.79 5.22
O2 DTT Z . -9.05 -22.37 6.41
C3 DTT Z . -8.71 -23.22 4.13
O3 DTT Z . -8.49 -22.15 3.19
C4 DTT Z . -7.43 -23.80 4.74
S4 DTT Z . -6.54 -22.75 5.94
S1 DTT AA . -3.11 -3.28 -8.65
C1 DTT AA . -1.86 -3.73 -7.39
C2 DTT AA . -1.81 -2.82 -6.16
O2 DTT AA . -0.80 -1.82 -6.37
C3 DTT AA . -1.46 -3.64 -4.89
O3 DTT AA . -1.88 -2.91 -3.74
C4 DTT AA . -2.04 -5.07 -4.93
S4 DTT AA . -3.85 -5.24 -5.21
S1 DTT BA . 35.96 -22.39 -13.08
C1 DTT BA . 37.68 -22.98 -13.18
C2 DTT BA . 37.92 -23.94 -14.36
O2 DTT BA . 36.69 -24.56 -14.74
C3 DTT BA . 39.00 -25.01 -14.04
O3 DTT BA . 39.31 -25.02 -12.63
C4 DTT BA . 38.55 -26.40 -14.51
S4 DTT BA . 37.25 -27.19 -13.51
S1 DTT CA . -25.90 -4.75 4.27
C1 DTT CA . -27.21 -3.86 5.19
C2 DTT CA . -28.66 -4.20 4.74
O2 DTT CA . -29.26 -5.49 5.00
C3 DTT CA . -28.87 -3.77 3.29
O3 DTT CA . -28.52 -2.37 3.17
C4 DTT CA . -28.04 -4.64 2.33
S4 DTT CA . -26.78 -3.70 1.31
S1 DTT DA . 50.26 -21.52 -9.20
C1 DTT DA . 51.43 -22.13 -10.46
C2 DTT DA . 52.11 -23.44 -10.11
O2 DTT DA . 52.56 -23.39 -8.77
C3 DTT DA . 53.32 -23.67 -11.03
O3 DTT DA . 53.65 -25.07 -11.05
C4 DTT DA . 53.11 -23.05 -12.42
S4 DTT DA . 51.68 -23.67 -13.38
S1 DTT EA . 58.81 -5.25 -25.41
C1 DTT EA . 59.77 -5.96 -24.02
C2 DTT EA . 61.14 -5.32 -23.78
O2 DTT EA . 61.77 -4.91 -25.01
C3 DTT EA . 62.09 -6.28 -22.98
O3 DTT EA . 61.38 -7.46 -22.59
C4 DTT EA . 63.43 -6.51 -23.72
S4 DTT EA . 63.78 -8.21 -24.31
S1 DTT FA . 82.42 -22.02 -46.17
C1 DTT FA . 83.98 -21.38 -45.46
C2 DTT FA . 83.97 -21.22 -43.93
O2 DTT FA . 82.92 -20.32 -43.51
C3 DTT FA . 85.33 -20.74 -43.37
O3 DTT FA . 86.20 -21.86 -43.16
C4 DTT FA . 85.95 -19.63 -44.25
S4 DTT FA . 87.76 -19.46 -44.14
S1 DTT GA . 57.74 -46.06 -28.19
C1 DTT GA . 58.51 -45.92 -26.55
C2 DTT GA . 58.88 -44.48 -26.16
O2 DTT GA . 60.26 -44.38 -25.77
C3 DTT GA . 57.95 -43.97 -25.01
O3 DTT GA . 57.07 -45.02 -24.57
C4 DTT GA . 58.75 -43.27 -23.90
S4 DTT GA . 59.86 -44.33 -22.91
S1 DTT HA . 52.75 -62.32 -10.21
C1 DTT HA . 54.02 -61.12 -9.69
C2 DTT HA . 55.44 -61.71 -9.60
O2 DTT HA . 55.71 -62.03 -8.22
C3 DTT HA . 56.50 -60.67 -10.08
O3 DTT HA . 57.69 -61.36 -10.48
C4 DTT HA . 55.90 -59.65 -11.07
S4 DTT HA . 55.53 -60.20 -12.79
S1 DTT IA . 51.98 -32.22 20.80
C1 DTT IA . 51.84 -30.98 22.12
C2 DTT IA . 50.42 -30.45 22.28
O2 DTT IA . 49.76 -30.45 21.01
C3 DTT IA . 50.42 -29.00 22.91
O3 DTT IA . 51.70 -28.38 22.77
C4 DTT IA . 49.17 -28.19 22.50
S4 DTT IA . 49.11 -27.58 20.77
S1 DTT JA . 59.51 -67.30 -35.04
C1 DTT JA . 60.93 -67.32 -36.18
C2 DTT JA . 60.61 -67.20 -37.68
O2 DTT JA . 61.10 -65.97 -38.23
C3 DTT JA . 59.07 -67.38 -38.00
O3 DTT JA . 58.65 -68.73 -37.75
C4 DTT JA . 58.20 -66.32 -37.32
S4 DTT JA . 56.45 -66.40 -37.84
#